data_5MSY
#
_entry.id   5MSY
#
_cell.length_a   262.455
_cell.length_b   262.455
_cell.length_c   184.883
_cell.angle_alpha   90.00
_cell.angle_beta   90.00
_cell.angle_gamma   120.00
#
_symmetry.space_group_name_H-M   'H 3 2'
#
loop_
_entity.id
_entity.type
_entity.pdbx_description
1 polymer 'Glycoside hydrolase'
2 non-polymer 'PHOSPHATE ION'
3 non-polymer AMMONIA
4 water water
#
_entity_poly.entity_id   1
_entity_poly.type   'polypeptide(L)'
_entity_poly.pdbx_seq_one_letter_code
;GAQKKTQKTYIPWSNGKLVVSEEGRYLKHENGTPFFWLGETGWLLPERLNRDEAEYYLEQCKRRGYNVIQVQTLNNVPSM
NIYGQYSMTDGYNFKNINQKGVYGYWDHMDYIIRTAAKKGLYIGMVCIWGSPVSHGEMNVDQAKAYGKFLAERYKDEPNI
IWFIGGDIRGDVKTAEWEALATSIKAIDKNHLMTFHPRGRTTSATWFNNAPWLDFNMFQSGHRRYGQRFGDGDYPIEENT
EEDNWRFVERSMAMKPMKPVIDGEPIYEEIPHGLHDENELLWKDYDVRRYAYWSVFAGSFGHTYGHNSIMQFIKPGVGGA
YGAKKPWYDALNDPGYNQMKYLKNLMLTFPFFERVPDQSVIAGQNGERYDRAIATRGNDYLMVYNYTGRPMEVDFSKISG
AKKNAWWYTTKDGKLEYIGEFDNGVHKFQHDSGYSSGNDHVLIVVDSSKDYVKKDCYQIDTHE
;
_entity_poly.pdbx_strand_id   A,B,C
#
loop_
_chem_comp.id
_chem_comp.type
_chem_comp.name
_chem_comp.formula
NH3 non-polymer AMMONIA 'H3 N'
PO4 non-polymer 'PHOSPHATE ION' 'O4 P -3'
#
# COMPACT_ATOMS: atom_id res chain seq x y z
N GLN A 7 2.34 -5.36 34.64
CA GLN A 7 1.54 -4.38 33.84
C GLN A 7 1.86 -4.53 32.32
N LYS A 8 0.85 -4.99 31.55
CA LYS A 8 0.95 -5.29 30.11
C LYS A 8 1.74 -4.23 29.27
N THR A 9 2.87 -4.65 28.68
CA THR A 9 3.74 -3.76 27.86
C THR A 9 2.98 -3.21 26.65
N TYR A 10 3.04 -1.90 26.44
CA TYR A 10 2.41 -1.29 25.27
C TYR A 10 3.09 -1.73 23.94
N ILE A 11 2.27 -2.19 23.01
CA ILE A 11 2.74 -2.66 21.74
C ILE A 11 2.14 -1.71 20.70
N PRO A 12 2.96 -0.79 20.12
CA PRO A 12 2.40 0.21 19.20
C PRO A 12 1.55 -0.31 18.07
N TRP A 13 1.96 -1.43 17.48
CA TRP A 13 1.33 -1.95 16.27
C TRP A 13 0.08 -2.77 16.57
N SER A 14 -0.30 -2.89 17.84
CA SER A 14 -1.64 -3.35 18.19
C SER A 14 -2.70 -2.39 17.65
N ASN A 15 -2.31 -1.13 17.42
CA ASN A 15 -3.15 -0.13 16.74
C ASN A 15 -3.11 -0.20 15.22
N GLY A 16 -2.32 -1.12 14.67
CA GLY A 16 -2.17 -1.26 13.23
C GLY A 16 -0.82 -0.75 12.73
N LYS A 17 -0.61 -0.92 11.43
CA LYS A 17 0.65 -0.54 10.84
C LYS A 17 0.77 1.00 10.78
N LEU A 18 2.01 1.47 10.71
CA LEU A 18 2.29 2.91 10.55
C LEU A 18 1.86 3.44 9.17
N VAL A 19 1.33 4.66 9.16
CA VAL A 19 0.82 5.32 7.96
C VAL A 19 1.11 6.83 8.04
N VAL A 20 1.38 7.47 6.90
CA VAL A 20 1.46 8.93 6.81
C VAL A 20 0.03 9.46 6.92
N SER A 21 -0.19 10.35 7.87
CA SER A 21 -1.50 10.99 8.08
C SER A 21 -1.91 11.89 6.91
N GLU A 22 -3.21 12.21 6.82
CA GLU A 22 -3.80 12.92 5.64
C GLU A 22 -3.21 14.32 5.42
N GLU A 23 -2.85 15.02 6.51
CA GLU A 23 -2.28 16.38 6.38
C GLU A 23 -0.84 16.42 5.85
N GLY A 24 -0.17 15.27 5.83
CA GLY A 24 1.18 15.17 5.24
C GLY A 24 2.30 15.56 6.19
N ARG A 25 2.02 15.60 7.50
CA ARG A 25 2.98 16.05 8.52
C ARG A 25 3.36 15.00 9.58
N TYR A 26 2.45 14.10 9.93
CA TYR A 26 2.63 13.19 11.07
C TYR A 26 2.43 11.73 10.68
N LEU A 27 2.94 10.83 11.50
CA LEU A 27 2.72 9.41 11.37
C LEU A 27 1.62 9.03 12.32
N LYS A 28 0.78 8.10 11.88
CA LYS A 28 -0.24 7.49 12.74
C LYS A 28 -0.23 5.98 12.53
N HIS A 29 -0.93 5.27 13.39
CA HIS A 29 -1.32 3.88 13.18
C HIS A 29 -2.63 3.87 12.41
N GLU A 30 -2.96 2.73 11.80
CA GLU A 30 -4.19 2.59 10.98
C GLU A 30 -5.48 2.95 11.71
N ASN A 31 -5.56 2.73 13.02
CA ASN A 31 -6.75 3.05 13.75
C ASN A 31 -6.82 4.50 14.15
N GLY A 32 -5.93 5.36 13.65
CA GLY A 32 -6.00 6.79 13.93
C GLY A 32 -5.10 7.28 15.06
N THR A 33 -4.52 6.36 15.83
CA THR A 33 -3.67 6.69 16.95
C THR A 33 -2.35 7.37 16.54
N PRO A 34 -1.99 8.47 17.23
CA PRO A 34 -0.72 9.10 16.87
C PRO A 34 0.46 8.19 17.15
N PHE A 35 1.45 8.24 16.27
CA PHE A 35 2.75 7.70 16.58
C PHE A 35 3.79 8.81 16.77
N PHE A 36 4.11 9.13 18.02
CA PHE A 36 5.22 10.04 18.27
C PHE A 36 6.51 9.28 18.32
N TRP A 37 7.29 9.41 17.24
CA TRP A 37 8.58 8.75 17.12
C TRP A 37 9.60 9.35 18.06
N LEU A 38 10.13 8.50 18.96
CA LEU A 38 11.25 8.88 19.83
C LEU A 38 12.35 7.84 19.57
N GLY A 39 13.33 8.24 18.77
CA GLY A 39 14.38 7.36 18.32
C GLY A 39 15.59 7.35 19.23
N GLU A 40 16.21 6.17 19.31
CA GLU A 40 17.52 5.98 19.95
C GLU A 40 18.48 5.47 18.87
N THR A 41 19.75 5.81 18.99
CA THR A 41 20.73 5.45 17.98
C THR A 41 21.61 4.29 18.46
N GLY A 42 21.27 3.08 17.99
CA GLY A 42 22.00 1.86 18.36
C GLY A 42 22.76 1.31 17.17
N TRP A 43 23.56 2.15 16.52
CA TRP A 43 24.07 1.83 15.19
C TRP A 43 24.73 0.45 15.12
N LEU A 44 25.66 0.20 16.01
CA LEU A 44 26.41 -1.08 15.96
C LEU A 44 25.83 -2.23 16.80
N LEU A 45 24.52 -2.16 17.04
CA LEU A 45 23.84 -3.16 17.83
C LEU A 45 23.98 -4.57 17.22
N PRO A 46 23.66 -4.76 15.93
CA PRO A 46 23.79 -6.12 15.34
C PRO A 46 25.21 -6.69 15.31
N GLU A 47 26.21 -5.79 15.32
CA GLU A 47 27.61 -6.18 15.12
C GLU A 47 28.37 -6.39 16.41
N ARG A 48 27.98 -5.67 17.48
CA ARG A 48 28.77 -5.69 18.72
C ARG A 48 28.11 -6.24 19.97
N LEU A 49 26.79 -6.32 20.05
CA LEU A 49 26.16 -6.88 21.26
C LEU A 49 25.80 -8.36 21.08
N ASN A 50 25.94 -9.13 22.18
CA ASN A 50 25.49 -10.50 22.19
C ASN A 50 24.03 -10.53 22.63
N ARG A 51 23.46 -11.72 22.82
CA ARG A 51 22.02 -11.83 23.14
C ARG A 51 21.61 -11.16 24.47
N ASP A 52 22.34 -11.44 25.55
CA ASP A 52 22.04 -10.87 26.85
C ASP A 52 22.18 -9.35 26.86
N GLU A 53 23.25 -8.87 26.24
CA GLU A 53 23.50 -7.44 26.10
C GLU A 53 22.41 -6.72 25.32
N ALA A 54 21.95 -7.33 24.23
CA ALA A 54 20.97 -6.70 23.38
C ALA A 54 19.65 -6.56 24.13
N GLU A 55 19.29 -7.62 24.84
CA GLU A 55 18.07 -7.64 25.67
C GLU A 55 18.17 -6.51 26.67
N TYR A 56 19.32 -6.42 27.36
CA TYR A 56 19.49 -5.33 28.34
C TYR A 56 19.36 -3.95 27.71
N TYR A 57 20.05 -3.73 26.59
CA TYR A 57 19.97 -2.45 25.87
C TYR A 57 18.54 -2.07 25.47
N LEU A 58 17.84 -3.01 24.86
CA LEU A 58 16.50 -2.78 24.37
C LEU A 58 15.50 -2.42 25.51
N GLU A 59 15.63 -3.14 26.63
CA GLU A 59 14.81 -2.96 27.81
C GLU A 59 15.11 -1.63 28.46
N GLN A 60 16.38 -1.25 28.52
CA GLN A 60 16.72 0.07 29.06
C GLN A 60 16.22 1.25 28.17
N CYS A 61 16.15 1.04 26.86
CA CYS A 61 15.60 2.01 25.97
C CYS A 61 14.10 2.14 26.18
N LYS A 62 13.40 1.00 26.22
CA LYS A 62 11.97 0.99 26.50
C LYS A 62 11.62 1.76 27.77
N ARG A 63 12.36 1.50 28.84
CA ARG A 63 12.09 2.11 30.14
C ARG A 63 12.12 3.65 30.12
N ARG A 64 12.79 4.20 29.10
CA ARG A 64 12.95 5.63 28.89
C ARG A 64 12.19 6.21 27.72
N GLY A 65 11.24 5.44 27.19
CA GLY A 65 10.21 5.96 26.27
C GLY A 65 10.55 5.90 24.80
N TYR A 66 11.74 5.38 24.43
CA TYR A 66 12.11 5.22 23.02
C TYR A 66 11.24 4.15 22.40
N ASN A 67 10.82 4.33 21.15
CA ASN A 67 9.99 3.35 20.46
C ASN A 67 10.51 3.00 19.05
N VAL A 68 11.65 3.60 18.66
CA VAL A 68 12.40 3.27 17.46
C VAL A 68 13.89 3.16 17.83
N ILE A 69 14.55 2.06 17.46
CA ILE A 69 15.98 1.88 17.66
C ILE A 69 16.63 1.81 16.27
N GLN A 70 17.44 2.83 15.93
CA GLN A 70 18.08 2.90 14.60
C GLN A 70 19.37 2.09 14.66
N VAL A 71 19.49 1.11 13.75
CA VAL A 71 20.67 0.27 13.63
C VAL A 71 21.25 0.24 12.24
N GLN A 72 22.54 -0.06 12.16
CA GLN A 72 23.17 -0.45 10.92
C GLN A 72 23.09 -1.98 10.78
N THR A 73 22.18 -2.43 9.94
CA THR A 73 21.97 -3.83 9.68
C THR A 73 23.26 -4.46 9.17
N LEU A 74 23.91 -3.73 8.25
CA LEU A 74 25.29 -3.99 7.78
C LEU A 74 26.11 -2.72 7.90
N ASN A 75 27.36 -2.84 8.38
CA ASN A 75 28.33 -1.71 8.32
C ASN A 75 29.52 -1.96 7.35
N ASN A 76 29.72 -3.19 6.90
CA ASN A 76 30.73 -3.56 5.91
C ASN A 76 30.16 -4.66 5.05
N VAL A 77 30.89 -5.02 4.00
CA VAL A 77 30.56 -6.15 3.16
C VAL A 77 31.76 -7.05 3.14
N PRO A 78 31.73 -8.22 3.80
CA PRO A 78 30.70 -8.62 4.73
C PRO A 78 30.83 -7.89 6.07
N SER A 79 29.79 -8.01 6.88
CA SER A 79 29.82 -7.56 8.27
C SER A 79 30.08 -8.75 9.20
N MET A 80 30.70 -8.48 10.34
CA MET A 80 30.91 -9.47 11.38
C MET A 80 30.14 -9.09 12.65
N ASN A 81 29.66 -10.12 13.36
CA ASN A 81 29.08 -9.92 14.66
C ASN A 81 30.00 -10.40 15.81
N ILE A 82 29.57 -10.15 17.03
CA ILE A 82 30.37 -10.45 18.21
C ILE A 82 30.67 -11.93 18.32
N TYR A 83 29.80 -12.78 17.78
CA TYR A 83 30.06 -14.19 17.74
C TYR A 83 31.09 -14.66 16.67
N GLY A 84 31.56 -13.76 15.79
CA GLY A 84 32.43 -14.17 14.71
C GLY A 84 31.70 -14.80 13.53
N GLN A 85 30.49 -14.32 13.25
CA GLN A 85 29.71 -14.77 12.08
C GLN A 85 29.71 -13.70 10.97
N TYR A 86 29.87 -14.17 9.72
CA TYR A 86 29.78 -13.31 8.54
C TYR A 86 28.33 -13.07 8.14
N SER A 87 28.00 -11.87 7.73
CA SER A 87 26.66 -11.56 7.18
C SER A 87 26.45 -12.11 5.75
N MET A 88 27.55 -12.41 5.05
CA MET A 88 27.48 -13.11 3.78
C MET A 88 28.51 -14.23 3.76
N THR A 89 28.05 -15.43 3.39
CA THR A 89 28.87 -16.63 3.25
C THR A 89 29.10 -17.09 1.78
N ASP A 90 28.52 -16.35 0.80
CA ASP A 90 28.65 -16.61 -0.66
C ASP A 90 28.26 -15.34 -1.48
N GLY A 91 28.98 -14.26 -1.22
CA GLY A 91 28.66 -12.92 -1.71
C GLY A 91 27.21 -12.60 -1.48
N TYR A 92 26.61 -11.99 -2.49
CA TYR A 92 25.18 -11.67 -2.50
C TYR A 92 24.27 -12.82 -2.98
N ASN A 93 24.73 -14.08 -2.87
CA ASN A 93 23.81 -15.22 -2.97
C ASN A 93 23.38 -15.67 -1.56
N PHE A 94 22.08 -15.53 -1.32
CA PHE A 94 21.44 -15.70 -0.03
C PHE A 94 20.65 -17.00 0.07
N LYS A 95 20.72 -17.88 -0.93
CA LYS A 95 19.85 -19.07 -0.95
C LYS A 95 20.22 -20.08 0.16
N ASN A 96 21.49 -20.21 0.49
CA ASN A 96 21.92 -21.11 1.59
C ASN A 96 22.44 -20.36 2.82
N ILE A 97 21.92 -19.15 3.06
CA ILE A 97 22.41 -18.32 4.16
C ILE A 97 22.07 -18.94 5.51
N ASN A 98 20.87 -19.51 5.64
CA ASN A 98 20.50 -20.26 6.86
C ASN A 98 21.17 -21.63 6.82
N GLN A 99 21.84 -21.98 7.90
CA GLN A 99 22.47 -23.27 8.06
C GLN A 99 21.88 -23.94 9.32
N LYS A 100 21.26 -25.09 9.13
CA LYS A 100 20.87 -25.98 10.24
C LYS A 100 21.94 -26.02 11.37
N GLY A 101 21.53 -25.82 12.62
CA GLY A 101 22.47 -25.88 13.75
C GLY A 101 23.61 -24.86 13.82
N VAL A 102 23.53 -23.75 13.08
CA VAL A 102 24.47 -22.63 13.19
C VAL A 102 23.67 -21.36 13.50
N TYR A 103 24.00 -20.71 14.62
CA TYR A 103 23.37 -19.43 14.96
C TYR A 103 24.12 -18.35 14.18
N GLY A 104 23.59 -18.04 13.01
CA GLY A 104 24.24 -17.14 12.09
C GLY A 104 24.01 -15.67 12.36
N TYR A 105 24.74 -14.83 11.63
CA TYR A 105 24.56 -13.35 11.64
C TYR A 105 23.09 -12.96 11.62
N TRP A 106 22.33 -13.56 10.70
CA TRP A 106 20.92 -13.21 10.44
C TRP A 106 19.95 -13.82 11.45
N ASP A 107 20.30 -14.96 12.02
CA ASP A 107 19.57 -15.51 13.17
C ASP A 107 19.66 -14.58 14.39
N HIS A 108 20.84 -13.99 14.61
CA HIS A 108 21.02 -12.98 15.67
C HIS A 108 20.29 -11.66 15.31
N MET A 109 20.27 -11.27 14.03
CA MET A 109 19.47 -10.13 13.60
C MET A 109 17.99 -10.42 13.90
N ASP A 110 17.53 -11.61 13.54
CA ASP A 110 16.16 -12.03 13.84
C ASP A 110 15.88 -11.88 15.34
N TYR A 111 16.78 -12.36 16.19
CA TYR A 111 16.61 -12.31 17.64
C TYR A 111 16.44 -10.88 18.15
N ILE A 112 17.25 -9.97 17.61
CA ILE A 112 17.23 -8.58 18.02
C ILE A 112 15.90 -8.01 17.69
N ILE A 113 15.41 -8.32 16.49
CA ILE A 113 14.16 -7.77 16.02
C ILE A 113 13.00 -8.29 16.86
N ARG A 114 13.00 -9.58 17.17
CA ARG A 114 11.90 -10.19 17.95
C ARG A 114 11.98 -9.85 19.45
N THR A 115 13.16 -9.66 20.00
CA THR A 115 13.27 -9.20 21.38
C THR A 115 12.69 -7.77 21.46
N ALA A 116 13.04 -6.94 20.48
CA ALA A 116 12.50 -5.57 20.38
C ALA A 116 10.98 -5.54 20.28
N ALA A 117 10.42 -6.42 19.45
CA ALA A 117 8.99 -6.60 19.31
C ALA A 117 8.27 -6.90 20.63
N LYS A 118 8.81 -7.80 21.45
CA LYS A 118 8.26 -8.08 22.78
C LYS A 118 8.21 -6.85 23.70
N LYS A 119 9.08 -5.87 23.46
CA LYS A 119 9.20 -4.68 24.30
C LYS A 119 8.51 -3.50 23.66
N GLY A 120 7.90 -3.70 22.49
CA GLY A 120 7.08 -2.68 21.84
C GLY A 120 7.95 -1.66 21.08
N LEU A 121 9.14 -2.10 20.64
CA LEU A 121 10.07 -1.22 19.93
C LEU A 121 10.15 -1.56 18.42
N TYR A 122 10.11 -0.53 17.58
CA TYR A 122 10.50 -0.66 16.16
C TYR A 122 12.01 -0.72 15.95
N ILE A 123 12.51 -1.51 14.98
CA ILE A 123 13.91 -1.41 14.53
C ILE A 123 13.95 -0.62 13.22
N GLY A 124 14.68 0.50 13.27
CA GLY A 124 14.98 1.31 12.10
C GLY A 124 16.17 0.69 11.41
N MET A 125 15.91 -0.11 10.38
CA MET A 125 16.94 -0.90 9.73
C MET A 125 17.64 -0.08 8.65
N VAL A 126 18.82 0.45 8.94
CA VAL A 126 19.71 0.93 7.87
C VAL A 126 20.31 -0.29 7.15
N CYS A 127 19.66 -0.65 6.04
CA CYS A 127 20.00 -1.83 5.24
C CYS A 127 21.51 -2.03 5.08
N ILE A 128 22.21 -0.97 4.66
CA ILE A 128 23.65 -0.99 4.50
C ILE A 128 24.17 0.43 4.57
N TRP A 129 25.11 0.68 5.49
CA TRP A 129 25.66 2.02 5.68
C TRP A 129 26.33 2.55 4.40
N GLY A 130 26.34 3.86 4.25
CA GLY A 130 26.82 4.46 3.00
C GLY A 130 28.25 4.10 2.58
N SER A 131 29.15 3.93 3.56
CA SER A 131 30.60 3.74 3.29
C SER A 131 30.91 2.58 2.36
N PRO A 132 30.54 1.36 2.74
CA PRO A 132 30.84 0.29 1.79
C PRO A 132 30.22 0.52 0.41
N VAL A 133 29.02 1.11 0.32
CA VAL A 133 28.38 1.34 -0.99
C VAL A 133 29.18 2.32 -1.86
N SER A 134 29.63 3.44 -1.29
CA SER A 134 30.41 4.42 -2.04
C SER A 134 31.81 3.89 -2.41
N HIS A 135 32.29 2.90 -1.66
CA HIS A 135 33.54 2.21 -1.94
C HIS A 135 33.40 1.01 -2.90
N GLY A 136 32.26 0.87 -3.57
CA GLY A 136 32.05 -0.11 -4.65
C GLY A 136 31.60 -1.50 -4.26
N GLU A 137 31.12 -1.66 -3.03
CA GLU A 137 30.91 -3.02 -2.50
C GLU A 137 29.48 -3.51 -2.69
N MET A 138 28.62 -2.68 -3.26
CA MET A 138 27.25 -3.09 -3.64
C MET A 138 26.85 -2.38 -4.95
N ASN A 139 26.88 -3.14 -6.02
CA ASN A 139 26.45 -2.63 -7.31
C ASN A 139 24.94 -2.83 -7.46
N VAL A 140 24.41 -2.49 -8.63
CA VAL A 140 22.97 -2.51 -8.86
C VAL A 140 22.35 -3.91 -8.73
N ASP A 141 23.02 -4.94 -9.22
CA ASP A 141 22.49 -6.31 -9.11
C ASP A 141 22.58 -6.87 -7.70
N GLN A 142 23.66 -6.51 -7.02
CA GLN A 142 23.85 -6.88 -5.64
C GLN A 142 22.76 -6.21 -4.77
N ALA A 143 22.42 -4.96 -5.08
CA ALA A 143 21.39 -4.22 -4.34
C ALA A 143 19.99 -4.84 -4.48
N LYS A 144 19.63 -5.25 -5.69
CA LYS A 144 18.37 -5.95 -5.91
C LYS A 144 18.39 -7.27 -5.17
N ALA A 145 19.48 -8.03 -5.24
CA ALA A 145 19.51 -9.34 -4.56
C ALA A 145 19.41 -9.19 -3.00
N TYR A 146 20.06 -8.16 -2.47
CA TYR A 146 20.02 -7.84 -1.05
C TYR A 146 18.64 -7.34 -0.60
N GLY A 147 18.04 -6.40 -1.32
CA GLY A 147 16.70 -5.90 -0.98
C GLY A 147 15.65 -6.99 -1.00
N LYS A 148 15.74 -7.86 -2.01
CA LYS A 148 14.87 -9.02 -2.09
C LYS A 148 15.04 -9.95 -0.86
N PHE A 149 16.30 -10.23 -0.50
CA PHE A 149 16.59 -11.07 0.68
C PHE A 149 15.99 -10.46 1.95
N LEU A 150 16.17 -9.14 2.12
CA LEU A 150 15.66 -8.42 3.29
C LEU A 150 14.15 -8.44 3.37
N ALA A 151 13.52 -8.20 2.23
CA ALA A 151 12.08 -8.06 2.21
C ALA A 151 11.38 -9.40 2.43
N GLU A 152 11.94 -10.48 1.88
CA GLU A 152 11.35 -11.81 2.07
C GLU A 152 11.57 -12.29 3.49
N ARG A 153 12.71 -11.98 4.10
CA ARG A 153 12.93 -12.40 5.49
C ARG A 153 12.08 -11.61 6.50
N TYR A 154 11.87 -10.31 6.27
CA TYR A 154 11.36 -9.41 7.33
C TYR A 154 10.00 -8.77 7.06
N LYS A 155 9.38 -9.00 5.92
CA LYS A 155 8.09 -8.35 5.62
C LYS A 155 6.98 -8.59 6.63
N ASP A 156 6.98 -9.76 7.30
CA ASP A 156 5.93 -10.10 8.27
C ASP A 156 6.36 -9.92 9.73
N GLU A 157 7.59 -9.44 9.96
CA GLU A 157 7.94 -8.92 11.26
C GLU A 157 7.19 -7.60 11.41
N PRO A 158 6.38 -7.43 12.47
CA PRO A 158 5.60 -6.16 12.59
C PRO A 158 6.43 -4.90 12.78
N ASN A 159 7.62 -5.00 13.38
CA ASN A 159 8.28 -3.84 13.99
C ASN A 159 9.57 -3.38 13.26
N ILE A 160 9.41 -3.05 12.00
CA ILE A 160 10.48 -2.62 11.13
C ILE A 160 10.11 -1.31 10.49
N ILE A 161 11.08 -0.41 10.40
CA ILE A 161 11.06 0.75 9.52
C ILE A 161 12.35 0.70 8.69
N TRP A 162 12.25 0.82 7.36
CA TRP A 162 13.41 0.67 6.46
C TRP A 162 14.12 1.97 6.25
N PHE A 163 15.44 1.97 6.43
CA PHE A 163 16.28 3.18 6.19
C PHE A 163 17.20 2.89 4.99
N ILE A 164 16.97 3.60 3.89
CA ILE A 164 17.83 3.57 2.73
C ILE A 164 18.94 4.59 3.02
N GLY A 165 20.10 4.41 2.41
CA GLY A 165 21.23 5.30 2.64
C GLY A 165 21.99 5.03 3.92
N GLY A 166 22.38 6.08 4.62
CA GLY A 166 23.30 5.93 5.75
C GLY A 166 24.54 6.81 5.69
N ASP A 167 24.37 8.07 6.07
CA ASP A 167 25.41 9.09 6.07
C ASP A 167 26.02 9.25 4.68
N ILE A 168 25.12 9.43 3.69
CA ILE A 168 25.54 9.54 2.29
C ILE A 168 24.57 10.44 1.53
N ARG A 169 25.10 11.25 0.61
CA ARG A 169 24.25 12.11 -0.22
C ARG A 169 23.42 11.26 -1.19
N GLY A 170 22.21 11.69 -1.47
CA GLY A 170 21.34 11.02 -2.45
C GLY A 170 21.82 10.96 -3.89
N ASP A 171 22.75 11.86 -4.26
CA ASP A 171 23.36 11.88 -5.61
C ASP A 171 24.62 11.02 -5.74
N VAL A 172 25.01 10.28 -4.67
CA VAL A 172 26.11 9.28 -4.73
C VAL A 172 25.52 7.87 -4.73
N LYS A 173 25.88 7.07 -5.72
CA LYS A 173 25.36 5.74 -5.94
C LYS A 173 23.83 5.67 -5.96
N THR A 174 23.24 6.65 -6.62
CA THR A 174 21.79 6.81 -6.71
C THR A 174 21.13 5.60 -7.29
N ALA A 175 21.71 5.09 -8.37
CA ALA A 175 21.12 3.92 -9.03
C ALA A 175 21.10 2.71 -8.08
N GLU A 176 22.11 2.59 -7.23
CA GLU A 176 22.17 1.46 -6.29
C GLU A 176 21.15 1.63 -5.17
N TRP A 177 20.98 2.84 -4.67
CA TRP A 177 19.99 3.06 -3.63
C TRP A 177 18.54 2.86 -4.13
N GLU A 178 18.21 3.41 -5.31
CA GLU A 178 16.90 3.19 -5.98
C GLU A 178 16.58 1.72 -6.15
N ALA A 179 17.57 0.94 -6.53
CA ALA A 179 17.36 -0.47 -6.79
C ALA A 179 17.11 -1.24 -5.50
N LEU A 180 17.81 -0.84 -4.43
CA LEU A 180 17.61 -1.42 -3.13
C LEU A 180 16.22 -1.11 -2.69
N ALA A 181 15.88 0.17 -2.71
CA ALA A 181 14.59 0.65 -2.21
C ALA A 181 13.43 0.01 -2.95
N THR A 182 13.48 0.04 -4.31
CA THR A 182 12.39 -0.50 -5.15
C THR A 182 12.28 -2.03 -4.99
N SER A 183 13.39 -2.74 -4.88
CA SER A 183 13.35 -4.18 -4.60
C SER A 183 12.63 -4.54 -3.30
N ILE A 184 12.86 -3.74 -2.26
CA ILE A 184 12.24 -3.96 -0.95
C ILE A 184 10.74 -3.68 -1.02
N LYS A 185 10.38 -2.54 -1.63
CA LYS A 185 8.99 -2.14 -1.80
C LYS A 185 8.16 -2.98 -2.76
N ALA A 186 8.78 -3.69 -3.70
CA ALA A 186 8.04 -4.63 -4.56
C ALA A 186 7.47 -5.83 -3.76
N ILE A 187 8.17 -6.25 -2.71
CA ILE A 187 7.79 -7.40 -1.90
C ILE A 187 7.11 -7.02 -0.55
N ASP A 188 7.70 -6.03 0.14
CA ASP A 188 7.21 -5.61 1.45
C ASP A 188 6.34 -4.36 1.37
N LYS A 189 5.04 -4.59 1.52
CA LYS A 189 4.00 -3.55 1.58
C LYS A 189 3.54 -3.23 3.01
N ASN A 190 4.31 -3.65 4.02
CA ASN A 190 3.87 -3.55 5.41
C ASN A 190 4.63 -2.57 6.25
N HIS A 191 5.68 -1.98 5.70
CA HIS A 191 6.57 -1.09 6.44
C HIS A 191 6.89 0.21 5.70
N LEU A 192 7.13 1.25 6.45
CA LEU A 192 7.53 2.50 5.86
C LEU A 192 9.04 2.53 5.53
N MET A 193 9.44 3.54 4.75
CA MET A 193 10.82 3.67 4.27
C MET A 193 11.26 5.14 4.20
N THR A 194 12.50 5.39 4.53
CA THR A 194 13.10 6.72 4.43
C THR A 194 14.53 6.56 3.87
N PHE A 195 15.24 7.69 3.76
CA PHE A 195 16.63 7.71 3.32
C PHE A 195 17.37 8.52 4.38
N HIS A 196 18.44 7.96 4.92
CA HIS A 196 19.26 8.67 5.91
C HIS A 196 20.46 9.28 5.17
N PRO A 197 20.57 10.60 5.19
CA PRO A 197 21.48 11.32 4.33
C PRO A 197 22.76 11.81 5.00
N ARG A 198 23.61 12.50 4.22
CA ARG A 198 24.88 13.07 4.68
C ARG A 198 24.67 14.13 5.73
N GLY A 199 25.67 14.35 6.56
CA GLY A 199 25.65 15.50 7.44
C GLY A 199 25.35 16.83 6.74
N ARG A 200 24.49 17.62 7.38
CA ARG A 200 24.04 18.93 6.86
C ARG A 200 23.19 18.85 5.58
N THR A 201 22.59 17.68 5.30
CA THR A 201 21.67 17.52 4.15
C THR A 201 20.31 16.89 4.57
N THR A 202 19.33 17.03 3.68
CA THR A 202 18.01 16.42 3.87
C THR A 202 17.69 15.51 2.71
N SER A 203 16.98 14.40 2.97
CA SER A 203 16.59 13.47 1.90
C SER A 203 15.70 14.14 0.86
N ALA A 204 14.97 15.16 1.30
CA ALA A 204 14.05 15.91 0.45
C ALA A 204 14.70 16.46 -0.83
N THR A 205 15.97 16.84 -0.72
CA THR A 205 16.75 17.38 -1.82
C THR A 205 16.72 16.46 -3.03
N TRP A 206 16.94 15.18 -2.83
CA TRP A 206 16.98 14.18 -3.89
C TRP A 206 15.71 13.36 -4.04
N PHE A 207 15.00 13.06 -2.95
CA PHE A 207 13.97 11.98 -2.94
C PHE A 207 12.55 12.36 -2.49
N ASN A 208 12.22 13.65 -2.36
CA ASN A 208 10.86 14.03 -1.93
C ASN A 208 9.76 13.40 -2.80
N ASN A 209 9.99 13.37 -4.12
CA ASN A 209 9.00 12.90 -5.08
C ASN A 209 9.09 11.39 -5.31
N ALA A 210 10.08 10.71 -4.72
CA ALA A 210 10.22 9.23 -4.85
C ALA A 210 9.03 8.49 -4.21
N PRO A 211 8.34 7.63 -4.97
CA PRO A 211 7.19 6.93 -4.37
C PRO A 211 7.54 5.92 -3.26
N TRP A 212 8.73 5.34 -3.30
CA TRP A 212 9.18 4.47 -2.19
C TRP A 212 9.40 5.16 -0.84
N LEU A 213 9.55 6.49 -0.84
CA LEU A 213 9.92 7.27 0.36
C LEU A 213 8.67 7.81 1.01
N ASP A 214 8.38 7.36 2.24
CA ASP A 214 7.15 7.72 2.94
C ASP A 214 7.30 9.06 3.67
N PHE A 215 8.49 9.25 4.23
CA PHE A 215 8.81 10.47 4.94
C PHE A 215 10.29 10.84 4.75
N ASN A 216 10.60 12.12 4.99
CA ASN A 216 11.95 12.58 4.86
C ASN A 216 12.73 12.52 6.18
N MET A 217 14.04 12.49 6.06
CA MET A 217 14.93 12.47 7.20
C MET A 217 16.11 13.39 6.86
N PHE A 218 16.61 14.14 7.84
CA PHE A 218 17.87 14.89 7.71
C PHE A 218 18.85 14.54 8.82
N GLN A 219 20.11 14.96 8.63
CA GLN A 219 21.15 14.89 9.64
C GLN A 219 21.67 16.28 9.97
N SER A 220 21.30 16.81 11.14
CA SER A 220 21.77 18.13 11.55
C SER A 220 23.12 18.09 12.27
N GLY A 221 23.48 16.93 12.81
CA GLY A 221 24.78 16.74 13.48
C GLY A 221 25.97 16.96 12.55
N HIS A 222 27.19 17.20 13.06
CA HIS A 222 27.59 17.39 14.50
C HIS A 222 28.50 18.63 14.68
N ARG A 223 28.38 19.62 13.78
CA ARG A 223 29.20 20.85 13.78
C ARG A 223 28.52 22.01 14.49
N ARG A 224 29.34 22.83 15.15
CA ARG A 224 28.89 24.10 15.77
C ARG A 224 28.83 25.25 14.74
N TYR A 225 28.24 26.38 15.16
CA TYR A 225 28.23 27.62 14.39
C TYR A 225 29.63 27.97 13.89
N GLY A 226 29.75 28.15 12.56
CA GLY A 226 31.02 28.55 11.91
C GLY A 226 32.08 27.49 11.68
N GLN A 227 31.78 26.24 11.96
CA GLN A 227 32.79 25.20 11.94
C GLN A 227 32.98 24.66 10.52
N ARG A 228 34.06 25.13 9.90
CA ARG A 228 34.48 24.69 8.57
C ARG A 228 35.87 24.08 8.70
N PHE A 229 36.17 23.06 7.90
CA PHE A 229 37.50 22.44 7.87
C PHE A 229 38.13 22.58 6.48
N GLY A 230 38.18 23.83 6.01
CA GLY A 230 38.69 24.17 4.68
C GLY A 230 37.59 24.63 3.75
N ASP A 231 37.81 24.48 2.45
CA ASP A 231 36.86 24.90 1.42
C ASP A 231 36.34 23.71 0.58
N GLY A 232 35.02 23.72 0.36
CA GLY A 232 34.36 23.00 -0.72
C GLY A 232 33.07 23.75 -1.06
N ASP A 233 32.15 23.11 -1.78
CA ASP A 233 30.75 23.57 -1.81
C ASP A 233 30.22 23.17 -0.43
N TYR A 234 29.51 24.09 0.22
CA TYR A 234 28.96 23.82 1.55
C TYR A 234 27.45 23.79 1.42
N PRO A 235 26.78 22.65 1.77
CA PRO A 235 25.32 22.52 1.55
C PRO A 235 24.39 23.42 2.40
N ILE A 236 24.96 24.30 3.25
CA ILE A 236 24.18 25.26 4.04
C ILE A 236 24.85 26.65 4.04
N GLU A 237 24.07 27.69 4.33
CA GLU A 237 24.61 29.03 4.56
C GLU A 237 25.58 29.02 5.75
N GLU A 238 26.67 29.80 5.67
CA GLU A 238 27.66 29.91 6.76
C GLU A 238 26.97 30.33 8.06
N ASN A 239 27.48 29.84 9.19
CA ASN A 239 26.92 30.16 10.53
C ASN A 239 25.44 29.78 10.81
N THR A 240 24.97 28.67 10.21
CA THR A 240 23.62 28.12 10.48
C THR A 240 23.62 26.64 10.94
N GLU A 241 24.80 26.10 11.24
CA GLU A 241 25.00 24.68 11.56
C GLU A 241 24.05 24.16 12.63
N GLU A 242 23.87 24.94 13.68
CA GLU A 242 23.06 24.52 14.81
C GLU A 242 21.59 24.82 14.63
N ASP A 243 21.22 25.56 13.57
CA ASP A 243 19.81 25.89 13.32
C ASP A 243 19.13 24.71 12.59
N ASN A 244 18.87 23.61 13.31
CA ASN A 244 18.30 22.44 12.66
C ASN A 244 16.85 22.67 12.21
N TRP A 245 16.18 23.67 12.77
CA TRP A 245 14.85 24.11 12.28
C TRP A 245 14.84 24.53 10.81
N ARG A 246 15.99 24.93 10.28
CA ARG A 246 16.10 25.25 8.86
C ARG A 246 15.91 24.02 7.97
N PHE A 247 16.43 22.87 8.39
CA PHE A 247 16.25 21.65 7.59
C PHE A 247 14.80 21.25 7.52
N VAL A 248 14.08 21.52 8.61
CA VAL A 248 12.66 21.21 8.67
C VAL A 248 11.90 22.07 7.66
N GLU A 249 12.07 23.39 7.72
CA GLU A 249 11.37 24.29 6.77
C GLU A 249 11.68 23.97 5.31
N ARG A 250 12.95 23.72 5.00
CA ARG A 250 13.33 23.46 3.62
C ARG A 250 12.76 22.14 3.12
N SER A 251 12.66 21.15 3.99
CA SER A 251 12.13 19.83 3.57
C SER A 251 10.63 19.93 3.30
N MET A 252 9.91 20.54 4.23
CA MET A 252 8.45 20.61 4.15
C MET A 252 7.92 21.63 3.10
N ALA A 253 8.76 22.59 2.70
CA ALA A 253 8.41 23.49 1.58
C ALA A 253 8.35 22.75 0.24
N MET A 254 9.05 21.64 0.08
CA MET A 254 8.99 20.86 -1.17
C MET A 254 7.67 20.11 -1.26
N LYS A 255 7.03 20.15 -2.43
CA LYS A 255 5.68 19.63 -2.63
C LYS A 255 5.65 18.45 -3.61
N PRO A 256 4.78 17.46 -3.42
CA PRO A 256 3.84 17.34 -2.30
C PRO A 256 4.54 17.18 -0.95
N MET A 257 3.91 17.71 0.10
CA MET A 257 4.51 17.74 1.41
C MET A 257 4.48 16.35 2.05
N LYS A 258 5.59 15.97 2.66
CA LYS A 258 5.71 14.69 3.38
C LYS A 258 6.29 14.94 4.75
N PRO A 259 6.04 14.03 5.71
CA PRO A 259 6.65 14.28 7.05
C PRO A 259 8.18 14.28 7.04
N VAL A 260 8.77 14.86 8.10
CA VAL A 260 10.23 14.98 8.23
C VAL A 260 10.71 14.84 9.70
N ILE A 261 11.93 14.33 9.86
CA ILE A 261 12.52 14.13 11.17
C ILE A 261 14.05 14.28 11.11
N ASP A 262 14.64 14.78 12.19
CA ASP A 262 16.08 14.75 12.36
C ASP A 262 16.44 13.31 12.78
N GLY A 263 17.02 12.56 11.85
CA GLY A 263 17.46 11.22 12.09
C GLY A 263 18.82 11.10 12.71
N GLU A 264 19.56 12.21 12.79
CA GLU A 264 20.86 12.25 13.46
C GLU A 264 21.19 13.68 13.81
N PRO A 265 20.80 14.13 15.00
CA PRO A 265 21.22 15.42 15.46
C PRO A 265 22.60 15.24 16.03
N ILE A 266 23.08 16.26 16.71
CA ILE A 266 24.24 16.08 17.57
C ILE A 266 24.05 14.94 18.54
N TYR A 267 25.14 14.28 18.86
CA TYR A 267 25.15 13.19 19.84
C TYR A 267 25.72 13.68 21.16
N GLU A 268 25.06 13.26 22.24
CA GLU A 268 25.50 13.52 23.61
C GLU A 268 26.96 13.05 23.80
N GLU A 269 27.83 13.94 24.30
CA GLU A 269 29.26 13.68 24.55
C GLU A 269 30.18 13.49 23.31
N ILE A 270 29.69 13.79 22.13
CA ILE A 270 30.53 13.76 20.95
C ILE A 270 31.17 15.15 20.84
N PRO A 271 32.43 15.21 20.38
CA PRO A 271 33.11 16.52 20.27
C PRO A 271 32.59 17.39 19.12
N HIS A 272 32.55 18.72 19.30
CA HIS A 272 32.05 19.62 18.23
C HIS A 272 32.81 19.34 16.91
N GLY A 273 32.08 18.87 15.88
CA GLY A 273 32.63 18.68 14.52
C GLY A 273 33.34 17.36 14.19
N LEU A 274 33.58 16.51 15.22
CA LEU A 274 34.11 15.14 15.07
C LEU A 274 35.62 15.01 14.81
N HIS A 275 36.24 15.97 14.14
CA HIS A 275 37.66 15.81 13.72
C HIS A 275 38.66 15.82 14.91
N ASP A 276 38.44 16.72 15.89
CA ASP A 276 39.30 16.87 17.09
C ASP A 276 38.70 16.17 18.34
N GLU A 277 39.30 15.04 18.70
CA GLU A 277 39.03 14.26 19.93
C GLU A 277 38.94 15.11 21.26
N ASN A 278 39.62 16.26 21.32
CA ASN A 278 39.69 17.09 22.54
C ASN A 278 38.86 18.39 22.46
N GLU A 279 37.98 18.51 21.45
CA GLU A 279 37.11 19.70 21.35
C GLU A 279 36.03 19.65 22.44
N LEU A 280 35.35 20.78 22.65
CA LEU A 280 34.10 20.79 23.44
C LEU A 280 33.19 19.60 23.08
N LEU A 281 32.59 19.01 24.12
CA LEU A 281 31.55 18.01 23.94
C LEU A 281 30.16 18.66 23.97
N TRP A 282 29.27 18.17 23.11
CA TRP A 282 27.84 18.47 23.20
C TRP A 282 27.21 17.91 24.49
N LYS A 283 26.39 18.72 25.18
CA LYS A 283 25.85 18.37 26.51
C LYS A 283 24.34 18.20 26.47
N ASP A 284 23.75 17.79 27.60
CA ASP A 284 22.31 17.58 27.70
C ASP A 284 21.52 18.79 27.22
N TYR A 285 21.99 19.98 27.54
CA TYR A 285 21.24 21.20 27.16
C TYR A 285 21.23 21.38 25.61
N ASP A 286 22.32 20.99 24.96
CA ASP A 286 22.39 21.03 23.52
C ASP A 286 21.47 19.99 22.90
N VAL A 287 21.52 18.78 23.43
CA VAL A 287 20.65 17.69 22.96
C VAL A 287 19.17 18.10 23.00
N ARG A 288 18.76 18.70 24.11
CA ARG A 288 17.37 19.13 24.26
C ARG A 288 17.06 20.21 23.23
N ARG A 289 17.95 21.19 23.10
CA ARG A 289 17.75 22.29 22.12
C ARG A 289 17.49 21.76 20.71
N TYR A 290 18.31 20.83 20.25
CA TYR A 290 18.10 20.27 18.92
C TYR A 290 16.74 19.52 18.77
N ALA A 291 16.33 18.87 19.88
CA ALA A 291 15.14 18.07 19.91
C ALA A 291 13.91 18.97 19.81
N TYR A 292 13.82 19.96 20.68
CA TYR A 292 12.67 20.87 20.69
C TYR A 292 12.61 21.77 19.47
N TRP A 293 13.76 22.23 19.00
CA TRP A 293 13.81 23.04 17.78
C TRP A 293 13.31 22.28 16.56
N SER A 294 13.71 21.02 16.42
CA SER A 294 13.23 20.23 15.29
C SER A 294 11.74 20.01 15.36
N VAL A 295 11.28 19.56 16.50
CA VAL A 295 9.84 19.27 16.67
C VAL A 295 8.95 20.52 16.52
N PHE A 296 9.35 21.63 17.16
CA PHE A 296 8.53 22.84 17.12
C PHE A 296 8.58 23.46 15.73
N ALA A 297 9.59 23.14 14.93
CA ALA A 297 9.61 23.54 13.51
C ALA A 297 8.68 22.73 12.61
N GLY A 298 8.21 21.58 13.10
CA GLY A 298 7.25 20.74 12.38
C GLY A 298 7.66 19.29 12.21
N SER A 299 8.78 18.86 12.80
CA SER A 299 9.13 17.46 12.67
C SER A 299 8.11 16.59 13.38
N PHE A 300 7.88 15.38 12.85
CA PHE A 300 6.87 14.47 13.41
C PHE A 300 7.29 13.75 14.70
N GLY A 301 8.58 13.83 15.02
CA GLY A 301 9.15 13.19 16.21
C GLY A 301 10.61 13.60 16.25
N HIS A 302 11.42 12.92 17.05
CA HIS A 302 12.84 13.15 17.09
C HIS A 302 13.60 11.84 17.32
N THR A 303 14.84 11.75 16.81
CA THR A 303 15.80 10.71 17.17
C THR A 303 16.97 11.33 17.96
N TYR A 304 17.33 10.67 19.08
CA TYR A 304 18.47 11.05 19.94
C TYR A 304 19.66 10.11 19.69
N GLY A 305 20.87 10.58 19.96
CA GLY A 305 21.99 9.68 20.08
C GLY A 305 23.03 10.09 21.11
N HIS A 306 23.87 9.12 21.47
CA HIS A 306 24.96 9.30 22.42
C HIS A 306 26.19 8.65 21.81
N ASN A 307 27.30 9.38 21.86
CA ASN A 307 28.61 8.95 21.36
C ASN A 307 29.02 7.53 21.72
N SER A 308 28.96 7.24 23.02
CA SER A 308 29.23 5.91 23.56
C SER A 308 28.23 4.81 23.18
N ILE A 309 26.93 5.12 23.16
CA ILE A 309 25.91 4.10 22.98
C ILE A 309 25.89 3.69 21.52
N MET A 310 25.99 4.66 20.61
CA MET A 310 25.87 4.40 19.18
C MET A 310 26.95 3.47 18.64
N GLN A 311 28.12 3.46 19.27
CA GLN A 311 29.22 2.56 18.89
C GLN A 311 29.37 1.41 19.88
N PHE A 312 28.49 1.35 20.89
CA PHE A 312 28.56 0.31 21.92
C PHE A 312 29.97 0.13 22.47
N ILE A 313 30.53 1.25 22.96
CA ILE A 313 31.86 1.30 23.53
C ILE A 313 31.94 0.33 24.72
N LYS A 314 33.00 -0.46 24.80
CA LYS A 314 33.24 -1.37 25.93
C LYS A 314 34.68 -1.20 26.41
N PRO A 315 34.99 -1.58 27.66
CA PRO A 315 36.42 -1.65 28.02
C PRO A 315 37.20 -2.59 27.08
N GLY A 316 38.38 -2.14 26.67
CA GLY A 316 39.18 -2.82 25.67
C GLY A 316 38.91 -2.43 24.24
N VAL A 317 37.87 -1.64 24.00
CA VAL A 317 37.53 -1.18 22.65
C VAL A 317 37.34 0.34 22.67
N GLY A 318 38.42 1.04 22.45
CA GLY A 318 38.38 2.50 22.29
C GLY A 318 37.48 2.99 21.16
N GLY A 319 36.89 4.14 21.37
CA GLY A 319 35.92 4.64 20.44
C GLY A 319 36.51 5.55 19.42
N ALA A 320 35.78 5.76 18.34
CA ALA A 320 35.98 6.94 17.54
C ALA A 320 35.55 8.15 18.39
N TYR A 321 36.02 9.32 17.99
CA TYR A 321 35.61 10.62 18.56
C TYR A 321 35.86 10.71 20.07
N GLY A 322 36.95 10.08 20.51
CA GLY A 322 37.39 10.17 21.90
C GLY A 322 36.45 9.63 22.96
N ALA A 323 35.68 8.60 22.65
CA ALA A 323 34.78 7.98 23.63
C ALA A 323 35.53 6.93 24.48
N LYS A 324 35.52 7.11 25.80
CA LYS A 324 36.07 6.09 26.76
C LYS A 324 34.96 5.39 27.57
N LYS A 325 33.91 6.13 27.91
CA LYS A 325 32.85 5.64 28.79
C LYS A 325 32.03 4.52 28.15
N PRO A 326 31.92 3.35 28.79
CA PRO A 326 31.09 2.28 28.21
C PRO A 326 29.62 2.64 27.91
N TRP A 327 29.08 2.01 26.88
CA TRP A 327 27.69 2.20 26.55
C TRP A 327 26.76 2.01 27.74
N TYR A 328 27.06 1.03 28.59
CA TYR A 328 26.19 0.63 29.70
C TYR A 328 26.18 1.64 30.84
N ASP A 329 27.29 2.37 31.01
CA ASP A 329 27.34 3.56 31.86
C ASP A 329 26.75 4.84 31.21
N ALA A 330 26.78 4.95 29.88
CA ALA A 330 26.15 6.10 29.23
C ALA A 330 24.61 6.09 29.37
N LEU A 331 24.03 4.95 29.73
CA LEU A 331 22.60 4.88 30.02
C LEU A 331 22.13 5.76 31.21
N ASN A 332 23.05 6.21 32.07
CA ASN A 332 22.73 7.15 33.15
C ASN A 332 22.98 8.61 32.81
N ASP A 333 23.47 8.90 31.61
CA ASP A 333 23.74 10.29 31.22
C ASP A 333 22.43 11.07 31.02
N PRO A 334 22.49 12.39 31.17
CA PRO A 334 21.20 13.11 31.38
C PRO A 334 20.34 13.27 30.16
N GLY A 335 20.93 13.65 29.05
CA GLY A 335 20.15 13.86 27.83
C GLY A 335 19.38 12.61 27.40
N TYR A 336 20.01 11.46 27.50
CA TYR A 336 19.33 10.19 27.23
C TYR A 336 18.07 10.00 28.06
N ASN A 337 18.14 10.45 29.31
CA ASN A 337 17.04 10.34 30.26
C ASN A 337 15.98 11.50 30.24
N GLN A 338 16.13 12.45 29.33
CA GLN A 338 15.26 13.62 29.22
C GLN A 338 14.39 13.63 27.99
N MET A 339 14.69 12.75 27.02
CA MET A 339 13.89 12.72 25.78
C MET A 339 12.46 12.30 26.03
N LYS A 340 12.21 11.49 27.05
CA LYS A 340 10.82 11.13 27.39
C LYS A 340 9.91 12.34 27.65
N TYR A 341 10.48 13.41 28.18
CA TYR A 341 9.66 14.56 28.54
C TYR A 341 9.15 15.29 27.32
N LEU A 342 9.89 15.17 26.20
CA LEU A 342 9.42 15.68 24.91
C LEU A 342 8.24 14.87 24.38
N LYS A 343 8.38 13.56 24.38
CA LYS A 343 7.31 12.65 23.90
C LYS A 343 6.00 12.80 24.69
N ASN A 344 6.14 12.75 26.03
CA ASN A 344 5.01 12.97 26.95
C ASN A 344 4.32 14.33 26.69
N LEU A 345 5.10 15.36 26.37
CA LEU A 345 4.55 16.68 26.06
C LEU A 345 3.71 16.63 24.79
N MET A 346 4.30 16.12 23.71
CA MET A 346 3.62 16.22 22.42
C MET A 346 2.35 15.38 22.39
N LEU A 347 2.36 14.25 23.13
CA LEU A 347 1.18 13.36 23.23
C LEU A 347 0.05 13.87 24.14
N THR A 348 0.33 14.91 24.92
CA THR A 348 -0.67 15.52 25.83
C THR A 348 -1.73 16.36 25.07
N PHE A 349 -1.43 16.83 23.86
CA PHE A 349 -2.26 17.77 23.09
C PHE A 349 -2.71 17.22 21.73
N PRO A 350 -3.81 17.79 21.16
CA PRO A 350 -4.34 17.40 19.85
C PRO A 350 -3.22 17.32 18.80
N PHE A 351 -3.06 16.12 18.23
CA PHE A 351 -1.83 15.76 17.54
C PHE A 351 -1.77 16.17 16.09
N PHE A 352 -2.79 15.83 15.31
CA PHE A 352 -2.71 15.99 13.84
C PHE A 352 -2.91 17.39 13.29
N GLU A 353 -3.52 18.28 14.09
CA GLU A 353 -3.75 19.67 13.66
C GLU A 353 -2.61 20.63 14.05
N ARG A 354 -1.60 20.11 14.75
CA ARG A 354 -0.39 20.88 15.07
C ARG A 354 0.34 21.38 13.83
N VAL A 355 0.71 22.65 13.85
CA VAL A 355 1.54 23.25 12.78
C VAL A 355 2.64 24.08 13.47
N PRO A 356 3.72 24.37 12.73
CA PRO A 356 4.65 25.40 13.19
C PRO A 356 4.09 26.81 12.89
N ASP A 357 4.34 27.77 13.76
CA ASP A 357 3.88 29.15 13.55
C ASP A 357 4.69 30.20 14.33
N GLN A 358 5.71 30.74 13.68
CA GLN A 358 6.51 31.82 14.27
C GLN A 358 5.74 33.14 14.54
N SER A 359 4.66 33.40 13.79
CA SER A 359 3.76 34.52 14.10
C SER A 359 3.09 34.47 15.47
N VAL A 360 3.09 33.31 16.13
CA VAL A 360 2.74 33.24 17.58
C VAL A 360 3.65 34.15 18.45
N ILE A 361 4.88 34.38 18.00
CA ILE A 361 5.82 35.22 18.72
C ILE A 361 5.83 36.61 18.13
N ALA A 362 5.40 37.58 18.94
CA ALA A 362 5.25 39.00 18.55
C ALA A 362 6.47 39.82 18.96
N GLY A 363 6.53 41.04 18.46
CA GLY A 363 7.64 41.93 18.73
C GLY A 363 8.89 41.48 17.99
N GLN A 364 10.03 41.73 18.60
CA GLN A 364 11.35 41.40 18.05
C GLN A 364 11.84 40.08 18.67
N ASN A 365 12.25 39.12 17.82
CA ASN A 365 12.73 37.81 18.25
C ASN A 365 14.26 37.75 18.22
N GLY A 366 14.81 36.88 19.04
CA GLY A 366 16.23 36.72 19.14
C GLY A 366 16.80 35.92 18.00
N GLU A 367 18.13 35.94 17.93
CA GLU A 367 18.90 35.27 16.90
C GLU A 367 19.76 34.18 17.56
N ARG A 368 20.17 33.21 16.77
CA ARG A 368 20.89 32.03 17.26
C ARG A 368 20.13 31.34 18.40
N TYR A 369 20.78 31.09 19.55
CA TYR A 369 20.14 30.44 20.68
C TYR A 369 18.97 31.21 21.28
N ASP A 370 18.93 32.54 21.06
CA ASP A 370 17.86 33.41 21.60
C ASP A 370 16.56 33.41 20.77
N ARG A 371 16.57 32.73 19.63
CA ARG A 371 15.40 32.59 18.75
C ARG A 371 14.38 31.65 19.38
N ALA A 372 13.36 32.24 19.99
CA ALA A 372 12.27 31.45 20.51
C ALA A 372 11.50 30.81 19.36
N ILE A 373 10.95 29.62 19.60
CA ILE A 373 10.26 28.89 18.56
C ILE A 373 8.89 28.40 19.05
N ALA A 374 7.89 28.49 18.18
CA ALA A 374 6.49 28.24 18.58
C ALA A 374 5.78 27.28 17.64
N THR A 375 4.79 26.59 18.20
CA THR A 375 3.95 25.66 17.46
C THR A 375 2.55 25.70 18.07
N ARG A 376 1.54 25.39 17.28
CA ARG A 376 0.16 25.44 17.80
C ARG A 376 -0.79 24.50 17.09
N GLY A 377 -1.87 24.20 17.81
CA GLY A 377 -3.09 23.66 17.24
C GLY A 377 -4.11 24.78 17.04
N ASN A 378 -5.38 24.42 17.19
CA ASN A 378 -6.50 25.35 17.10
C ASN A 378 -6.81 25.95 18.45
N ASP A 379 -6.59 25.18 19.51
CA ASP A 379 -6.90 25.59 20.88
C ASP A 379 -5.71 25.50 21.88
N TYR A 380 -4.48 25.39 21.38
CA TYR A 380 -3.31 25.43 22.23
C TYR A 380 -2.10 25.92 21.47
N LEU A 381 -1.19 26.57 22.19
CA LEU A 381 0.11 26.91 21.62
C LEU A 381 1.24 26.60 22.62
N MET A 382 2.45 26.44 22.07
CA MET A 382 3.61 26.13 22.88
C MET A 382 4.79 26.94 22.39
N VAL A 383 5.51 27.59 23.31
CA VAL A 383 6.73 28.30 22.92
C VAL A 383 7.96 27.81 23.69
N TYR A 384 8.97 27.35 22.93
CA TYR A 384 10.21 26.81 23.49
C TYR A 384 11.21 27.95 23.56
N ASN A 385 11.63 28.31 24.77
CA ASN A 385 12.61 29.36 24.98
C ASN A 385 13.85 28.72 25.63
N TYR A 386 14.95 28.71 24.89
CA TYR A 386 16.20 28.12 25.35
C TYR A 386 17.01 28.99 26.33
N THR A 387 17.16 30.28 26.05
CA THR A 387 17.99 31.17 26.88
C THR A 387 17.26 31.81 28.07
N GLY A 388 15.94 31.97 27.95
CA GLY A 388 15.13 32.66 28.94
C GLY A 388 14.92 34.13 28.59
N ARG A 389 15.34 34.54 27.40
CA ARG A 389 15.18 35.95 26.95
C ARG A 389 13.72 36.32 26.93
N PRO A 390 13.33 37.47 27.56
CA PRO A 390 11.92 37.87 27.56
C PRO A 390 11.27 37.74 26.19
N MET A 391 10.02 37.28 26.20
CA MET A 391 9.26 37.14 24.95
C MET A 391 7.82 37.64 25.04
N GLU A 392 7.30 38.01 23.88
CA GLU A 392 5.90 38.40 23.71
C GLU A 392 5.18 37.34 22.87
N VAL A 393 4.08 36.87 23.42
CA VAL A 393 3.31 35.77 22.84
C VAL A 393 1.86 36.22 22.56
N ASP A 394 1.45 36.05 21.31
CA ASP A 394 0.13 36.47 20.85
C ASP A 394 -0.90 35.33 21.03
N PHE A 395 -1.73 35.48 22.06
CA PHE A 395 -2.76 34.49 22.39
C PHE A 395 -3.93 34.43 21.40
N SER A 396 -4.11 35.44 20.54
CA SER A 396 -5.25 35.46 19.59
C SER A 396 -5.10 34.49 18.38
N LYS A 397 -3.92 33.89 18.23
CA LYS A 397 -3.69 32.88 17.20
C LYS A 397 -4.39 31.54 17.50
N ILE A 398 -4.86 31.34 18.74
CA ILE A 398 -5.67 30.17 19.09
C ILE A 398 -7.02 30.58 19.68
N SER A 399 -7.97 29.65 19.64
CA SER A 399 -9.32 29.89 20.15
C SER A 399 -9.37 30.13 21.67
N GLY A 400 -10.53 30.59 22.15
CA GLY A 400 -10.80 30.83 23.58
C GLY A 400 -10.72 32.31 23.88
N ALA A 401 -11.64 32.81 24.69
CA ALA A 401 -11.64 34.24 25.06
C ALA A 401 -10.78 34.44 26.31
N LYS A 402 -10.65 33.38 27.12
CA LYS A 402 -9.63 33.30 28.15
C LYS A 402 -8.65 32.13 27.82
N LYS A 403 -7.35 32.32 28.10
CA LYS A 403 -6.35 31.24 28.05
C LYS A 403 -5.86 30.91 29.44
N ASN A 404 -5.60 29.62 29.70
CA ASN A 404 -4.72 29.17 30.80
C ASN A 404 -3.28 29.06 30.29
N ALA A 405 -2.30 29.31 31.18
CA ALA A 405 -0.85 29.24 30.87
C ALA A 405 0.02 28.53 31.94
N TRP A 406 1.00 27.74 31.48
CA TRP A 406 1.95 27.03 32.37
C TRP A 406 3.38 27.12 31.84
N TRP A 407 4.35 27.03 32.75
CA TRP A 407 5.73 26.71 32.39
C TRP A 407 6.01 25.18 32.52
N TYR A 408 6.63 24.61 31.49
CA TYR A 408 7.14 23.23 31.48
C TYR A 408 8.65 23.28 31.36
N THR A 409 9.36 22.75 32.34
CA THR A 409 10.81 22.71 32.31
C THR A 409 11.19 21.36 31.65
N THR A 410 12.04 21.40 30.61
CA THR A 410 12.32 20.21 29.80
C THR A 410 13.34 19.20 30.36
N LYS A 411 14.16 19.61 31.32
CA LYS A 411 15.12 18.68 31.89
C LYS A 411 14.50 17.72 32.93
N ASP A 412 13.30 18.04 33.42
CA ASP A 412 12.61 17.18 34.39
C ASP A 412 11.10 17.01 34.20
N GLY A 413 10.50 17.57 33.16
CA GLY A 413 9.05 17.48 32.97
C GLY A 413 8.15 18.10 34.04
N LYS A 414 8.68 18.99 34.87
CA LYS A 414 7.87 19.70 35.88
C LYS A 414 7.00 20.81 35.24
N LEU A 415 5.84 21.00 35.84
CA LEU A 415 4.82 21.93 35.38
C LEU A 415 4.52 22.98 36.47
N GLU A 416 4.41 24.24 36.08
CA GLU A 416 4.15 25.34 37.02
C GLU A 416 3.05 26.16 36.40
N TYR A 417 1.92 26.21 37.10
CA TYR A 417 0.76 26.97 36.65
C TYR A 417 1.06 28.46 36.80
N ILE A 418 0.89 29.22 35.73
CA ILE A 418 1.11 30.67 35.75
C ILE A 418 -0.18 31.41 36.16
N GLY A 419 -1.26 31.27 35.37
CA GLY A 419 -2.57 31.86 35.67
C GLY A 419 -3.52 31.96 34.46
N GLU A 420 -4.51 32.84 34.57
CA GLU A 420 -5.44 33.16 33.47
C GLU A 420 -5.11 34.50 32.79
N PHE A 421 -5.42 34.59 31.49
CA PHE A 421 -5.01 35.71 30.66
C PHE A 421 -6.09 36.00 29.62
N ASP A 422 -6.33 37.29 29.33
CA ASP A 422 -7.20 37.69 28.21
C ASP A 422 -6.49 37.37 26.87
N ASN A 423 -7.06 37.81 25.76
CA ASN A 423 -6.66 37.36 24.41
C ASN A 423 -5.70 38.27 23.61
N GLY A 424 -4.83 39.02 24.25
CA GLY A 424 -3.88 39.90 23.53
C GLY A 424 -2.45 39.37 23.50
N VAL A 425 -1.52 40.20 23.05
CA VAL A 425 -0.10 39.90 23.20
C VAL A 425 0.26 39.97 24.69
N HIS A 426 1.05 39.03 25.19
CA HIS A 426 1.52 39.07 26.59
C HIS A 426 3.04 38.81 26.72
N LYS A 427 3.63 39.44 27.73
CA LYS A 427 5.07 39.43 27.96
C LYS A 427 5.38 38.32 28.99
N PHE A 428 6.33 37.45 28.67
CA PHE A 428 6.71 36.32 29.54
C PHE A 428 8.19 36.22 29.75
N GLN A 429 8.59 35.92 30.98
CA GLN A 429 10.00 35.72 31.32
C GLN A 429 10.14 34.74 32.47
N HIS A 430 10.68 33.56 32.19
CA HIS A 430 10.81 32.55 33.23
C HIS A 430 11.82 33.01 34.30
N ASP A 431 11.50 32.83 35.57
CA ASP A 431 12.49 33.03 36.62
C ASP A 431 13.54 31.92 36.63
N SER A 432 14.59 32.07 35.84
CA SER A 432 15.75 31.17 35.90
C SER A 432 16.94 31.89 35.27
N GLY A 433 18.12 31.33 35.42
CA GLY A 433 19.32 31.93 34.89
C GLY A 433 19.25 32.09 33.40
N TYR A 434 19.74 33.25 32.94
CA TYR A 434 19.74 33.60 31.54
C TYR A 434 20.85 32.82 30.83
N SER A 435 20.51 32.20 29.70
CA SER A 435 21.48 31.49 28.87
C SER A 435 22.26 30.45 29.73
N SER A 436 21.54 29.70 30.57
CA SER A 436 22.10 28.78 31.57
C SER A 436 21.70 27.29 31.35
N GLY A 437 21.24 27.00 30.13
CA GLY A 437 20.66 25.73 29.82
C GLY A 437 19.44 25.35 30.64
N ASN A 438 18.69 26.32 31.15
CA ASN A 438 17.41 26.02 31.82
C ASN A 438 16.26 26.37 30.90
N ASP A 439 16.20 25.57 29.83
CA ASP A 439 15.21 25.75 28.76
C ASP A 439 13.82 25.36 29.25
N HIS A 440 12.81 25.99 28.68
CA HIS A 440 11.46 25.88 29.20
C HIS A 440 10.48 26.01 28.06
N VAL A 441 9.31 25.40 28.19
CA VAL A 441 8.24 25.61 27.25
C VAL A 441 7.12 26.38 27.97
N LEU A 442 6.64 27.44 27.31
CA LEU A 442 5.41 28.10 27.74
C LEU A 442 4.24 27.35 27.10
N ILE A 443 3.39 26.77 27.93
CA ILE A 443 2.18 26.08 27.47
C ILE A 443 1.00 27.00 27.74
N VAL A 444 0.18 27.22 26.73
CA VAL A 444 -0.99 28.10 26.75
C VAL A 444 -2.14 27.36 26.08
N VAL A 445 -3.25 27.21 26.80
CA VAL A 445 -4.43 26.44 26.36
C VAL A 445 -5.71 27.27 26.49
N ASP A 446 -6.56 27.26 25.46
CA ASP A 446 -7.98 27.73 25.53
C ASP A 446 -8.58 27.32 26.87
N SER A 447 -9.12 28.24 27.66
CA SER A 447 -9.65 27.96 29.04
C SER A 447 -10.75 26.90 29.14
N SER A 448 -11.56 26.78 28.09
CA SER A 448 -12.63 25.77 28.04
C SER A 448 -12.12 24.30 27.93
N LYS A 449 -10.87 24.10 27.48
CA LYS A 449 -10.28 22.75 27.36
C LYS A 449 -9.52 22.34 28.62
N ASP A 450 -9.26 21.04 28.73
CA ASP A 450 -8.76 20.39 29.94
C ASP A 450 -7.61 19.39 29.64
N TYR A 451 -6.76 19.75 28.69
CA TYR A 451 -5.65 18.89 28.26
C TYR A 451 -4.63 18.76 29.35
N VAL A 452 -4.39 19.89 30.02
CA VAL A 452 -3.59 20.01 31.25
C VAL A 452 -4.52 20.52 32.38
N LYS A 453 -4.44 19.91 33.55
CA LYS A 453 -5.18 20.45 34.72
C LYS A 453 -4.35 21.60 35.37
N LYS A 454 -5.01 22.43 36.19
CA LYS A 454 -4.34 23.53 36.97
C LYS A 454 -3.59 23.02 38.23
N ASP A 455 -3.98 21.83 38.70
CA ASP A 455 -3.44 21.18 39.91
C ASP A 455 -2.25 20.21 39.64
N CYS A 456 -1.88 20.03 38.37
CA CYS A 456 -0.75 19.16 37.97
C CYS A 456 0.63 19.73 38.32
N TYR A 457 1.45 18.93 39.01
CA TYR A 457 2.88 19.22 39.20
C TYR A 457 3.74 18.75 38.00
N GLN A 458 3.25 17.78 37.21
CA GLN A 458 4.00 17.18 36.08
C GLN A 458 3.10 16.50 35.04
N ILE A 459 3.57 16.43 33.78
CA ILE A 459 2.88 15.68 32.72
C ILE A 459 3.30 14.20 32.79
N ASP A 460 2.31 13.31 32.93
CA ASP A 460 2.55 11.87 33.10
C ASP A 460 2.89 11.21 31.76
N THR A 461 3.26 9.94 31.83
CA THR A 461 3.72 9.17 30.65
C THR A 461 2.56 8.82 29.69
N HIS A 462 2.63 9.31 28.44
CA HIS A 462 1.85 8.76 27.32
C HIS A 462 2.81 7.85 26.51
N GLU A 463 2.34 6.65 26.16
CA GLU A 463 3.20 5.56 25.64
C GLU A 463 3.01 5.36 24.14
N LYS B 8 23.21 16.75 -12.38
CA LYS B 8 23.20 15.33 -12.84
C LYS B 8 22.00 15.04 -13.81
N THR B 9 22.12 13.94 -14.54
CA THR B 9 21.15 13.44 -15.51
C THR B 9 19.77 13.14 -14.93
N TYR B 10 18.73 13.57 -15.62
CA TYR B 10 17.36 13.29 -15.22
C TYR B 10 17.03 11.82 -15.53
N ILE B 11 16.54 11.10 -14.51
CA ILE B 11 16.12 9.72 -14.58
C ILE B 11 14.58 9.71 -14.45
N PRO B 12 13.84 9.42 -15.54
CA PRO B 12 12.37 9.47 -15.45
C PRO B 12 11.73 8.58 -14.35
N TRP B 13 12.20 7.34 -14.27
CA TRP B 13 11.70 6.37 -13.33
C TRP B 13 12.10 6.62 -11.84
N SER B 14 12.89 7.64 -11.54
CA SER B 14 13.01 8.10 -10.14
C SER B 14 11.61 8.57 -9.64
N ASN B 15 10.78 9.02 -10.57
CA ASN B 15 9.35 9.27 -10.30
C ASN B 15 8.43 7.99 -10.25
N GLY B 16 8.97 6.80 -10.45
CA GLY B 16 8.21 5.54 -10.42
C GLY B 16 8.00 4.91 -11.80
N LYS B 17 7.38 3.73 -11.83
CA LYS B 17 7.13 3.05 -13.09
C LYS B 17 6.08 3.78 -13.91
N LEU B 18 6.07 3.54 -15.20
CA LEU B 18 5.07 4.11 -16.11
C LEU B 18 3.69 3.47 -15.92
N VAL B 19 2.64 4.30 -15.91
CA VAL B 19 1.24 3.85 -15.79
C VAL B 19 0.31 4.67 -16.72
N VAL B 20 -0.72 4.04 -17.22
CA VAL B 20 -1.74 4.73 -18.00
C VAL B 20 -2.56 5.58 -17.01
N SER B 21 -2.62 6.88 -17.27
CA SER B 21 -3.32 7.87 -16.44
C SER B 21 -4.86 7.61 -16.51
N GLU B 22 -5.60 8.13 -15.54
CA GLU B 22 -7.01 7.68 -15.31
C GLU B 22 -7.97 8.10 -16.42
N GLU B 23 -7.72 9.26 -17.02
CA GLU B 23 -8.52 9.74 -18.17
C GLU B 23 -8.30 8.98 -19.49
N GLY B 24 -7.29 8.10 -19.54
CA GLY B 24 -7.12 7.14 -20.63
C GLY B 24 -6.41 7.66 -21.89
N ARG B 25 -5.78 8.83 -21.76
CA ARG B 25 -5.12 9.52 -22.88
C ARG B 25 -3.58 9.52 -22.79
N TYR B 26 -3.02 9.65 -21.59
CA TYR B 26 -1.60 9.94 -21.44
C TYR B 26 -0.92 8.95 -20.49
N LEU B 27 0.40 8.96 -20.52
CA LEU B 27 1.19 8.16 -19.63
C LEU B 27 1.70 9.04 -18.50
N LYS B 28 1.87 8.42 -17.34
CA LYS B 28 2.46 9.09 -16.19
C LYS B 28 3.33 8.10 -15.45
N HIS B 29 4.10 8.65 -14.52
CA HIS B 29 4.78 7.87 -13.50
C HIS B 29 3.86 7.69 -12.28
N GLU B 30 4.15 6.69 -11.46
CA GLU B 30 3.37 6.42 -10.23
C GLU B 30 3.12 7.63 -9.34
N ASN B 31 4.08 8.52 -9.19
CA ASN B 31 3.86 9.70 -8.36
C ASN B 31 3.06 10.82 -9.04
N GLY B 32 2.45 10.56 -10.21
CA GLY B 32 1.69 11.56 -10.98
C GLY B 32 2.45 12.43 -12.01
N THR B 33 3.79 12.39 -12.00
CA THR B 33 4.59 13.12 -12.97
C THR B 33 4.26 12.65 -14.41
N PRO B 34 3.95 13.60 -15.32
CA PRO B 34 3.72 13.21 -16.72
C PRO B 34 4.98 12.66 -17.42
N PHE B 35 4.77 11.71 -18.31
CA PHE B 35 5.79 11.22 -19.23
C PHE B 35 5.43 11.57 -20.67
N PHE B 36 6.04 12.60 -21.22
CA PHE B 36 5.86 12.90 -22.63
C PHE B 36 6.86 12.03 -23.38
N TRP B 37 6.38 10.97 -23.99
CA TRP B 37 7.21 10.08 -24.79
C TRP B 37 7.74 10.83 -26.05
N LEU B 38 9.07 10.88 -26.18
CA LEU B 38 9.74 11.36 -27.38
C LEU B 38 10.69 10.26 -27.85
N GLY B 39 10.27 9.49 -28.84
CA GLY B 39 11.00 8.34 -29.30
C GLY B 39 11.95 8.57 -30.46
N GLU B 40 13.07 7.85 -30.42
CA GLU B 40 14.02 7.74 -31.52
C GLU B 40 13.93 6.32 -32.05
N THR B 41 14.22 6.13 -33.32
CA THR B 41 14.14 4.79 -33.92
C THR B 41 15.52 4.20 -34.17
N GLY B 42 15.97 3.36 -33.25
CA GLY B 42 17.25 2.67 -33.37
C GLY B 42 17.10 1.19 -33.65
N TRP B 43 16.37 0.83 -34.72
CA TRP B 43 16.00 -0.57 -34.97
C TRP B 43 17.16 -1.53 -34.85
N LEU B 44 18.27 -1.26 -35.54
CA LEU B 44 19.35 -2.28 -35.59
C LEU B 44 20.45 -2.04 -34.57
N LEU B 45 20.13 -1.30 -33.51
CA LEU B 45 21.09 -1.04 -32.46
C LEU B 45 21.70 -2.31 -31.86
N PRO B 46 20.90 -3.29 -31.42
CA PRO B 46 21.52 -4.48 -30.86
C PRO B 46 22.35 -5.34 -31.83
N GLU B 47 22.01 -5.33 -33.12
CA GLU B 47 22.72 -6.14 -34.13
C GLU B 47 23.96 -5.47 -34.72
N ARG B 48 24.04 -4.13 -34.72
CA ARG B 48 25.07 -3.43 -35.51
C ARG B 48 26.03 -2.50 -34.80
N LEU B 49 25.73 -2.06 -33.58
CA LEU B 49 26.67 -1.21 -32.85
C LEU B 49 27.42 -2.00 -31.81
N ASN B 50 28.69 -1.64 -31.62
CA ASN B 50 29.51 -2.20 -30.56
C ASN B 50 29.27 -1.35 -29.31
N ARG B 51 30.00 -1.66 -28.24
CA ARG B 51 29.82 -0.93 -26.98
C ARG B 51 30.10 0.56 -27.08
N ASP B 52 31.21 0.93 -27.73
CA ASP B 52 31.61 2.31 -27.83
C ASP B 52 30.58 3.11 -28.63
N GLU B 53 30.16 2.56 -29.77
CA GLU B 53 29.22 3.21 -30.69
C GLU B 53 27.83 3.37 -30.07
N ALA B 54 27.41 2.35 -29.33
CA ALA B 54 26.10 2.34 -28.65
C ALA B 54 26.03 3.40 -27.57
N GLU B 55 27.07 3.53 -26.74
CA GLU B 55 27.16 4.65 -25.77
C GLU B 55 27.12 6.01 -26.46
N TYR B 56 27.88 6.18 -27.54
CA TYR B 56 27.83 7.47 -28.27
C TYR B 56 26.42 7.76 -28.77
N TYR B 57 25.81 6.80 -29.45
CA TYR B 57 24.44 7.01 -29.99
C TYR B 57 23.44 7.45 -28.88
N LEU B 58 23.45 6.70 -27.78
CA LEU B 58 22.49 6.92 -26.69
C LEU B 58 22.74 8.28 -26.01
N GLU B 59 24.01 8.64 -25.76
CA GLU B 59 24.33 9.97 -25.27
C GLU B 59 23.81 11.02 -26.23
N GLN B 60 24.09 10.86 -27.53
CA GLN B 60 23.62 11.85 -28.53
C GLN B 60 22.09 11.94 -28.58
N CYS B 61 21.39 10.84 -28.37
CA CYS B 61 19.94 10.89 -28.32
C CYS B 61 19.48 11.64 -27.09
N LYS B 62 20.12 11.36 -25.96
CA LYS B 62 19.78 12.05 -24.71
C LYS B 62 19.93 13.56 -24.86
N ARG B 63 20.99 14.01 -25.53
CA ARG B 63 21.24 15.45 -25.71
C ARG B 63 20.17 16.18 -26.49
N ARG B 64 19.36 15.43 -27.23
CA ARG B 64 18.33 16.00 -28.07
C ARG B 64 16.95 15.71 -27.56
N GLY B 65 16.84 15.30 -26.29
CA GLY B 65 15.55 15.17 -25.61
C GLY B 65 14.78 13.84 -25.78
N TYR B 66 15.34 12.88 -26.52
CA TYR B 66 14.69 11.59 -26.72
C TYR B 66 14.71 10.86 -25.36
N ASN B 67 13.61 10.20 -25.00
CA ASN B 67 13.54 9.35 -23.78
C ASN B 67 13.11 7.89 -24.01
N VAL B 68 12.83 7.51 -25.27
CA VAL B 68 12.54 6.13 -25.66
C VAL B 68 13.32 5.81 -26.92
N ILE B 69 14.10 4.74 -26.91
CA ILE B 69 14.83 4.29 -28.09
C ILE B 69 14.18 2.96 -28.52
N GLN B 70 13.60 2.92 -29.72
CA GLN B 70 12.92 1.73 -30.21
C GLN B 70 13.96 0.87 -30.90
N VAL B 71 14.04 -0.41 -30.54
CA VAL B 71 14.97 -1.38 -31.09
C VAL B 71 14.30 -2.69 -31.50
N GLN B 72 14.90 -3.34 -32.49
CA GLN B 72 14.57 -4.71 -32.83
C GLN B 72 15.50 -5.61 -32.02
N THR B 73 14.98 -6.12 -30.92
CA THR B 73 15.73 -7.03 -30.02
C THR B 73 16.30 -8.18 -30.83
N LEU B 74 15.44 -8.73 -31.69
CA LEU B 74 15.80 -9.65 -32.73
C LEU B 74 15.22 -9.20 -34.04
N ASN B 75 16.00 -9.32 -35.11
CA ASN B 75 15.52 -9.08 -36.48
C ASN B 75 15.40 -10.38 -37.28
N ASN B 76 16.17 -11.42 -36.95
CA ASN B 76 16.10 -12.78 -37.52
C ASN B 76 16.17 -13.84 -36.43
N VAL B 77 15.99 -15.09 -36.86
CA VAL B 77 16.14 -16.26 -36.02
C VAL B 77 17.16 -17.27 -36.58
N PRO B 78 18.35 -17.39 -35.98
CA PRO B 78 18.88 -16.50 -34.93
C PRO B 78 19.25 -15.09 -35.45
N SER B 79 19.38 -14.13 -34.53
CA SER B 79 19.99 -12.85 -34.85
C SER B 79 21.51 -12.89 -34.60
N MET B 80 22.25 -12.02 -35.25
CA MET B 80 23.72 -11.96 -35.10
C MET B 80 24.14 -10.52 -34.77
N ASN B 81 25.05 -10.36 -33.82
CA ASN B 81 25.52 -9.01 -33.54
C ASN B 81 26.89 -8.70 -34.19
N ILE B 82 27.40 -7.49 -33.95
CA ILE B 82 28.63 -7.00 -34.60
C ILE B 82 29.88 -7.75 -34.19
N TYR B 83 29.83 -8.29 -32.98
CA TYR B 83 30.89 -9.11 -32.44
C TYR B 83 30.87 -10.57 -32.99
N GLY B 84 29.84 -10.93 -33.77
CA GLY B 84 29.74 -12.30 -34.27
C GLY B 84 29.19 -13.30 -33.25
N GLN B 85 28.28 -12.84 -32.41
CA GLN B 85 27.57 -13.67 -31.47
C GLN B 85 26.17 -13.92 -31.97
N TYR B 86 25.73 -15.17 -31.82
CA TYR B 86 24.36 -15.58 -32.09
C TYR B 86 23.44 -15.38 -30.86
N SER B 87 22.18 -15.07 -31.12
CA SER B 87 21.14 -14.82 -30.09
C SER B 87 20.50 -16.10 -29.56
N MET B 88 20.53 -17.16 -30.35
CA MET B 88 20.17 -18.53 -29.89
C MET B 88 21.30 -19.48 -30.31
N THR B 89 21.97 -20.06 -29.33
CA THR B 89 22.95 -21.08 -29.59
C THR B 89 22.36 -22.52 -29.53
N ASP B 90 21.06 -22.66 -29.21
CA ASP B 90 20.38 -23.97 -29.11
C ASP B 90 18.85 -23.83 -29.32
N GLY B 91 18.46 -23.30 -30.46
CA GLY B 91 17.04 -23.02 -30.71
C GLY B 91 16.46 -22.15 -29.60
N TYR B 92 15.16 -22.36 -29.32
CA TYR B 92 14.45 -21.66 -28.25
C TYR B 92 14.64 -22.24 -26.82
N ASN B 93 15.68 -23.05 -26.62
CA ASN B 93 16.07 -23.48 -25.29
C ASN B 93 17.12 -22.49 -24.75
N PHE B 94 16.66 -21.64 -23.84
CA PHE B 94 17.51 -20.63 -23.21
C PHE B 94 18.19 -21.02 -21.89
N LYS B 95 18.09 -22.28 -21.47
CA LYS B 95 18.68 -22.71 -20.20
C LYS B 95 20.18 -22.37 -20.11
N ASN B 96 20.94 -22.60 -21.17
CA ASN B 96 22.41 -22.43 -21.13
C ASN B 96 22.93 -21.31 -22.06
N ILE B 97 22.11 -20.27 -22.24
CA ILE B 97 22.47 -19.17 -23.13
C ILE B 97 23.64 -18.41 -22.54
N ASN B 98 23.66 -18.20 -21.22
CA ASN B 98 24.77 -17.54 -20.56
C ASN B 98 25.94 -18.50 -20.44
N GLN B 99 27.12 -18.03 -20.81
CA GLN B 99 28.36 -18.77 -20.74
C GLN B 99 29.39 -17.92 -20.05
N LYS B 100 29.91 -18.43 -18.92
CA LYS B 100 31.06 -17.88 -18.20
C LYS B 100 32.18 -17.37 -19.15
N GLY B 101 32.58 -16.11 -19.01
CA GLY B 101 33.69 -15.56 -19.81
C GLY B 101 33.47 -15.37 -21.32
N VAL B 102 32.23 -15.55 -21.80
CA VAL B 102 31.83 -15.22 -23.18
C VAL B 102 30.89 -14.03 -23.07
N TYR B 103 31.15 -12.99 -23.86
CA TYR B 103 30.28 -11.80 -23.92
C TYR B 103 29.26 -12.03 -25.03
N GLY B 104 28.12 -12.61 -24.70
CA GLY B 104 27.17 -13.05 -25.72
C GLY B 104 26.26 -11.96 -26.21
N TYR B 105 25.42 -12.31 -27.19
CA TYR B 105 24.40 -11.45 -27.76
C TYR B 105 23.61 -10.80 -26.66
N TRP B 106 23.24 -11.57 -25.64
CA TRP B 106 22.38 -11.03 -24.59
C TRP B 106 23.14 -10.27 -23.54
N ASP B 107 24.41 -10.58 -23.34
CA ASP B 107 25.23 -9.68 -22.50
C ASP B 107 25.36 -8.29 -23.10
N HIS B 108 25.44 -8.22 -24.44
CA HIS B 108 25.52 -6.96 -25.12
C HIS B 108 24.18 -6.22 -25.08
N MET B 109 23.08 -6.94 -25.23
N MET B 109 23.08 -6.93 -25.22
CA MET B 109 21.76 -6.40 -25.01
CA MET B 109 21.74 -6.37 -25.03
C MET B 109 21.57 -5.86 -23.60
C MET B 109 21.54 -5.85 -23.59
N ASP B 110 22.04 -6.60 -22.60
CA ASP B 110 22.10 -6.11 -21.19
C ASP B 110 22.79 -4.77 -21.09
N TYR B 111 23.99 -4.68 -21.68
CA TYR B 111 24.83 -3.47 -21.67
C TYR B 111 24.12 -2.24 -22.29
N ILE B 112 23.46 -2.44 -23.42
CA ILE B 112 22.70 -1.36 -24.09
C ILE B 112 21.61 -0.85 -23.18
N ILE B 113 20.87 -1.76 -22.53
CA ILE B 113 19.82 -1.39 -21.57
C ILE B 113 20.38 -0.61 -20.36
N ARG B 114 21.43 -1.12 -19.75
CA ARG B 114 22.06 -0.43 -18.62
C ARG B 114 22.63 0.90 -18.97
N THR B 115 23.33 0.96 -20.09
CA THR B 115 23.91 2.21 -20.58
C THR B 115 22.82 3.27 -20.78
N ALA B 116 21.74 2.86 -21.46
CA ALA B 116 20.53 3.67 -21.61
C ALA B 116 19.95 4.11 -20.26
N ALA B 117 19.95 3.20 -19.28
CA ALA B 117 19.47 3.55 -17.92
C ALA B 117 20.32 4.67 -17.28
N LYS B 118 21.64 4.56 -17.37
CA LYS B 118 22.54 5.66 -16.95
C LYS B 118 22.21 7.03 -17.57
N LYS B 119 21.66 7.03 -18.79
CA LYS B 119 21.27 8.26 -19.50
C LYS B 119 19.79 8.68 -19.43
N GLY B 120 18.96 7.93 -18.69
CA GLY B 120 17.55 8.30 -18.52
C GLY B 120 16.68 7.93 -19.72
N LEU B 121 17.05 6.87 -20.44
CA LEU B 121 16.30 6.45 -21.61
C LEU B 121 15.75 5.05 -21.41
N TYR B 122 14.49 4.87 -21.82
CA TYR B 122 13.85 3.57 -21.95
C TYR B 122 14.29 2.96 -23.27
N ILE B 123 14.41 1.63 -23.29
CA ILE B 123 14.51 0.85 -24.53
C ILE B 123 13.14 0.21 -24.86
N GLY B 124 12.51 0.66 -25.95
CA GLY B 124 11.33 0.01 -26.51
C GLY B 124 11.75 -1.29 -27.17
N MET B 125 11.55 -2.41 -26.48
CA MET B 125 11.98 -3.69 -27.02
C MET B 125 10.93 -4.30 -27.94
N VAL B 126 11.20 -4.28 -29.24
CA VAL B 126 10.48 -5.14 -30.16
C VAL B 126 11.10 -6.50 -30.02
N CYS B 127 10.44 -7.35 -29.21
CA CYS B 127 10.94 -8.70 -28.89
C CYS B 127 11.45 -9.45 -30.11
N ILE B 128 10.64 -9.45 -31.17
CA ILE B 128 11.03 -10.06 -32.43
C ILE B 128 10.23 -9.48 -33.60
N TRP B 129 10.95 -9.18 -34.68
CA TRP B 129 10.39 -8.42 -35.81
C TRP B 129 9.41 -9.31 -36.55
N GLY B 130 8.41 -8.69 -37.17
CA GLY B 130 7.36 -9.41 -37.89
C GLY B 130 7.86 -10.53 -38.78
N SER B 131 8.83 -10.22 -39.64
CA SER B 131 9.25 -11.10 -40.74
C SER B 131 9.54 -12.51 -40.33
N PRO B 132 10.52 -12.75 -39.43
CA PRO B 132 10.77 -14.16 -39.15
C PRO B 132 9.52 -14.90 -38.58
N VAL B 133 8.62 -14.17 -37.92
CA VAL B 133 7.41 -14.76 -37.38
C VAL B 133 6.42 -15.09 -38.55
N SER B 134 6.25 -14.17 -39.50
CA SER B 134 5.35 -14.45 -40.62
C SER B 134 5.87 -15.59 -41.51
N HIS B 135 7.16 -15.86 -41.48
CA HIS B 135 7.80 -17.00 -42.19
C HIS B 135 7.91 -18.28 -41.30
N GLY B 136 7.13 -18.42 -40.25
CA GLY B 136 7.13 -19.64 -39.44
C GLY B 136 8.28 -19.91 -38.46
N GLU B 137 9.15 -18.94 -38.20
CA GLU B 137 10.34 -19.24 -37.39
C GLU B 137 10.14 -19.07 -35.87
N MET B 138 8.91 -18.70 -35.46
CA MET B 138 8.47 -18.75 -34.04
C MET B 138 7.02 -19.25 -33.92
N ASN B 139 6.84 -20.53 -33.55
CA ASN B 139 5.49 -21.11 -33.22
C ASN B 139 5.06 -20.81 -31.77
N VAL B 140 3.89 -21.27 -31.36
CA VAL B 140 3.30 -20.88 -30.06
C VAL B 140 4.14 -21.36 -28.83
N ASP B 141 4.73 -22.55 -28.92
CA ASP B 141 5.57 -23.08 -27.83
C ASP B 141 6.86 -22.31 -27.69
N GLN B 142 7.43 -21.96 -28.84
CA GLN B 142 8.66 -21.18 -28.91
C GLN B 142 8.43 -19.76 -28.36
N ALA B 143 7.28 -19.17 -28.68
CA ALA B 143 6.97 -17.80 -28.25
C ALA B 143 6.80 -17.75 -26.75
N LYS B 144 6.25 -18.82 -26.18
CA LYS B 144 6.10 -18.91 -24.74
C LYS B 144 7.48 -19.06 -24.11
N ALA B 145 8.35 -19.85 -24.73
CA ALA B 145 9.71 -19.98 -24.22
C ALA B 145 10.53 -18.65 -24.34
N TYR B 146 10.39 -17.94 -25.45
CA TYR B 146 11.07 -16.64 -25.64
C TYR B 146 10.53 -15.55 -24.70
N GLY B 147 9.21 -15.44 -24.54
CA GLY B 147 8.62 -14.52 -23.57
C GLY B 147 9.07 -14.73 -22.13
N LYS B 148 9.22 -15.99 -21.74
CA LYS B 148 9.63 -16.36 -20.41
C LYS B 148 11.10 -15.99 -20.20
N PHE B 149 11.97 -16.39 -21.11
CA PHE B 149 13.35 -15.88 -21.13
C PHE B 149 13.42 -14.35 -20.97
N LEU B 150 12.68 -13.64 -21.81
CA LEU B 150 12.76 -12.18 -21.80
C LEU B 150 12.30 -11.59 -20.48
N ALA B 151 11.20 -12.11 -19.96
CA ALA B 151 10.59 -11.56 -18.77
C ALA B 151 11.46 -11.81 -17.56
N GLU B 152 11.97 -13.03 -17.44
CA GLU B 152 12.84 -13.41 -16.32
C GLU B 152 14.11 -12.60 -16.38
N ARG B 153 14.61 -12.28 -17.57
CA ARG B 153 15.85 -11.51 -17.68
C ARG B 153 15.67 -10.03 -17.38
N TYR B 154 14.61 -9.41 -17.90
CA TYR B 154 14.49 -7.96 -17.85
C TYR B 154 13.37 -7.43 -16.96
N LYS B 155 12.70 -8.27 -16.19
CA LYS B 155 11.60 -7.76 -15.34
C LYS B 155 12.03 -6.70 -14.36
N ASP B 156 13.26 -6.81 -13.86
CA ASP B 156 13.78 -5.86 -12.85
C ASP B 156 14.73 -4.75 -13.38
N GLU B 157 14.89 -4.65 -14.68
CA GLU B 157 15.43 -3.43 -15.29
C GLU B 157 14.26 -2.43 -15.36
N PRO B 158 14.46 -1.20 -14.84
CA PRO B 158 13.35 -0.25 -14.84
C PRO B 158 12.98 0.31 -16.24
N ASN B 159 13.95 0.35 -17.15
CA ASN B 159 13.85 1.18 -18.36
C ASN B 159 13.47 0.36 -19.61
N ILE B 160 12.33 -0.34 -19.53
CA ILE B 160 11.85 -1.23 -20.59
C ILE B 160 10.37 -0.92 -20.86
N ILE B 161 10.02 -0.94 -22.14
CA ILE B 161 8.66 -0.88 -22.64
C ILE B 161 8.60 -1.98 -23.70
N TRP B 162 7.66 -2.93 -23.58
CA TRP B 162 7.59 -4.09 -24.47
C TRP B 162 6.78 -3.77 -25.75
N PHE B 163 7.31 -4.17 -26.90
CA PHE B 163 6.64 -3.98 -28.19
C PHE B 163 6.46 -5.40 -28.72
N ILE B 164 5.21 -5.80 -28.79
CA ILE B 164 4.84 -7.02 -29.46
C ILE B 164 4.67 -6.61 -30.95
N GLY B 165 4.81 -7.59 -31.82
CA GLY B 165 4.72 -7.38 -33.28
C GLY B 165 6.00 -6.82 -33.87
N GLY B 166 5.86 -5.82 -34.74
CA GLY B 166 6.99 -5.31 -35.55
C GLY B 166 6.68 -5.40 -37.02
N ASP B 167 5.93 -4.42 -37.50
CA ASP B 167 5.60 -4.20 -38.90
C ASP B 167 4.77 -5.36 -39.45
N ILE B 168 3.72 -5.71 -38.71
CA ILE B 168 2.90 -6.87 -39.05
C ILE B 168 1.47 -6.64 -38.55
N ARG B 169 0.51 -7.17 -39.29
CA ARG B 169 -0.89 -7.04 -38.92
C ARG B 169 -1.18 -7.94 -37.72
N GLY B 170 -2.02 -7.49 -36.81
CA GLY B 170 -2.45 -8.30 -35.67
C GLY B 170 -3.18 -9.59 -35.98
N ASP B 171 -3.78 -9.65 -37.16
CA ASP B 171 -4.44 -10.86 -37.63
C ASP B 171 -3.53 -11.83 -38.35
N VAL B 172 -2.20 -11.60 -38.31
CA VAL B 172 -1.22 -12.51 -38.89
C VAL B 172 -0.35 -13.10 -37.78
N LYS B 173 -0.30 -14.42 -37.72
CA LYS B 173 0.31 -15.17 -36.62
C LYS B 173 -0.20 -14.71 -35.27
N THR B 174 -1.51 -14.45 -35.18
CA THR B 174 -2.13 -13.83 -33.99
C THR B 174 -1.85 -14.62 -32.71
N ALA B 175 -1.99 -15.93 -32.79
CA ALA B 175 -1.87 -16.79 -31.62
C ALA B 175 -0.45 -16.79 -31.07
N GLU B 176 0.53 -16.64 -31.95
CA GLU B 176 1.92 -16.55 -31.55
C GLU B 176 2.21 -15.20 -30.83
N TRP B 177 1.62 -14.11 -31.30
CA TRP B 177 1.79 -12.82 -30.65
C TRP B 177 1.17 -12.76 -29.26
N GLU B 178 -0.04 -13.35 -29.11
CA GLU B 178 -0.77 -13.39 -27.82
C GLU B 178 -0.02 -14.26 -26.82
N ALA B 179 0.54 -15.39 -27.29
CA ALA B 179 1.34 -16.27 -26.45
C ALA B 179 2.53 -15.49 -25.84
N LEU B 180 3.32 -14.84 -26.71
CA LEU B 180 4.48 -14.01 -26.28
C LEU B 180 4.10 -12.91 -25.27
N ALA B 181 3.09 -12.13 -25.64
CA ALA B 181 2.60 -11.07 -24.78
C ALA B 181 2.17 -11.59 -23.36
N THR B 182 1.41 -12.68 -23.32
CA THR B 182 0.85 -13.20 -22.03
C THR B 182 1.94 -13.86 -21.22
N SER B 183 2.85 -14.57 -21.90
CA SER B 183 4.05 -15.13 -21.29
C SER B 183 4.94 -14.09 -20.61
N ILE B 184 5.05 -12.92 -21.22
CA ILE B 184 5.82 -11.85 -20.62
C ILE B 184 5.08 -11.26 -19.44
N LYS B 185 3.82 -10.85 -19.64
CA LYS B 185 2.98 -10.26 -18.56
C LYS B 185 2.70 -11.19 -17.36
N ALA B 186 2.70 -12.49 -17.57
CA ALA B 186 2.60 -13.46 -16.45
C ALA B 186 3.76 -13.34 -15.42
N ILE B 187 4.96 -13.01 -15.88
CA ILE B 187 6.17 -12.84 -15.03
C ILE B 187 6.53 -11.36 -14.71
N ASP B 188 6.50 -10.50 -15.73
CA ASP B 188 6.93 -9.11 -15.57
C ASP B 188 5.71 -8.23 -15.36
N LYS B 189 5.57 -7.67 -14.16
CA LYS B 189 4.46 -6.79 -13.81
C LYS B 189 4.86 -5.33 -13.80
N ASN B 190 6.08 -5.04 -14.20
CA ASN B 190 6.66 -3.70 -14.02
C ASN B 190 6.65 -2.75 -15.23
N HIS B 191 6.28 -3.25 -16.41
CA HIS B 191 6.46 -2.50 -17.67
C HIS B 191 5.22 -2.55 -18.56
N LEU B 192 5.01 -1.46 -19.30
CA LEU B 192 3.87 -1.39 -20.21
C LEU B 192 4.21 -2.10 -21.51
N MET B 193 3.16 -2.50 -22.21
CA MET B 193 3.27 -3.25 -23.45
C MET B 193 2.32 -2.68 -24.53
N THR B 194 2.73 -2.83 -25.79
CA THR B 194 1.95 -2.36 -26.94
C THR B 194 2.22 -3.26 -28.13
N PHE B 195 1.72 -2.89 -29.29
CA PHE B 195 1.85 -3.74 -30.48
C PHE B 195 2.17 -2.84 -31.68
N HIS B 196 3.32 -3.09 -32.32
CA HIS B 196 3.77 -2.31 -33.46
C HIS B 196 3.22 -2.97 -34.75
N PRO B 197 2.28 -2.31 -35.45
CA PRO B 197 1.60 -2.90 -36.56
C PRO B 197 2.17 -2.53 -37.96
N ARG B 198 1.55 -3.11 -38.99
CA ARG B 198 1.89 -2.89 -40.39
C ARG B 198 1.59 -1.46 -40.81
N GLY B 199 2.25 -1.04 -41.89
CA GLY B 199 2.01 0.25 -42.49
C GLY B 199 0.54 0.53 -42.73
N ARG B 200 0.11 1.71 -42.33
CA ARG B 200 -1.27 2.22 -42.54
C ARG B 200 -2.32 1.51 -41.66
N THR B 201 -1.88 0.91 -40.56
CA THR B 201 -2.79 0.26 -39.60
C THR B 201 -2.48 0.67 -38.16
N THR B 202 -3.42 0.31 -37.28
CA THR B 202 -3.30 0.62 -35.86
C THR B 202 -3.50 -0.63 -35.05
N SER B 203 -2.73 -0.76 -33.96
CA SER B 203 -2.94 -1.86 -32.99
C SER B 203 -4.40 -1.99 -32.50
N ALA B 204 -5.10 -0.86 -32.37
CA ALA B 204 -6.47 -0.81 -31.82
C ALA B 204 -7.42 -1.68 -32.62
N THR B 205 -7.11 -1.86 -33.89
CA THR B 205 -7.93 -2.65 -34.80
C THR B 205 -8.10 -4.10 -34.33
N TRP B 206 -7.06 -4.69 -33.74
CA TRP B 206 -7.11 -6.08 -33.28
C TRP B 206 -7.07 -6.28 -31.77
N PHE B 207 -6.55 -5.29 -31.03
CA PHE B 207 -6.04 -5.47 -29.65
C PHE B 207 -6.46 -4.37 -28.67
N ASN B 208 -7.42 -3.53 -29.04
CA ASN B 208 -7.89 -2.53 -28.10
C ASN B 208 -8.48 -3.15 -26.82
N ASN B 209 -9.16 -4.29 -26.97
CA ASN B 209 -9.79 -4.95 -25.83
C ASN B 209 -8.88 -6.08 -25.21
N ALA B 210 -7.65 -6.23 -25.69
CA ALA B 210 -6.64 -7.12 -25.09
C ALA B 210 -6.14 -6.53 -23.78
N PRO B 211 -6.17 -7.33 -22.68
CA PRO B 211 -5.77 -6.82 -21.35
C PRO B 211 -4.23 -6.72 -21.16
N TRP B 212 -3.45 -7.45 -21.95
CA TRP B 212 -1.99 -7.23 -22.04
C TRP B 212 -1.55 -5.90 -22.74
N LEU B 213 -2.40 -5.31 -23.57
CA LEU B 213 -2.03 -4.07 -24.27
C LEU B 213 -2.40 -2.86 -23.44
N ASP B 214 -1.39 -2.10 -22.99
CA ASP B 214 -1.58 -0.90 -22.16
C ASP B 214 -1.95 0.35 -22.98
N PHE B 215 -1.30 0.55 -24.13
CA PHE B 215 -1.64 1.65 -25.05
C PHE B 215 -1.49 1.11 -26.47
N ASN B 216 -2.10 1.84 -27.40
CA ASN B 216 -2.05 1.51 -28.83
C ASN B 216 -0.93 2.25 -29.58
N MET B 217 -0.58 1.68 -30.72
CA MET B 217 0.46 2.18 -31.58
C MET B 217 0.03 2.00 -33.04
N PHE B 218 0.27 3.02 -33.86
CA PHE B 218 0.12 2.88 -35.31
C PHE B 218 1.42 3.27 -36.05
N GLN B 219 1.45 2.88 -37.32
CA GLN B 219 2.55 3.17 -38.26
C GLN B 219 1.95 3.97 -39.39
N SER B 220 2.19 5.29 -39.41
CA SER B 220 1.67 6.17 -40.48
C SER B 220 2.56 6.26 -41.72
N GLY B 221 3.83 5.86 -41.59
CA GLY B 221 4.77 5.93 -42.70
C GLY B 221 4.48 4.80 -43.69
N HIS B 222 5.02 4.86 -44.92
CA HIS B 222 5.91 5.94 -45.45
C HIS B 222 5.47 6.51 -46.83
N ARG B 223 4.21 6.28 -47.19
CA ARG B 223 3.68 6.68 -48.46
C ARG B 223 3.17 8.08 -48.43
N ARG B 224 3.31 8.75 -49.58
CA ARG B 224 2.62 10.03 -49.82
C ARG B 224 1.13 9.86 -50.20
N TYR B 225 0.43 10.99 -50.30
CA TYR B 225 -0.92 11.03 -50.84
C TYR B 225 -1.02 10.34 -52.21
N GLY B 226 -1.91 9.36 -52.29
CA GLY B 226 -2.27 8.71 -53.57
C GLY B 226 -1.35 7.65 -54.10
N GLN B 227 -0.42 7.19 -53.27
CA GLN B 227 0.65 6.31 -53.71
C GLN B 227 0.21 4.86 -53.47
N ARG B 228 -0.18 4.25 -54.57
CA ARG B 228 -0.60 2.88 -54.60
C ARG B 228 0.34 2.18 -55.55
N PHE B 229 0.62 0.93 -55.21
CA PHE B 229 1.23 -0.01 -56.12
C PHE B 229 0.18 -1.12 -56.22
N GLY B 230 -0.30 -1.63 -55.08
CA GLY B 230 -1.50 -2.47 -55.04
C GLY B 230 -2.70 -2.01 -55.90
N ASP B 231 -3.50 -3.00 -56.30
CA ASP B 231 -4.84 -2.80 -56.88
C ASP B 231 -5.93 -3.18 -55.86
N GLY B 232 -5.57 -3.97 -54.84
CA GLY B 232 -6.52 -4.65 -53.96
C GLY B 232 -6.86 -3.94 -52.65
N ASP B 233 -7.19 -4.74 -51.64
CA ASP B 233 -7.56 -4.26 -50.29
C ASP B 233 -6.59 -3.23 -49.74
N TYR B 234 -7.14 -2.16 -49.15
CA TYR B 234 -6.35 -1.06 -48.62
C TYR B 234 -6.94 -0.62 -47.27
N PRO B 235 -6.10 -0.57 -46.21
CA PRO B 235 -6.63 -0.28 -44.87
C PRO B 235 -7.07 1.18 -44.60
N ILE B 236 -6.91 2.08 -45.58
CA ILE B 236 -7.40 3.46 -45.47
C ILE B 236 -8.17 3.89 -46.74
N GLU B 237 -8.92 4.97 -46.61
CA GLU B 237 -9.58 5.61 -47.74
C GLU B 237 -8.50 6.21 -48.63
N GLU B 238 -8.69 6.13 -49.96
CA GLU B 238 -7.70 6.63 -50.93
C GLU B 238 -7.43 8.13 -50.68
N ASN B 239 -6.19 8.55 -50.98
CA ASN B 239 -5.70 9.92 -50.75
C ASN B 239 -5.77 10.43 -49.30
N THR B 240 -5.54 9.55 -48.31
CA THR B 240 -5.44 9.99 -46.89
C THR B 240 -4.10 9.61 -46.20
N GLU B 241 -3.14 9.13 -46.99
CA GLU B 241 -1.90 8.54 -46.51
C GLU B 241 -1.18 9.43 -45.50
N GLU B 242 -1.14 10.74 -45.78
CA GLU B 242 -0.37 11.68 -44.98
C GLU B 242 -1.15 12.26 -43.79
N ASP B 243 -2.45 11.92 -43.68
CA ASP B 243 -3.32 12.42 -42.61
C ASP B 243 -3.22 11.48 -41.40
N ASN B 244 -2.09 11.55 -40.69
CA ASN B 244 -1.85 10.62 -39.61
C ASN B 244 -2.75 10.92 -38.40
N TRP B 245 -3.33 12.12 -38.36
CA TRP B 245 -4.40 12.43 -37.39
C TRP B 245 -5.61 11.50 -37.45
N ARG B 246 -5.88 10.89 -38.61
CA ARG B 246 -6.98 9.96 -38.77
C ARG B 246 -6.80 8.67 -37.94
N PHE B 247 -5.58 8.13 -37.91
CA PHE B 247 -5.25 6.96 -37.06
C PHE B 247 -5.52 7.25 -35.57
N VAL B 248 -5.29 8.49 -35.13
CA VAL B 248 -5.42 8.88 -33.75
C VAL B 248 -6.92 8.89 -33.39
N GLU B 249 -7.72 9.60 -34.20
CA GLU B 249 -9.17 9.67 -33.99
C GLU B 249 -9.81 8.29 -33.99
N ARG B 250 -9.36 7.41 -34.89
CA ARG B 250 -9.95 6.08 -35.10
C ARG B 250 -9.60 5.11 -33.99
N SER B 251 -8.37 5.25 -33.49
CA SER B 251 -7.89 4.40 -32.41
C SER B 251 -8.62 4.74 -31.12
N MET B 252 -8.66 6.02 -30.78
CA MET B 252 -9.21 6.49 -29.51
C MET B 252 -10.76 6.48 -29.42
N ALA B 253 -11.43 6.36 -30.55
CA ALA B 253 -12.89 6.18 -30.59
C ALA B 253 -13.31 4.77 -30.19
N MET B 254 -12.37 3.82 -30.14
CA MET B 254 -12.66 2.47 -29.66
C MET B 254 -12.60 2.43 -28.14
N LYS B 255 -13.69 1.95 -27.54
CA LYS B 255 -13.94 2.04 -26.10
C LYS B 255 -13.86 0.65 -25.45
N PRO B 256 -13.38 0.55 -24.20
CA PRO B 256 -12.78 1.66 -23.44
C PRO B 256 -11.54 2.28 -24.12
N MET B 257 -11.38 3.59 -23.93
CA MET B 257 -10.38 4.37 -24.64
C MET B 257 -9.02 4.19 -24.01
N LYS B 258 -8.03 3.88 -24.84
CA LYS B 258 -6.59 3.88 -24.39
C LYS B 258 -5.73 4.97 -25.08
N PRO B 259 -4.53 5.26 -24.55
CA PRO B 259 -3.60 6.18 -25.22
C PRO B 259 -3.12 5.59 -26.54
N VAL B 260 -2.76 6.43 -27.51
CA VAL B 260 -2.23 5.98 -28.79
C VAL B 260 -1.02 6.86 -29.17
N ILE B 261 -0.15 6.29 -29.99
CA ILE B 261 1.05 7.00 -30.47
C ILE B 261 1.42 6.51 -31.83
N ASP B 262 2.00 7.40 -32.62
CA ASP B 262 2.56 7.05 -33.93
C ASP B 262 3.93 6.46 -33.62
N GLY B 263 4.02 5.14 -33.68
CA GLY B 263 5.27 4.45 -33.44
C GLY B 263 6.24 4.42 -34.61
N GLU B 264 5.76 4.81 -35.80
CA GLU B 264 6.56 4.83 -37.01
C GLU B 264 5.87 5.73 -38.04
N PRO B 265 6.18 7.04 -37.96
CA PRO B 265 5.79 7.94 -39.02
C PRO B 265 6.81 7.86 -40.14
N ILE B 266 6.70 8.75 -41.11
CA ILE B 266 7.71 8.91 -42.14
C ILE B 266 9.07 9.12 -41.49
N TYR B 267 10.09 8.52 -42.04
CA TYR B 267 11.43 8.77 -41.57
C TYR B 267 12.09 9.86 -42.40
N GLU B 268 12.85 10.74 -41.74
CA GLU B 268 13.70 11.69 -42.42
C GLU B 268 14.66 11.00 -43.46
N GLU B 269 14.68 11.55 -44.69
CA GLU B 269 15.52 11.11 -45.82
C GLU B 269 15.19 9.74 -46.38
N ILE B 270 14.00 9.20 -46.08
CA ILE B 270 13.53 7.96 -46.72
C ILE B 270 12.67 8.36 -47.93
N PRO B 271 12.76 7.62 -49.03
CA PRO B 271 11.97 8.00 -50.21
C PRO B 271 10.46 7.75 -50.06
N HIS B 272 9.63 8.58 -50.71
CA HIS B 272 8.16 8.46 -50.64
C HIS B 272 7.77 7.05 -51.07
N GLY B 273 7.21 6.28 -50.15
CA GLY B 273 6.66 4.96 -50.48
C GLY B 273 7.62 3.78 -50.45
N LEU B 274 8.87 4.02 -50.07
CA LEU B 274 9.93 2.96 -49.93
C LEU B 274 10.44 2.23 -51.20
N HIS B 275 9.60 1.96 -52.20
CA HIS B 275 9.99 1.03 -53.29
C HIS B 275 11.01 1.60 -54.28
N ASP B 276 10.93 2.91 -54.55
CA ASP B 276 11.78 3.55 -55.54
C ASP B 276 12.80 4.42 -54.82
N GLU B 277 14.04 3.95 -54.79
CA GLU B 277 15.12 4.67 -54.10
C GLU B 277 15.49 6.06 -54.68
N ASN B 278 15.02 6.38 -55.88
CA ASN B 278 15.26 7.72 -56.48
C ASN B 278 14.08 8.68 -56.36
N GLU B 279 13.03 8.29 -55.60
CA GLU B 279 11.90 9.15 -55.35
C GLU B 279 12.30 10.36 -54.50
N LEU B 280 11.37 11.32 -54.40
CA LEU B 280 11.54 12.42 -53.45
C LEU B 280 11.75 11.86 -52.04
N LEU B 281 12.50 12.62 -51.26
CA LEU B 281 12.80 12.30 -49.88
C LEU B 281 11.93 13.14 -48.93
N TRP B 282 11.42 12.47 -47.89
CA TRP B 282 10.74 13.15 -46.78
C TRP B 282 11.74 14.06 -46.08
N LYS B 283 11.36 15.29 -45.79
CA LYS B 283 12.28 16.29 -45.22
C LYS B 283 11.90 16.67 -43.79
N ASP B 284 12.65 17.59 -43.21
CA ASP B 284 12.44 17.98 -41.84
C ASP B 284 11.04 18.58 -41.64
N TYR B 285 10.59 19.39 -42.62
CA TYR B 285 9.25 20.00 -42.54
C TYR B 285 8.16 18.96 -42.53
N ASP B 286 8.34 17.89 -43.28
CA ASP B 286 7.40 16.77 -43.28
C ASP B 286 7.42 16.06 -41.92
N VAL B 287 8.62 15.81 -41.41
CA VAL B 287 8.80 15.18 -40.11
C VAL B 287 8.06 15.94 -39.01
N ARG B 288 8.15 17.27 -39.03
CA ARG B 288 7.44 18.12 -38.07
C ARG B 288 5.92 18.01 -38.24
N ARG B 289 5.44 18.09 -39.49
CA ARG B 289 3.99 17.98 -39.73
C ARG B 289 3.40 16.71 -39.09
N TYR B 290 4.01 15.55 -39.34
CA TYR B 290 3.52 14.28 -38.78
C TYR B 290 3.54 14.25 -37.24
N ALA B 291 4.56 14.85 -36.63
CA ALA B 291 4.67 14.92 -35.20
C ALA B 291 3.56 15.79 -34.57
N TYR B 292 3.43 17.04 -35.00
CA TYR B 292 2.41 17.92 -34.46
C TYR B 292 0.97 17.45 -34.84
N TRP B 293 0.78 16.95 -36.06
CA TRP B 293 -0.52 16.35 -36.43
C TRP B 293 -0.94 15.18 -35.53
N SER B 294 -0.01 14.28 -35.19
CA SER B 294 -0.35 13.17 -34.30
C SER B 294 -0.62 13.63 -32.89
N VAL B 295 0.28 14.43 -32.33
CA VAL B 295 0.15 14.95 -30.95
C VAL B 295 -1.09 15.87 -30.76
N PHE B 296 -1.32 16.82 -31.66
CA PHE B 296 -2.51 17.67 -31.55
C PHE B 296 -3.84 16.92 -31.80
N ALA B 297 -3.79 15.78 -32.48
CA ALA B 297 -4.97 14.94 -32.65
C ALA B 297 -5.31 14.11 -31.38
N GLY B 298 -4.34 13.97 -30.47
CA GLY B 298 -4.57 13.31 -29.18
C GLY B 298 -3.55 12.28 -28.73
N SER B 299 -2.52 12.01 -29.56
CA SER B 299 -1.44 11.10 -29.16
C SER B 299 -0.65 11.60 -27.95
N PHE B 300 -0.19 10.65 -27.15
CA PHE B 300 0.40 10.97 -25.86
C PHE B 300 1.83 11.42 -25.95
N GLY B 301 2.45 11.09 -27.09
CA GLY B 301 3.74 11.62 -27.47
C GLY B 301 4.01 11.25 -28.93
N HIS B 302 5.29 11.11 -29.30
CA HIS B 302 5.67 10.82 -30.67
C HIS B 302 7.04 10.12 -30.78
N THR B 303 7.13 9.19 -31.73
CA THR B 303 8.40 8.58 -32.13
C THR B 303 8.82 9.14 -33.49
N TYR B 304 10.09 9.54 -33.57
CA TYR B 304 10.75 10.02 -34.77
C TYR B 304 11.66 8.91 -35.28
N GLY B 305 11.91 8.94 -36.58
CA GLY B 305 12.96 8.10 -37.19
C GLY B 305 13.69 8.77 -38.38
N HIS B 306 14.92 8.30 -38.64
CA HIS B 306 15.77 8.70 -39.77
C HIS B 306 16.23 7.45 -40.51
N ASN B 307 16.10 7.49 -41.82
CA ASN B 307 16.53 6.38 -42.71
C ASN B 307 17.90 5.80 -42.40
N SER B 308 18.91 6.64 -42.31
CA SER B 308 20.26 6.22 -41.94
C SER B 308 20.51 5.76 -40.51
N ILE B 309 19.83 6.36 -39.55
CA ILE B 309 20.05 6.02 -38.13
C ILE B 309 19.38 4.69 -37.83
N MET B 310 18.17 4.49 -38.35
CA MET B 310 17.41 3.28 -38.00
C MET B 310 18.09 2.00 -38.45
N GLN B 311 18.96 2.07 -39.46
CA GLN B 311 19.69 0.89 -39.93
C GLN B 311 21.17 0.93 -39.60
N PHE B 312 21.58 2.00 -38.92
CA PHE B 312 22.98 2.21 -38.54
C PHE B 312 23.93 2.00 -39.69
N ILE B 313 23.64 2.74 -40.77
CA ILE B 313 24.43 2.76 -41.99
C ILE B 313 25.85 3.13 -41.68
N LYS B 314 26.80 2.35 -42.20
CA LYS B 314 28.23 2.64 -42.06
C LYS B 314 28.86 2.60 -43.43
N PRO B 315 29.94 3.38 -43.64
CA PRO B 315 30.70 3.18 -44.88
C PRO B 315 31.08 1.70 -45.03
N GLY B 316 30.88 1.13 -46.21
CA GLY B 316 31.24 -0.25 -46.50
C GLY B 316 30.06 -1.18 -46.49
N VAL B 317 28.88 -0.62 -46.19
CA VAL B 317 27.66 -1.40 -46.04
C VAL B 317 26.52 -0.77 -46.88
N GLY B 318 25.78 -1.63 -47.58
CA GLY B 318 24.68 -1.22 -48.45
C GLY B 318 23.50 -0.74 -47.60
N GLY B 319 23.08 0.49 -47.82
CA GLY B 319 21.86 1.00 -47.26
C GLY B 319 20.64 0.47 -47.97
N ALA B 320 19.59 0.14 -47.19
CA ALA B 320 18.25 -0.02 -47.73
C ALA B 320 17.65 1.38 -47.94
N TYR B 321 16.69 1.44 -48.88
CA TYR B 321 15.92 2.65 -49.17
C TYR B 321 16.79 3.85 -49.63
N GLY B 322 17.84 3.54 -50.40
CA GLY B 322 18.77 4.54 -50.88
C GLY B 322 19.65 5.24 -49.86
N ALA B 323 19.66 4.77 -48.62
CA ALA B 323 20.42 5.45 -47.56
C ALA B 323 21.94 5.41 -47.86
N LYS B 324 22.61 6.57 -47.83
CA LYS B 324 24.09 6.64 -48.09
C LYS B 324 24.83 7.35 -46.94
N LYS B 325 24.29 8.45 -46.46
CA LYS B 325 24.85 9.11 -45.30
C LYS B 325 24.97 8.14 -44.08
N PRO B 326 26.18 8.05 -43.50
CA PRO B 326 26.38 7.29 -42.27
C PRO B 326 25.52 7.80 -41.08
N TRP B 327 25.11 6.85 -40.23
CA TRP B 327 24.24 7.16 -39.09
C TRP B 327 24.80 8.29 -38.22
N TYR B 328 26.12 8.32 -38.03
CA TYR B 328 26.75 9.30 -37.14
C TYR B 328 26.82 10.72 -37.73
N ASP B 329 26.76 10.84 -39.07
CA ASP B 329 26.55 12.13 -39.77
C ASP B 329 25.09 12.55 -39.74
N ALA B 330 24.15 11.59 -39.77
CA ALA B 330 22.71 11.89 -39.78
C ALA B 330 22.22 12.47 -38.45
N LEU B 331 22.99 12.25 -37.38
CA LEU B 331 22.81 12.98 -36.12
C LEU B 331 22.78 14.52 -36.24
N ASN B 332 23.38 15.09 -37.29
CA ASN B 332 23.30 16.53 -37.57
C ASN B 332 22.16 16.97 -38.45
N ASP B 333 21.31 16.06 -38.90
CA ASP B 333 20.22 16.43 -39.79
C ASP B 333 19.13 17.11 -39.00
N PRO B 334 18.35 17.95 -39.66
CA PRO B 334 17.56 18.92 -38.93
C PRO B 334 16.34 18.35 -38.18
N GLY B 335 15.60 17.48 -38.82
CA GLY B 335 14.42 16.85 -38.23
C GLY B 335 14.73 16.24 -36.88
N TYR B 336 15.83 15.47 -36.84
CA TYR B 336 16.30 14.83 -35.60
C TYR B 336 16.62 15.85 -34.50
N ASN B 337 17.11 17.04 -34.89
CA ASN B 337 17.40 18.13 -33.93
C ASN B 337 16.21 19.03 -33.61
N GLN B 338 15.05 18.75 -34.18
CA GLN B 338 13.85 19.55 -33.94
C GLN B 338 12.81 18.93 -32.98
N MET B 339 12.91 17.64 -32.70
CA MET B 339 11.85 16.97 -31.92
C MET B 339 11.79 17.41 -30.44
N LYS B 340 12.91 17.85 -29.91
CA LYS B 340 12.96 18.47 -28.59
C LYS B 340 11.98 19.65 -28.43
N TYR B 341 11.69 20.40 -29.50
CA TYR B 341 10.82 21.60 -29.40
C TYR B 341 9.34 21.22 -29.27
N LEU B 342 9.00 20.02 -29.73
CA LEU B 342 7.67 19.48 -29.47
C LEU B 342 7.56 19.04 -28.00
N LYS B 343 8.59 18.37 -27.51
CA LYS B 343 8.60 17.93 -26.12
C LYS B 343 8.44 19.10 -25.18
N ASN B 344 9.27 20.13 -25.35
CA ASN B 344 9.27 21.26 -24.43
C ASN B 344 7.97 21.98 -24.42
N LEU B 345 7.31 22.05 -25.58
CA LEU B 345 6.06 22.78 -25.71
C LEU B 345 5.03 22.09 -24.85
N MET B 346 4.88 20.78 -25.03
CA MET B 346 3.81 20.03 -24.39
C MET B 346 3.97 19.94 -22.86
N LEU B 347 5.23 19.95 -22.36
CA LEU B 347 5.50 19.99 -20.90
C LEU B 347 5.35 21.39 -20.28
N THR B 348 5.19 22.42 -21.11
CA THR B 348 4.95 23.78 -20.63
C THR B 348 3.55 23.98 -20.01
N PHE B 349 2.59 23.15 -20.40
CA PHE B 349 1.17 23.34 -20.02
C PHE B 349 0.57 22.17 -19.27
N PRO B 350 -0.47 22.43 -18.44
CA PRO B 350 -1.23 21.36 -17.77
C PRO B 350 -1.47 20.18 -18.69
N PHE B 351 -1.06 19.02 -18.23
CA PHE B 351 -0.79 17.91 -19.11
C PHE B 351 -2.01 17.03 -19.28
N PHE B 352 -2.59 16.59 -18.16
CA PHE B 352 -3.63 15.53 -18.21
C PHE B 352 -5.02 15.94 -18.64
N GLU B 353 -5.31 17.24 -18.57
CA GLU B 353 -6.61 17.76 -19.06
C GLU B 353 -6.66 18.04 -20.57
N ARG B 354 -5.53 17.91 -21.26
CA ARG B 354 -5.49 18.26 -22.66
C ARG B 354 -6.39 17.33 -23.47
N VAL B 355 -7.17 17.92 -24.38
CA VAL B 355 -7.95 17.11 -25.32
C VAL B 355 -7.76 17.69 -26.74
N PRO B 356 -7.94 16.85 -27.76
CA PRO B 356 -8.02 17.40 -29.11
C PRO B 356 -9.36 18.13 -29.28
N ASP B 357 -9.40 19.19 -30.08
CA ASP B 357 -10.65 19.96 -30.25
C ASP B 357 -10.64 20.82 -31.50
N GLN B 358 -11.12 20.24 -32.59
CA GLN B 358 -11.26 20.98 -33.85
C GLN B 358 -12.20 22.21 -33.76
N SER B 359 -13.19 22.19 -32.87
CA SER B 359 -14.08 23.36 -32.69
C SER B 359 -13.37 24.64 -32.25
N VAL B 360 -12.13 24.54 -31.76
CA VAL B 360 -11.29 25.72 -31.49
C VAL B 360 -11.08 26.56 -32.76
N ILE B 361 -11.07 25.89 -33.91
CA ILE B 361 -10.93 26.50 -35.21
C ILE B 361 -12.33 26.80 -35.76
N ALA B 362 -12.59 28.09 -35.95
CA ALA B 362 -13.87 28.56 -36.45
C ALA B 362 -13.80 28.71 -37.97
N GLY B 363 -14.94 29.06 -38.57
CA GLY B 363 -15.00 29.28 -40.00
C GLY B 363 -14.73 28.00 -40.75
N GLN B 364 -14.09 28.17 -41.90
CA GLN B 364 -13.84 27.10 -42.86
C GLN B 364 -12.35 26.68 -42.72
N ASN B 365 -12.09 25.45 -42.29
CA ASN B 365 -10.70 24.95 -42.17
C ASN B 365 -10.20 24.46 -43.53
N GLY B 366 -8.88 24.50 -43.75
CA GLY B 366 -8.30 23.96 -44.98
C GLY B 366 -8.42 22.46 -45.12
N GLU B 367 -7.99 21.95 -46.25
CA GLU B 367 -7.87 20.50 -46.43
C GLU B 367 -6.40 20.18 -46.70
N ARG B 368 -6.05 18.90 -46.68
CA ARG B 368 -4.67 18.41 -46.77
C ARG B 368 -3.70 19.21 -45.89
N TYR B 369 -2.68 19.85 -46.45
CA TYR B 369 -1.67 20.55 -45.64
C TYR B 369 -2.25 21.77 -44.97
N ASP B 370 -3.30 22.33 -45.56
CA ASP B 370 -3.97 23.50 -45.00
C ASP B 370 -4.91 23.18 -43.80
N ARG B 371 -5.15 21.92 -43.50
CA ARG B 371 -5.92 21.57 -42.28
C ARG B 371 -5.17 21.93 -41.00
N ALA B 372 -5.54 23.06 -40.42
CA ALA B 372 -5.02 23.41 -39.10
C ALA B 372 -5.65 22.46 -38.10
N ILE B 373 -4.95 22.30 -36.98
CA ILE B 373 -5.28 21.29 -35.99
C ILE B 373 -5.14 21.92 -34.58
N ALA B 374 -6.06 21.59 -33.67
CA ALA B 374 -6.05 22.23 -32.35
C ALA B 374 -6.26 21.30 -31.20
N THR B 375 -5.70 21.73 -30.08
CA THR B 375 -5.76 21.01 -28.84
C THR B 375 -5.90 22.02 -27.71
N ARG B 376 -6.55 21.63 -26.62
CA ARG B 376 -6.61 22.53 -25.46
C ARG B 376 -6.66 21.81 -24.14
N GLY B 377 -6.40 22.57 -23.09
CA GLY B 377 -6.85 22.26 -21.74
C GLY B 377 -8.07 23.11 -21.39
N ASN B 378 -8.17 23.49 -20.11
CA ASN B 378 -9.27 24.34 -19.60
C ASN B 378 -8.97 25.82 -19.75
N ASP B 379 -7.69 26.18 -19.69
CA ASP B 379 -7.25 27.56 -19.69
C ASP B 379 -6.13 27.87 -20.75
N TYR B 380 -5.88 26.94 -21.67
CA TYR B 380 -4.90 27.14 -22.72
C TYR B 380 -5.34 26.41 -23.99
N LEU B 381 -4.96 26.98 -25.13
CA LEU B 381 -5.11 26.25 -26.36
C LEU B 381 -3.92 26.52 -27.28
N MET B 382 -3.76 25.61 -28.26
CA MET B 382 -2.68 25.69 -29.26
C MET B 382 -3.23 25.32 -30.64
N VAL B 383 -2.91 26.11 -31.66
CA VAL B 383 -3.29 25.75 -33.04
C VAL B 383 -2.04 25.67 -33.91
N TYR B 384 -1.86 24.51 -34.53
CA TYR B 384 -0.73 24.19 -35.40
C TYR B 384 -1.15 24.39 -36.85
N ASN B 385 -0.47 25.33 -37.49
CA ASN B 385 -0.72 25.73 -38.88
C ASN B 385 0.55 25.43 -39.69
N TYR B 386 0.48 24.39 -40.54
CA TYR B 386 1.60 24.00 -41.39
C TYR B 386 1.92 25.01 -42.50
N THR B 387 0.90 25.42 -43.27
CA THR B 387 1.10 26.31 -44.42
C THR B 387 1.04 27.81 -44.15
N GLY B 388 0.49 28.24 -43.03
CA GLY B 388 0.23 29.65 -42.79
C GLY B 388 -1.03 30.19 -43.47
N ARG B 389 -1.94 29.33 -43.94
CA ARG B 389 -3.27 29.82 -44.33
C ARG B 389 -3.90 30.57 -43.14
N PRO B 390 -4.49 31.76 -43.39
CA PRO B 390 -5.16 32.45 -42.28
C PRO B 390 -6.24 31.59 -41.63
N MET B 391 -6.41 31.80 -40.34
CA MET B 391 -7.33 30.97 -39.59
C MET B 391 -8.05 31.83 -38.57
N GLU B 392 -9.26 31.38 -38.24
CA GLU B 392 -9.99 31.95 -37.13
C GLU B 392 -10.11 30.98 -35.95
N VAL B 393 -9.72 31.50 -34.79
CA VAL B 393 -9.55 30.75 -33.56
C VAL B 393 -10.56 31.30 -32.53
N ASP B 394 -11.36 30.40 -31.97
CA ASP B 394 -12.45 30.73 -31.03
C ASP B 394 -11.96 30.73 -29.59
N PHE B 395 -11.57 31.89 -29.06
CA PHE B 395 -10.96 31.99 -27.72
C PHE B 395 -11.92 31.67 -26.55
N SER B 396 -13.23 31.65 -26.82
CA SER B 396 -14.26 31.33 -25.81
C SER B 396 -14.28 29.84 -25.38
N LYS B 397 -13.39 29.01 -25.94
CA LYS B 397 -13.38 27.58 -25.61
C LYS B 397 -12.60 27.29 -24.33
N ILE B 398 -11.88 28.28 -23.82
CA ILE B 398 -11.11 28.17 -22.59
C ILE B 398 -11.44 29.34 -21.65
N SER B 399 -11.01 29.22 -20.41
CA SER B 399 -11.25 30.22 -19.39
C SER B 399 -10.56 31.56 -19.73
N GLY B 400 -11.07 32.63 -19.12
CA GLY B 400 -10.41 33.91 -19.11
C GLY B 400 -11.24 34.92 -19.86
N ALA B 401 -11.27 36.13 -19.30
CA ALA B 401 -11.98 37.25 -19.89
C ALA B 401 -11.06 37.92 -20.88
N LYS B 402 -9.78 37.95 -20.53
CA LYS B 402 -8.71 38.31 -21.44
C LYS B 402 -7.80 37.06 -21.68
N LYS B 403 -7.22 36.98 -22.89
CA LYS B 403 -6.16 36.01 -23.28
C LYS B 403 -4.89 36.71 -23.76
N ASN B 404 -3.73 36.16 -23.40
CA ASN B 404 -2.46 36.47 -24.09
C ASN B 404 -2.25 35.46 -25.22
N ALA B 405 -1.59 35.89 -26.30
CA ALA B 405 -1.31 35.04 -27.50
C ALA B 405 0.14 35.13 -27.98
N TRP B 406 0.68 33.96 -28.35
CA TRP B 406 2.06 33.86 -28.86
C TRP B 406 2.15 32.97 -30.10
N TRP B 407 3.15 33.26 -30.91
CA TRP B 407 3.59 32.38 -31.99
C TRP B 407 4.82 31.59 -31.52
N TYR B 408 4.83 30.32 -31.83
CA TYR B 408 5.95 29.42 -31.56
C TYR B 408 6.38 28.80 -32.89
N THR B 409 7.61 29.08 -33.34
CA THR B 409 8.13 28.49 -34.58
C THR B 409 8.79 27.14 -34.26
N THR B 410 8.17 26.07 -34.74
CA THR B 410 8.56 24.71 -34.38
C THR B 410 9.96 24.23 -34.88
N LYS B 411 10.53 24.86 -35.91
CA LYS B 411 11.87 24.46 -36.38
C LYS B 411 13.04 24.93 -35.50
N ASP B 412 12.77 25.93 -34.64
CA ASP B 412 13.79 26.50 -33.74
C ASP B 412 13.34 26.79 -32.29
N GLY B 413 12.07 26.52 -31.97
CA GLY B 413 11.48 26.86 -30.69
C GLY B 413 11.50 28.34 -30.30
N LYS B 414 11.47 29.25 -31.27
CA LYS B 414 11.40 30.69 -30.93
C LYS B 414 9.97 31.05 -30.56
N LEU B 415 9.88 32.09 -29.76
CA LEU B 415 8.63 32.52 -29.17
C LEU B 415 8.47 34.01 -29.50
N GLU B 416 7.31 34.38 -30.04
CA GLU B 416 6.97 35.79 -30.33
C GLU B 416 5.60 36.12 -29.71
N TYR B 417 5.62 37.10 -28.80
CA TYR B 417 4.41 37.66 -28.22
C TYR B 417 3.65 38.52 -29.24
N ILE B 418 2.39 38.15 -29.48
CA ILE B 418 1.47 38.89 -30.37
C ILE B 418 0.80 40.05 -29.61
N GLY B 419 0.15 39.72 -28.49
CA GLY B 419 -0.53 40.72 -27.66
C GLY B 419 -1.66 40.08 -26.87
N GLU B 420 -2.56 40.92 -26.36
CA GLU B 420 -3.63 40.47 -25.47
C GLU B 420 -5.01 40.86 -25.97
N PHE B 421 -5.94 39.90 -25.91
CA PHE B 421 -7.17 39.87 -26.71
C PHE B 421 -8.41 39.65 -25.85
N ASP B 422 -9.55 40.21 -26.25
CA ASP B 422 -10.84 39.90 -25.58
C ASP B 422 -11.25 38.45 -25.92
N ASN B 423 -12.45 38.03 -25.51
CA ASN B 423 -12.82 36.61 -25.45
C ASN B 423 -13.65 36.07 -26.63
N GLY B 424 -13.50 36.65 -27.82
CA GLY B 424 -14.24 36.15 -29.00
C GLY B 424 -13.43 35.32 -29.99
N VAL B 425 -13.98 35.22 -31.20
CA VAL B 425 -13.32 34.63 -32.37
C VAL B 425 -12.34 35.64 -32.92
N HIS B 426 -11.08 35.24 -33.16
CA HIS B 426 -10.09 36.15 -33.74
C HIS B 426 -9.36 35.54 -34.94
N LYS B 427 -8.86 36.41 -35.82
CA LYS B 427 -8.18 36.00 -37.08
C LYS B 427 -6.68 36.10 -36.89
N PHE B 428 -5.95 35.09 -37.39
CA PHE B 428 -4.47 35.09 -37.30
C PHE B 428 -3.81 34.63 -38.60
N GLN B 429 -2.66 35.22 -38.90
CA GLN B 429 -1.86 34.86 -40.08
C GLN B 429 -0.42 35.23 -39.80
N HIS B 430 0.43 34.22 -39.74
CA HIS B 430 1.84 34.43 -39.47
C HIS B 430 2.51 35.09 -40.69
N ASP B 431 3.33 36.10 -40.41
CA ASP B 431 4.14 36.81 -41.39
C ASP B 431 5.33 35.93 -41.86
N SER B 432 5.01 34.99 -42.74
CA SER B 432 5.99 34.08 -43.33
C SER B 432 5.39 33.44 -44.57
N GLY B 433 6.28 32.84 -45.36
CA GLY B 433 5.94 32.31 -46.68
C GLY B 433 4.81 31.33 -46.60
N TYR B 434 3.83 31.45 -47.49
CA TYR B 434 2.76 30.50 -47.54
C TYR B 434 3.31 29.19 -48.11
N SER B 435 2.99 28.09 -47.41
CA SER B 435 3.26 26.72 -47.83
C SER B 435 4.77 26.52 -48.06
N SER B 436 5.58 27.19 -47.25
CA SER B 436 7.03 27.16 -47.34
C SER B 436 7.71 26.27 -46.27
N GLY B 437 6.96 25.35 -45.65
CA GLY B 437 7.41 24.63 -44.47
C GLY B 437 7.88 25.49 -43.29
N ASN B 438 7.32 26.70 -43.14
CA ASN B 438 7.52 27.51 -41.94
C ASN B 438 6.30 27.38 -41.04
N ASP B 439 6.16 26.19 -40.49
CA ASP B 439 5.03 25.83 -39.65
C ASP B 439 5.16 26.49 -38.27
N HIS B 440 4.02 26.70 -37.65
CA HIS B 440 3.95 27.49 -36.44
C HIS B 440 2.77 27.02 -35.57
N VAL B 441 2.90 27.22 -34.28
CA VAL B 441 1.84 27.02 -33.31
C VAL B 441 1.44 28.38 -32.74
N LEU B 442 0.13 28.65 -32.78
CA LEU B 442 -0.43 29.81 -32.06
C LEU B 442 -0.70 29.32 -30.64
N ILE B 443 -0.09 29.96 -29.63
CA ILE B 443 -0.34 29.65 -28.20
C ILE B 443 -1.25 30.72 -27.62
N VAL B 444 -2.33 30.32 -26.96
CA VAL B 444 -3.30 31.24 -26.35
C VAL B 444 -3.60 30.79 -24.92
N VAL B 445 -3.40 31.70 -23.97
CA VAL B 445 -3.52 31.40 -22.55
C VAL B 445 -4.39 32.43 -21.85
N ASP B 446 -5.26 31.95 -20.95
CA ASP B 446 -5.95 32.78 -19.93
C ASP B 446 -4.95 33.78 -19.38
N SER B 447 -5.29 35.07 -19.40
CA SER B 447 -4.35 36.12 -18.95
C SER B 447 -4.00 36.03 -17.47
N SER B 448 -4.85 35.43 -16.64
CA SER B 448 -4.57 35.25 -15.21
C SER B 448 -3.63 34.06 -14.90
N LYS B 449 -3.16 33.36 -15.93
CA LYS B 449 -2.22 32.24 -15.77
C LYS B 449 -0.84 32.63 -16.33
N ASP B 450 0.18 31.86 -16.00
CA ASP B 450 1.57 32.32 -16.16
C ASP B 450 2.55 31.29 -16.80
N TYR B 451 2.01 30.33 -17.55
CA TYR B 451 2.80 29.20 -18.08
C TYR B 451 3.95 29.52 -19.02
N VAL B 452 3.93 30.67 -19.71
CA VAL B 452 4.95 30.99 -20.72
C VAL B 452 6.00 31.97 -20.19
N LYS C 8 -32.91 -30.02 -4.73
CA LYS C 8 -31.61 -29.58 -5.35
C LYS C 8 -30.78 -28.75 -4.33
N THR C 9 -29.56 -29.22 -4.02
CA THR C 9 -28.80 -28.67 -2.88
C THR C 9 -28.16 -27.31 -3.20
N TYR C 10 -28.47 -26.31 -2.39
CA TYR C 10 -27.82 -25.00 -2.45
C TYR C 10 -26.30 -25.07 -2.14
N ILE C 11 -25.51 -24.47 -3.05
CA ILE C 11 -24.08 -24.34 -2.91
C ILE C 11 -23.75 -22.86 -2.83
N PRO C 12 -23.46 -22.34 -1.62
CA PRO C 12 -23.22 -20.91 -1.46
C PRO C 12 -22.14 -20.31 -2.38
N TRP C 13 -21.07 -21.04 -2.62
CA TRP C 13 -19.91 -20.52 -3.37
C TRP C 13 -20.13 -20.59 -4.89
N SER C 14 -21.28 -21.11 -5.33
CA SER C 14 -21.69 -20.92 -6.72
C SER C 14 -21.87 -19.40 -7.05
N ASN C 15 -22.05 -18.59 -6.01
CA ASN C 15 -22.05 -17.14 -6.09
C ASN C 15 -20.64 -16.52 -5.89
N GLY C 16 -19.57 -17.31 -5.90
CA GLY C 16 -18.20 -16.77 -5.68
C GLY C 16 -17.71 -16.77 -4.23
N LYS C 17 -16.45 -16.45 -4.06
CA LYS C 17 -15.87 -16.53 -2.73
C LYS C 17 -16.42 -15.48 -1.78
N LEU C 18 -16.16 -15.68 -0.49
CA LEU C 18 -16.70 -14.82 0.54
C LEU C 18 -15.86 -13.56 0.62
N VAL C 19 -16.52 -12.43 0.84
CA VAL C 19 -15.88 -11.12 0.89
C VAL C 19 -16.56 -10.31 1.97
N VAL C 20 -15.82 -9.42 2.64
CA VAL C 20 -16.45 -8.42 3.54
C VAL C 20 -17.09 -7.28 2.71
N SER C 21 -18.36 -6.98 3.00
CA SER C 21 -19.21 -6.01 2.28
C SER C 21 -18.73 -4.58 2.60
N GLU C 22 -19.05 -3.61 1.73
CA GLU C 22 -18.43 -2.24 1.74
C GLU C 22 -18.68 -1.44 3.01
N GLU C 23 -19.91 -1.53 3.51
CA GLU C 23 -20.29 -0.92 4.77
C GLU C 23 -19.50 -1.50 5.99
N GLY C 24 -18.82 -2.64 5.81
CA GLY C 24 -17.98 -3.24 6.88
C GLY C 24 -18.73 -3.92 8.04
N ARG C 25 -19.97 -4.40 7.76
CA ARG C 25 -20.84 -5.08 8.74
C ARG C 25 -21.14 -6.53 8.41
N TYR C 26 -21.15 -6.90 7.15
CA TYR C 26 -21.69 -8.18 6.72
C TYR C 26 -20.74 -8.88 5.76
N LEU C 27 -20.98 -10.16 5.53
CA LEU C 27 -20.29 -10.92 4.49
C LEU C 27 -21.24 -11.11 3.33
N LYS C 28 -20.65 -11.13 2.14
CA LYS C 28 -21.35 -11.39 0.87
C LYS C 28 -20.50 -12.36 0.08
N HIS C 29 -21.07 -12.90 -0.99
CA HIS C 29 -20.26 -13.55 -2.00
C HIS C 29 -19.81 -12.47 -3.01
N GLU C 30 -18.88 -12.82 -3.89
CA GLU C 30 -18.33 -11.89 -4.91
C GLU C 30 -19.46 -11.25 -5.73
N ASN C 31 -20.47 -12.01 -6.11
CA ASN C 31 -21.55 -11.44 -6.95
C ASN C 31 -22.57 -10.56 -6.19
N GLY C 32 -22.32 -10.21 -4.92
CA GLY C 32 -23.23 -9.40 -4.06
C GLY C 32 -24.26 -10.12 -3.18
N THR C 33 -24.51 -11.42 -3.44
CA THR C 33 -25.45 -12.25 -2.69
C THR C 33 -25.07 -12.31 -1.21
N PRO C 34 -26.06 -12.08 -0.31
CA PRO C 34 -25.72 -12.09 1.13
C PRO C 34 -25.25 -13.45 1.62
N PHE C 35 -24.38 -13.44 2.64
CA PHE C 35 -24.04 -14.67 3.37
C PHE C 35 -24.40 -14.48 4.83
N PHE C 36 -25.55 -15.04 5.23
CA PHE C 36 -25.88 -15.13 6.63
C PHE C 36 -25.32 -16.42 7.23
N TRP C 37 -24.33 -16.25 8.08
CA TRP C 37 -23.58 -17.37 8.65
C TRP C 37 -24.43 -17.92 9.78
N LEU C 38 -24.74 -19.21 9.67
CA LEU C 38 -25.39 -19.96 10.73
C LEU C 38 -24.49 -21.12 11.07
N GLY C 39 -23.77 -20.96 12.17
CA GLY C 39 -22.74 -21.91 12.55
C GLY C 39 -23.20 -22.99 13.52
N GLU C 40 -22.63 -24.16 13.33
CA GLU C 40 -22.77 -25.30 14.24
C GLU C 40 -21.39 -25.59 14.79
N THR C 41 -21.32 -26.02 16.05
CA THR C 41 -20.04 -26.29 16.68
C THR C 41 -19.68 -27.78 16.70
N GLY C 42 -18.88 -28.19 15.73
CA GLY C 42 -18.46 -29.59 15.65
C GLY C 42 -17.00 -29.79 16.01
N TRP C 43 -16.61 -29.35 17.19
CA TRP C 43 -15.20 -29.25 17.55
C TRP C 43 -14.37 -30.50 17.28
N LEU C 44 -14.85 -31.66 17.72
CA LEU C 44 -14.06 -32.90 17.64
C LEU C 44 -14.45 -33.80 16.44
N LEU C 45 -15.04 -33.20 15.41
CA LEU C 45 -15.45 -33.92 14.23
C LEU C 45 -14.24 -34.62 13.61
N PRO C 46 -13.12 -33.91 13.40
CA PRO C 46 -11.98 -34.58 12.79
C PRO C 46 -11.32 -35.71 13.58
N GLU C 47 -11.40 -35.62 14.92
CA GLU C 47 -10.74 -36.57 15.83
C GLU C 47 -11.61 -37.78 16.26
N ARG C 48 -12.94 -37.64 16.19
CA ARG C 48 -13.84 -38.63 16.79
C ARG C 48 -14.82 -39.29 15.89
N LEU C 49 -15.08 -38.73 14.72
CA LEU C 49 -16.06 -39.33 13.81
C LEU C 49 -15.36 -40.02 12.63
N ASN C 50 -15.93 -41.16 12.21
CA ASN C 50 -15.45 -41.91 11.06
C ASN C 50 -16.14 -41.41 9.81
N ARG C 51 -15.90 -42.05 8.67
CA ARG C 51 -16.46 -41.54 7.43
C ARG C 51 -17.98 -41.51 7.45
N ASP C 52 -18.60 -42.62 7.84
CA ASP C 52 -20.06 -42.73 7.85
C ASP C 52 -20.72 -41.74 8.84
N GLU C 53 -20.16 -41.61 10.03
CA GLU C 53 -20.72 -40.72 11.04
C GLU C 53 -20.59 -39.23 10.64
N ALA C 54 -19.43 -38.85 10.08
CA ALA C 54 -19.24 -37.50 9.59
C ALA C 54 -20.26 -37.12 8.53
N GLU C 55 -20.53 -38.00 7.58
CA GLU C 55 -21.52 -37.73 6.52
C GLU C 55 -22.92 -37.52 7.12
N TYR C 56 -23.25 -38.31 8.14
CA TYR C 56 -24.54 -38.22 8.83
C TYR C 56 -24.69 -36.89 9.60
N TYR C 57 -23.66 -36.56 10.38
CA TYR C 57 -23.61 -35.30 11.11
C TYR C 57 -23.80 -34.09 10.18
N LEU C 58 -23.02 -34.06 9.11
CA LEU C 58 -23.05 -32.95 8.16
C LEU C 58 -24.41 -32.89 7.48
N GLU C 59 -24.94 -34.05 7.05
CA GLU C 59 -26.27 -34.08 6.42
C GLU C 59 -27.33 -33.54 7.37
N GLN C 60 -27.28 -33.96 8.63
CA GLN C 60 -28.24 -33.50 9.64
C GLN C 60 -28.11 -32.01 9.92
N CYS C 61 -26.89 -31.47 9.82
CA CYS C 61 -26.68 -30.05 10.03
C CYS C 61 -27.26 -29.25 8.87
N LYS C 62 -26.94 -29.68 7.66
CA LYS C 62 -27.50 -29.09 6.46
C LYS C 62 -29.04 -29.07 6.54
N ARG C 63 -29.69 -30.16 6.94
CA ARG C 63 -31.17 -30.17 7.06
C ARG C 63 -31.72 -29.08 7.97
N ARG C 64 -30.93 -28.60 8.91
CA ARG C 64 -31.40 -27.61 9.86
C ARG C 64 -30.86 -26.25 9.57
N GLY C 65 -30.31 -26.05 8.37
CA GLY C 65 -30.01 -24.69 7.90
C GLY C 65 -28.62 -24.17 8.22
N TYR C 66 -27.82 -24.94 8.96
CA TYR C 66 -26.44 -24.55 9.27
C TYR C 66 -25.62 -24.53 7.98
N ASN C 67 -24.72 -23.56 7.88
CA ASN C 67 -23.86 -23.48 6.72
C ASN C 67 -22.37 -23.25 7.03
N VAL C 68 -22.01 -23.16 8.31
CA VAL C 68 -20.65 -23.21 8.75
C VAL C 68 -20.51 -24.26 9.86
N ILE C 69 -19.55 -25.15 9.73
CA ILE C 69 -19.25 -26.15 10.75
C ILE C 69 -17.88 -25.84 11.32
N GLN C 70 -17.84 -25.42 12.60
CA GLN C 70 -16.60 -25.09 13.29
C GLN C 70 -15.99 -26.36 13.89
N VAL C 71 -14.74 -26.63 13.51
CA VAL C 71 -13.99 -27.78 13.96
C VAL C 71 -12.59 -27.44 14.47
N GLN C 72 -12.08 -28.26 15.38
CA GLN C 72 -10.67 -28.23 15.76
C GLN C 72 -9.88 -29.14 14.80
N THR C 73 -9.23 -28.53 13.82
CA THR C 73 -8.44 -29.26 12.88
C THR C 73 -7.46 -30.17 13.66
N LEU C 74 -6.88 -29.60 14.71
CA LEU C 74 -6.03 -30.28 15.70
C LEU C 74 -6.40 -29.78 17.06
N ASN C 75 -6.49 -30.71 18.00
CA ASN C 75 -6.60 -30.38 19.41
C ASN C 75 -5.35 -30.68 20.20
N ASN C 76 -4.35 -31.33 19.59
CA ASN C 76 -3.11 -31.72 20.28
C ASN C 76 -2.00 -31.80 19.26
N VAL C 77 -0.76 -32.02 19.72
CA VAL C 77 0.40 -32.25 18.86
C VAL C 77 1.15 -33.54 19.30
N PRO C 78 1.00 -34.65 18.58
CA PRO C 78 0.08 -34.80 17.46
C PRO C 78 -1.40 -34.91 17.91
N SER C 79 -2.32 -34.70 16.99
CA SER C 79 -3.71 -35.16 17.20
C SER C 79 -3.87 -36.59 16.67
N MET C 80 -4.94 -37.26 17.08
CA MET C 80 -5.20 -38.65 16.71
C MET C 80 -6.66 -38.84 16.36
N ASN C 81 -6.95 -39.50 15.25
CA ASN C 81 -8.35 -39.65 14.83
C ASN C 81 -8.92 -41.02 15.25
N ILE C 82 -10.18 -41.27 14.92
CA ILE C 82 -10.85 -42.51 15.32
C ILE C 82 -10.22 -43.78 14.70
N TYR C 83 -9.55 -43.64 13.55
CA TYR C 83 -8.86 -44.77 12.96
C TYR C 83 -7.51 -45.05 13.59
N GLY C 84 -7.03 -44.20 14.50
CA GLY C 84 -5.72 -44.36 15.13
C GLY C 84 -4.56 -43.88 14.25
N GLN C 85 -4.81 -42.85 13.46
CA GLN C 85 -3.81 -42.19 12.63
C GLN C 85 -3.35 -40.92 13.31
N TYR C 86 -2.06 -40.69 13.36
CA TYR C 86 -1.49 -39.47 13.89
C TYR C 86 -1.53 -38.31 12.86
N SER C 87 -1.57 -37.09 13.36
CA SER C 87 -1.62 -35.90 12.47
C SER C 87 -0.21 -35.43 12.03
N MET C 88 0.80 -35.81 12.78
CA MET C 88 2.19 -35.58 12.43
C MET C 88 2.87 -36.92 12.59
N THR C 89 3.57 -37.36 11.56
CA THR C 89 4.35 -38.60 11.60
C THR C 89 5.86 -38.31 11.74
N ASP C 90 6.33 -37.12 11.32
CA ASP C 90 7.72 -36.65 11.47
C ASP C 90 7.78 -35.16 11.98
N GLY C 91 7.22 -34.92 13.15
CA GLY C 91 7.09 -33.57 13.70
C GLY C 91 6.40 -32.61 12.73
N TYR C 92 6.88 -31.35 12.69
CA TYR C 92 6.40 -30.35 11.74
C TYR C 92 6.97 -30.38 10.33
N ASN C 93 7.61 -31.49 9.96
CA ASN C 93 7.96 -31.72 8.58
C ASN C 93 6.83 -32.51 7.89
N PHE C 94 6.19 -31.85 6.93
CA PHE C 94 5.05 -32.42 6.22
C PHE C 94 5.37 -32.95 4.82
N LYS C 95 6.65 -33.07 4.46
CA LYS C 95 7.05 -33.43 3.08
C LYS C 95 6.48 -34.80 2.67
N ASN C 96 6.51 -35.78 3.58
CA ASN C 96 6.04 -37.13 3.30
C ASN C 96 4.84 -37.57 4.18
N ILE C 97 3.98 -36.63 4.53
CA ILE C 97 2.79 -36.91 5.31
C ILE C 97 1.84 -37.81 4.54
N ASN C 98 1.76 -37.64 3.23
CA ASN C 98 0.99 -38.55 2.40
C ASN C 98 1.78 -39.84 2.17
N GLN C 99 1.08 -40.96 2.22
CA GLN C 99 1.63 -42.28 2.01
C GLN C 99 0.70 -43.05 1.11
N LYS C 100 1.21 -43.63 0.04
CA LYS C 100 0.32 -44.30 -0.90
C LYS C 100 -0.34 -45.48 -0.18
N GLY C 101 -1.63 -45.64 -0.39
CA GLY C 101 -2.35 -46.77 0.23
C GLY C 101 -2.58 -46.66 1.74
N VAL C 102 -2.37 -45.47 2.32
CA VAL C 102 -2.71 -45.21 3.73
C VAL C 102 -3.75 -44.08 3.76
N TYR C 103 -4.87 -44.33 4.44
CA TYR C 103 -5.91 -43.33 4.67
C TYR C 103 -5.50 -42.60 5.95
N GLY C 104 -4.70 -41.54 5.74
CA GLY C 104 -4.09 -40.80 6.83
C GLY C 104 -5.05 -39.83 7.52
N TYR C 105 -4.56 -39.21 8.59
CA TYR C 105 -5.31 -38.20 9.31
C TYR C 105 -5.82 -37.12 8.37
N TRP C 106 -4.92 -36.65 7.50
CA TRP C 106 -5.24 -35.56 6.58
C TRP C 106 -6.05 -35.98 5.37
N ASP C 107 -6.04 -37.27 5.03
CA ASP C 107 -7.00 -37.79 4.05
C ASP C 107 -8.41 -37.80 4.65
N HIS C 108 -8.54 -38.05 5.94
CA HIS C 108 -9.85 -38.05 6.56
C HIS C 108 -10.33 -36.60 6.68
N MET C 109 -9.41 -35.67 6.97
CA MET C 109 -9.74 -34.25 6.97
C MET C 109 -10.17 -33.82 5.56
N ASP C 110 -9.46 -34.27 4.51
CA ASP C 110 -9.87 -33.93 3.10
C ASP C 110 -11.29 -34.42 2.85
N TYR C 111 -11.58 -35.67 3.26
CA TYR C 111 -12.91 -36.28 3.08
C TYR C 111 -14.03 -35.47 3.78
N ILE C 112 -13.76 -35.00 5.00
CA ILE C 112 -14.74 -34.19 5.77
C ILE C 112 -15.02 -32.93 5.03
N ILE C 113 -13.96 -32.27 4.59
CA ILE C 113 -14.06 -31.07 3.77
C ILE C 113 -14.84 -31.27 2.46
N ARG C 114 -14.56 -32.35 1.72
CA ARG C 114 -15.29 -32.65 0.45
C ARG C 114 -16.73 -33.07 0.67
N THR C 115 -17.01 -33.81 1.76
CA THR C 115 -18.37 -34.22 2.08
C THR C 115 -19.21 -33.00 2.46
N ALA C 116 -18.62 -32.11 3.24
CA ALA C 116 -19.31 -30.87 3.59
C ALA C 116 -19.59 -30.03 2.33
N ALA C 117 -18.63 -29.98 1.42
CA ALA C 117 -18.79 -29.23 0.17
C ALA C 117 -19.96 -29.73 -0.71
N LYS C 118 -20.16 -31.05 -0.78
CA LYS C 118 -21.33 -31.61 -1.49
C LYS C 118 -22.67 -31.16 -0.92
N LYS C 119 -22.68 -30.83 0.39
CA LYS C 119 -23.86 -30.36 1.14
C LYS C 119 -24.01 -28.85 1.28
N GLY C 120 -23.06 -28.09 0.72
CA GLY C 120 -23.06 -26.64 0.79
C GLY C 120 -22.60 -26.05 2.11
N LEU C 121 -21.76 -26.80 2.85
CA LEU C 121 -21.26 -26.33 4.14
C LEU C 121 -19.80 -25.91 4.08
N TYR C 122 -19.51 -24.74 4.64
CA TYR C 122 -18.11 -24.35 4.94
C TYR C 122 -17.65 -25.11 6.18
N ILE C 123 -16.36 -25.41 6.20
CA ILE C 123 -15.69 -25.85 7.41
C ILE C 123 -14.84 -24.69 7.89
N GLY C 124 -15.17 -24.20 9.08
CA GLY C 124 -14.33 -23.26 9.81
C GLY C 124 -13.25 -24.02 10.56
N MET C 125 -12.02 -23.94 10.04
CA MET C 125 -10.90 -24.74 10.49
C MET C 125 -10.16 -24.01 11.59
N VAL C 126 -10.34 -24.44 12.84
CA VAL C 126 -9.44 -23.98 13.89
C VAL C 126 -8.17 -24.81 13.69
N CYS C 127 -7.23 -24.26 12.89
CA CYS C 127 -5.91 -24.83 12.58
C CYS C 127 -5.29 -25.62 13.72
N ILE C 128 -5.22 -25.01 14.89
CA ILE C 128 -4.71 -25.68 16.06
C ILE C 128 -5.27 -25.00 17.29
N TRP C 129 -5.96 -25.78 18.12
CA TRP C 129 -6.61 -25.25 19.32
C TRP C 129 -5.58 -24.61 20.23
N GLY C 130 -6.05 -23.73 21.09
CA GLY C 130 -5.19 -22.92 21.92
C GLY C 130 -4.31 -23.69 22.86
N SER C 131 -4.85 -24.68 23.58
CA SER C 131 -4.10 -25.38 24.67
C SER C 131 -2.69 -25.88 24.32
N PRO C 132 -2.54 -26.64 23.22
CA PRO C 132 -1.21 -27.06 22.84
C PRO C 132 -0.25 -25.91 22.56
N VAL C 133 -0.74 -24.87 21.91
CA VAL C 133 0.12 -23.77 21.54
C VAL C 133 0.66 -23.04 22.79
N SER C 134 -0.18 -22.92 23.82
CA SER C 134 0.19 -22.25 25.01
C SER C 134 1.02 -23.17 25.92
N HIS C 135 0.87 -24.49 25.79
CA HIS C 135 1.78 -25.46 26.43
C HIS C 135 3.07 -25.71 25.61
N GLY C 136 3.43 -24.77 24.73
CA GLY C 136 4.74 -24.70 24.09
C GLY C 136 4.94 -25.50 22.81
N GLU C 137 3.90 -26.24 22.39
CA GLU C 137 4.04 -27.27 21.35
C GLU C 137 4.00 -26.73 19.90
N MET C 138 4.01 -25.41 19.71
CA MET C 138 4.10 -24.80 18.37
C MET C 138 4.79 -23.44 18.45
N ASN C 139 6.06 -23.41 18.03
CA ASN C 139 6.87 -22.18 17.97
C ASN C 139 6.66 -21.53 16.66
N VAL C 140 7.34 -20.41 16.44
CA VAL C 140 7.18 -19.58 15.25
C VAL C 140 7.49 -20.30 13.95
N ASP C 141 8.59 -21.04 13.94
CA ASP C 141 9.05 -21.74 12.73
C ASP C 141 8.13 -22.91 12.45
N GLN C 142 7.75 -23.60 13.52
CA GLN C 142 6.77 -24.69 13.46
C GLN C 142 5.38 -24.21 12.96
N ALA C 143 4.95 -23.04 13.42
CA ALA C 143 3.75 -22.38 12.90
C ALA C 143 3.86 -22.02 11.42
N LYS C 144 5.01 -21.48 10.99
CA LYS C 144 5.21 -21.15 9.57
C LYS C 144 5.14 -22.39 8.64
N ALA C 145 5.62 -23.53 9.15
CA ALA C 145 5.64 -24.77 8.38
C ALA C 145 4.22 -25.37 8.34
N TYR C 146 3.52 -25.37 9.49
CA TYR C 146 2.10 -25.80 9.53
C TYR C 146 1.23 -24.95 8.62
N GLY C 147 1.38 -23.63 8.72
CA GLY C 147 0.62 -22.69 7.91
C GLY C 147 0.79 -22.88 6.42
N LYS C 148 2.04 -23.08 5.99
CA LYS C 148 2.34 -23.36 4.59
C LYS C 148 1.68 -24.69 4.18
N PHE C 149 1.85 -25.74 4.99
CA PHE C 149 1.17 -27.04 4.78
C PHE C 149 -0.36 -26.92 4.54
N LEU C 150 -1.07 -26.25 5.46
CA LEU C 150 -2.54 -26.07 5.34
C LEU C 150 -2.97 -25.33 4.11
N ALA C 151 -2.22 -24.26 3.83
CA ALA C 151 -2.53 -23.36 2.74
C ALA C 151 -2.28 -24.03 1.38
N GLU C 152 -1.19 -24.79 1.25
CA GLU C 152 -0.92 -25.55 0.03
C GLU C 152 -1.94 -26.67 -0.18
N ARG C 153 -2.40 -27.28 0.91
CA ARG C 153 -3.30 -28.42 0.79
C ARG C 153 -4.74 -27.97 0.48
N TYR C 154 -5.15 -26.85 1.06
CA TYR C 154 -6.55 -26.44 1.04
C TYR C 154 -6.94 -25.18 0.27
N LYS C 155 -5.98 -24.39 -0.22
CA LYS C 155 -6.34 -23.15 -0.93
C LYS C 155 -7.35 -23.33 -2.09
N ASP C 156 -7.36 -24.47 -2.75
CA ASP C 156 -8.26 -24.69 -3.89
C ASP C 156 -9.54 -25.46 -3.53
N GLU C 157 -9.69 -25.83 -2.27
CA GLU C 157 -10.97 -26.23 -1.71
C GLU C 157 -11.82 -24.96 -1.38
N PRO C 158 -12.99 -24.80 -2.01
CA PRO C 158 -13.72 -23.51 -1.87
C PRO C 158 -14.32 -23.23 -0.50
N ASN C 159 -14.67 -24.28 0.25
CA ASN C 159 -15.56 -24.18 1.42
C ASN C 159 -14.82 -24.21 2.78
N ILE C 160 -13.95 -23.20 2.95
CA ILE C 160 -13.04 -23.06 4.06
C ILE C 160 -13.10 -21.63 4.58
N ILE C 161 -13.12 -21.53 5.90
CA ILE C 161 -12.90 -20.28 6.61
C ILE C 161 -11.86 -20.66 7.66
N TRP C 162 -10.79 -19.86 7.78
CA TRP C 162 -9.71 -20.12 8.73
C TRP C 162 -9.99 -19.46 10.07
N PHE C 163 -9.78 -20.21 11.15
CA PHE C 163 -9.88 -19.66 12.49
C PHE C 163 -8.47 -19.76 13.09
N ILE C 164 -7.85 -18.61 13.35
CA ILE C 164 -6.60 -18.52 14.09
C ILE C 164 -7.01 -18.55 15.57
N GLY C 165 -6.09 -18.96 16.45
CA GLY C 165 -6.39 -19.09 17.88
C GLY C 165 -7.20 -20.33 18.25
N GLY C 166 -8.14 -20.20 19.19
CA GLY C 166 -8.93 -21.31 19.69
C GLY C 166 -9.00 -21.32 21.19
N ASP C 167 -9.83 -20.44 21.75
CA ASP C 167 -10.12 -20.33 23.18
C ASP C 167 -8.90 -19.81 23.91
N ILE C 168 -8.28 -18.77 23.36
CA ILE C 168 -7.06 -18.22 23.92
C ILE C 168 -7.00 -16.68 23.73
N ARG C 169 -6.45 -15.97 24.71
CA ARG C 169 -6.27 -14.51 24.57
C ARG C 169 -5.22 -14.30 23.49
N GLY C 170 -5.40 -13.25 22.71
CA GLY C 170 -4.51 -12.93 21.56
C GLY C 170 -3.14 -12.37 21.93
N ASP C 171 -2.98 -11.96 23.19
CA ASP C 171 -1.69 -11.60 23.77
C ASP C 171 -1.01 -12.83 24.47
N VAL C 172 -1.46 -14.05 24.16
CA VAL C 172 -0.76 -15.27 24.56
C VAL C 172 -0.27 -15.99 23.30
N LYS C 173 1.07 -16.06 23.15
CA LYS C 173 1.75 -16.68 22.00
C LYS C 173 1.45 -15.93 20.72
N THR C 174 1.44 -14.61 20.84
CA THR C 174 1.03 -13.72 19.77
C THR C 174 1.85 -13.90 18.52
N ALA C 175 3.18 -14.01 18.67
CA ALA C 175 4.11 -14.13 17.52
C ALA C 175 3.81 -15.39 16.70
N GLU C 176 3.59 -16.49 17.41
CA GLU C 176 3.17 -17.77 16.85
C GLU C 176 1.86 -17.70 16.03
N TRP C 177 0.83 -17.11 16.61
CA TRP C 177 -0.43 -16.88 15.90
C TRP C 177 -0.29 -15.97 14.70
N GLU C 178 0.49 -14.89 14.82
CA GLU C 178 0.72 -13.99 13.66
C GLU C 178 1.50 -14.69 12.54
N ALA C 179 2.45 -15.52 12.95
CA ALA C 179 3.24 -16.29 12.00
C ALA C 179 2.36 -17.30 11.20
N LEU C 180 1.54 -18.07 11.94
CA LEU C 180 0.56 -18.98 11.34
C LEU C 180 -0.33 -18.26 10.33
N ALA C 181 -0.87 -17.12 10.77
CA ALA C 181 -1.84 -16.39 9.95
C ALA C 181 -1.25 -15.87 8.65
N THR C 182 -0.05 -15.29 8.71
CA THR C 182 0.56 -14.66 7.54
C THR C 182 1.11 -15.74 6.63
N SER C 183 1.65 -16.79 7.23
CA SER C 183 2.03 -17.98 6.46
C SER C 183 0.87 -18.53 5.63
N ILE C 184 -0.32 -18.64 6.26
CA ILE C 184 -1.50 -19.09 5.51
C ILE C 184 -1.82 -18.09 4.39
N LYS C 185 -1.94 -16.81 4.73
CA LYS C 185 -2.39 -15.77 3.77
C LYS C 185 -1.39 -15.50 2.65
N ALA C 186 -0.12 -15.82 2.86
CA ALA C 186 0.87 -15.66 1.80
C ALA C 186 0.55 -16.52 0.58
N ILE C 187 -0.02 -17.72 0.81
CA ILE C 187 -0.29 -18.71 -0.24
C ILE C 187 -1.76 -18.72 -0.67
N ASP C 188 -2.69 -18.55 0.29
CA ASP C 188 -4.12 -18.77 0.08
C ASP C 188 -4.81 -17.42 0.01
N LYS C 189 -5.23 -17.00 -1.18
CA LYS C 189 -5.91 -15.71 -1.34
C LYS C 189 -7.41 -15.91 -1.50
N ASN C 190 -7.90 -17.12 -1.21
CA ASN C 190 -9.26 -17.52 -1.56
C ASN C 190 -10.26 -17.57 -0.38
N HIS C 191 -9.79 -17.39 0.86
CA HIS C 191 -10.59 -17.66 2.05
C HIS C 191 -10.41 -16.58 3.11
N LEU C 192 -11.50 -16.31 3.84
CA LEU C 192 -11.49 -15.34 4.93
C LEU C 192 -10.94 -15.99 6.16
N MET C 193 -10.62 -15.18 7.15
CA MET C 193 -9.89 -15.60 8.32
C MET C 193 -10.31 -14.74 9.54
N THR C 194 -10.31 -15.38 10.71
CA THR C 194 -10.67 -14.72 11.97
C THR C 194 -9.78 -15.29 13.08
N PHE C 195 -10.05 -14.85 14.32
CA PHE C 195 -9.35 -15.32 15.51
C PHE C 195 -10.36 -15.67 16.58
N HIS C 196 -10.33 -16.92 17.03
CA HIS C 196 -11.27 -17.39 18.03
C HIS C 196 -10.66 -17.20 19.42
N PRO C 197 -11.28 -16.34 20.25
CA PRO C 197 -10.66 -15.98 21.50
C PRO C 197 -11.16 -16.68 22.74
N ARG C 198 -10.50 -16.33 23.85
CA ARG C 198 -10.83 -16.78 25.18
C ARG C 198 -12.20 -16.28 25.59
N GLY C 199 -12.82 -17.01 26.51
CA GLY C 199 -14.10 -16.65 27.11
C GLY C 199 -14.17 -15.22 27.63
N ARG C 200 -15.25 -14.51 27.29
CA ARG C 200 -15.49 -13.14 27.73
C ARG C 200 -14.48 -12.15 27.14
N THR C 201 -13.94 -12.47 25.94
CA THR C 201 -13.09 -11.55 25.20
C THR C 201 -13.46 -11.57 23.72
N THR C 202 -13.05 -10.53 23.04
CA THR C 202 -13.26 -10.41 21.64
C THR C 202 -11.92 -10.32 20.97
N SER C 203 -11.81 -10.88 19.77
CA SER C 203 -10.60 -10.72 18.96
C SER C 203 -10.27 -9.24 18.64
N ALA C 204 -11.30 -8.39 18.62
CA ALA C 204 -11.12 -6.99 18.29
C ALA C 204 -10.17 -6.28 19.27
N THR C 205 -10.08 -6.76 20.53
CA THR C 205 -9.12 -6.22 21.49
C THR C 205 -7.66 -6.21 21.01
N TRP C 206 -7.25 -7.26 20.30
CA TRP C 206 -5.85 -7.41 19.82
C TRP C 206 -5.64 -7.28 18.32
N PHE C 207 -6.62 -7.69 17.52
CA PHE C 207 -6.41 -7.89 16.08
C PHE C 207 -7.33 -7.14 15.17
N ASN C 208 -8.07 -6.15 15.68
CA ASN C 208 -8.92 -5.36 14.76
C ASN C 208 -8.15 -4.71 13.58
N ASN C 209 -6.89 -4.34 13.82
CA ASN C 209 -6.08 -3.66 12.78
C ASN C 209 -4.97 -4.61 12.20
N ALA C 210 -5.14 -5.92 12.41
CA ALA C 210 -4.36 -6.91 11.68
C ALA C 210 -4.93 -7.13 10.25
N PRO C 211 -4.09 -6.98 9.21
CA PRO C 211 -4.63 -7.12 7.84
C PRO C 211 -5.02 -8.56 7.49
N TRP C 212 -4.44 -9.54 8.16
CA TRP C 212 -4.89 -10.93 8.03
C TRP C 212 -6.31 -11.23 8.64
N LEU C 213 -6.74 -10.44 9.62
CA LEU C 213 -8.09 -10.62 10.21
C LEU C 213 -9.17 -9.92 9.43
N ASP C 214 -10.06 -10.67 8.78
CA ASP C 214 -11.12 -10.10 7.94
C ASP C 214 -12.33 -9.72 8.77
N PHE C 215 -12.67 -10.56 9.76
CA PHE C 215 -13.73 -10.23 10.70
C PHE C 215 -13.38 -10.67 12.12
N ASN C 216 -13.99 -10.00 13.07
CA ASN C 216 -13.83 -10.29 14.48
C ASN C 216 -14.77 -11.38 14.98
N MET C 217 -14.39 -11.99 16.10
CA MET C 217 -15.15 -13.10 16.70
C MET C 217 -14.94 -12.96 18.19
N PHE C 218 -15.98 -13.20 18.97
CA PHE C 218 -15.85 -13.30 20.41
C PHE C 218 -16.50 -14.59 20.93
N GLN C 219 -16.24 -14.86 22.20
CA GLN C 219 -16.82 -15.98 22.91
C GLN C 219 -17.55 -15.43 24.11
N SER C 220 -18.88 -15.42 24.07
CA SER C 220 -19.71 -15.03 25.23
C SER C 220 -19.96 -16.17 26.20
N GLY C 221 -19.82 -17.42 25.78
CA GLY C 221 -20.03 -18.56 26.69
C GLY C 221 -19.04 -18.51 27.85
N HIS C 222 -19.30 -19.14 29.01
CA HIS C 222 -20.49 -19.91 29.36
C HIS C 222 -21.01 -19.62 30.76
N ARG C 223 -20.61 -18.50 31.33
CA ARG C 223 -21.04 -18.13 32.66
C ARG C 223 -22.34 -17.32 32.66
N ARG C 224 -23.06 -17.42 33.76
CA ARG C 224 -24.24 -16.59 34.06
C ARG C 224 -23.87 -15.26 34.77
N TYR C 225 -24.87 -14.40 34.93
CA TYR C 225 -24.70 -13.14 35.65
C TYR C 225 -24.04 -13.38 37.03
N GLY C 226 -22.96 -12.65 37.33
CA GLY C 226 -22.29 -12.68 38.64
C GLY C 226 -21.51 -13.92 39.01
N GLN C 227 -21.19 -14.74 38.03
CA GLN C 227 -20.52 -15.99 38.30
C GLN C 227 -18.99 -15.77 38.25
N ARG C 228 -18.39 -15.76 39.44
CA ARG C 228 -16.95 -15.61 39.63
C ARG C 228 -16.46 -16.81 40.41
N PHE C 229 -15.28 -17.32 40.05
CA PHE C 229 -14.56 -18.33 40.83
C PHE C 229 -13.28 -17.77 41.52
N GLY C 230 -13.03 -16.46 41.36
CA GLY C 230 -11.87 -15.81 41.92
C GLY C 230 -12.15 -14.35 42.23
N ASP C 231 -11.21 -13.74 42.94
CA ASP C 231 -11.18 -12.29 43.22
C ASP C 231 -10.27 -11.55 42.22
N GLY C 232 -9.60 -12.29 41.32
CA GLY C 232 -8.61 -11.75 40.37
C GLY C 232 -9.16 -10.90 39.22
N ASP C 233 -8.30 -10.62 38.24
CA ASP C 233 -8.64 -9.71 37.13
C ASP C 233 -9.71 -10.33 36.20
N TYR C 234 -10.52 -9.48 35.56
CA TYR C 234 -11.72 -9.95 34.86
C TYR C 234 -11.95 -9.06 33.62
N PRO C 235 -12.14 -9.68 32.44
CA PRO C 235 -12.13 -8.86 31.21
C PRO C 235 -13.41 -8.06 30.89
N ILE C 236 -14.42 -8.20 31.76
CA ILE C 236 -15.73 -7.55 31.57
C ILE C 236 -16.16 -6.98 32.92
N GLU C 237 -17.20 -6.14 32.89
CA GLU C 237 -17.78 -5.57 34.12
C GLU C 237 -18.58 -6.61 34.92
N GLU C 238 -18.57 -6.48 36.26
CA GLU C 238 -19.35 -7.38 37.13
C GLU C 238 -20.83 -7.41 36.67
N ASN C 239 -21.46 -8.55 36.86
CA ASN C 239 -22.87 -8.72 36.53
C ASN C 239 -23.28 -8.41 35.06
N THR C 240 -22.36 -8.63 34.10
CA THR C 240 -22.68 -8.47 32.66
C THR C 240 -22.49 -9.69 31.79
N GLU C 241 -22.33 -10.85 32.40
CA GLU C 241 -21.90 -12.06 31.69
C GLU C 241 -22.82 -12.39 30.54
N GLU C 242 -24.13 -12.34 30.78
CA GLU C 242 -25.12 -12.78 29.80
C GLU C 242 -25.43 -11.73 28.75
N ASP C 243 -24.83 -10.54 28.88
CA ASP C 243 -25.14 -9.45 27.96
C ASP C 243 -24.22 -9.52 26.75
N ASN C 244 -24.47 -10.45 25.85
CA ASN C 244 -23.52 -10.63 24.77
C ASN C 244 -23.57 -9.51 23.71
N TRP C 245 -24.67 -8.75 23.69
CA TRP C 245 -24.72 -7.51 22.91
C TRP C 245 -23.57 -6.52 23.24
N ARG C 246 -23.05 -6.49 24.47
CA ARG C 246 -21.89 -5.64 24.85
C ARG C 246 -20.62 -5.92 24.07
N PHE C 247 -20.31 -7.20 23.84
CA PHE C 247 -19.18 -7.61 22.97
C PHE C 247 -19.32 -7.06 21.55
N VAL C 248 -20.54 -7.02 21.03
CA VAL C 248 -20.74 -6.53 19.67
C VAL C 248 -20.49 -5.03 19.56
N GLU C 249 -21.11 -4.25 20.46
CA GLU C 249 -20.87 -2.78 20.60
C GLU C 249 -19.37 -2.46 20.66
N ARG C 250 -18.66 -3.08 21.60
CA ARG C 250 -17.23 -2.80 21.82
C ARG C 250 -16.33 -3.11 20.62
N SER C 251 -16.63 -4.21 19.94
CA SER C 251 -15.87 -4.67 18.80
C SER C 251 -16.03 -3.78 17.58
N MET C 252 -17.29 -3.45 17.25
CA MET C 252 -17.57 -2.66 16.04
C MET C 252 -17.25 -1.17 16.22
N ALA C 253 -17.03 -0.75 17.47
CA ALA C 253 -16.61 0.64 17.75
C ALA C 253 -15.12 0.87 17.36
N MET C 254 -14.33 -0.20 17.35
CA MET C 254 -12.93 -0.14 16.91
C MET C 254 -12.80 0.04 15.42
N LYS C 255 -11.99 1.04 15.03
CA LYS C 255 -11.95 1.55 13.68
C LYS C 255 -10.61 1.20 13.05
N PRO C 256 -10.58 0.90 11.76
CA PRO C 256 -11.77 0.76 10.91
C PRO C 256 -12.70 -0.39 11.35
N MET C 257 -13.99 -0.24 11.05
CA MET C 257 -15.00 -1.19 11.50
C MET C 257 -14.91 -2.45 10.66
N LYS C 258 -14.93 -3.60 11.32
CA LYS C 258 -15.05 -4.89 10.62
C LYS C 258 -16.28 -5.65 11.19
N PRO C 259 -16.82 -6.64 10.44
CA PRO C 259 -17.90 -7.48 10.98
C PRO C 259 -17.50 -8.26 12.23
N VAL C 260 -18.46 -8.64 13.06
CA VAL C 260 -18.17 -9.41 14.29
C VAL C 260 -19.25 -10.47 14.42
N ILE C 261 -18.90 -11.56 15.08
CA ILE C 261 -19.84 -12.66 15.37
C ILE C 261 -19.53 -13.28 16.74
N ASP C 262 -20.57 -13.77 17.41
CA ASP C 262 -20.41 -14.71 18.56
C ASP C 262 -20.08 -16.09 18.00
N GLY C 263 -18.79 -16.44 18.03
CA GLY C 263 -18.30 -17.77 17.66
C GLY C 263 -18.44 -18.85 18.70
N GLU C 264 -18.88 -18.46 19.89
CA GLU C 264 -19.04 -19.38 21.02
C GLU C 264 -19.88 -18.74 22.11
N PRO C 265 -21.22 -18.81 21.96
CA PRO C 265 -22.08 -18.43 23.03
C PRO C 265 -22.18 -19.57 23.99
N ILE C 266 -23.05 -19.42 24.97
CA ILE C 266 -23.48 -20.58 25.74
C ILE C 266 -23.85 -21.78 24.83
N TYR C 267 -23.51 -22.98 25.28
CA TYR C 267 -23.89 -24.20 24.56
C TYR C 267 -25.12 -24.80 25.25
N GLU C 268 -26.01 -25.35 24.45
CA GLU C 268 -27.23 -25.97 24.98
C GLU C 268 -26.83 -27.20 25.82
N GLU C 269 -27.44 -27.35 27.00
CA GLU C 269 -27.22 -28.44 27.96
C GLU C 269 -25.87 -28.44 28.64
N ILE C 270 -25.13 -27.32 28.56
CA ILE C 270 -23.88 -27.18 29.31
C ILE C 270 -24.20 -26.50 30.66
N PRO C 271 -23.51 -26.92 31.73
CA PRO C 271 -23.76 -26.32 33.05
C PRO C 271 -23.26 -24.88 33.15
N HIS C 272 -24.02 -24.02 33.84
CA HIS C 272 -23.63 -22.62 34.06
C HIS C 272 -22.20 -22.55 34.63
N GLY C 273 -21.30 -21.89 33.90
CA GLY C 273 -19.91 -21.70 34.30
C GLY C 273 -18.91 -22.85 34.13
N LEU C 274 -19.38 -24.04 33.69
CA LEU C 274 -18.55 -25.20 33.29
C LEU C 274 -17.97 -26.06 34.44
N HIS C 275 -17.46 -25.39 35.47
CA HIS C 275 -16.72 -26.03 36.57
C HIS C 275 -17.52 -27.13 37.27
N ASP C 276 -18.83 -26.91 37.51
CA ASP C 276 -19.70 -27.77 38.31
C ASP C 276 -20.71 -28.49 37.42
N GLU C 277 -20.53 -29.81 37.26
CA GLU C 277 -21.39 -30.64 36.38
C GLU C 277 -22.85 -30.73 36.84
N ASN C 278 -23.13 -30.38 38.11
CA ASN C 278 -24.51 -30.40 38.67
C ASN C 278 -25.23 -29.06 38.68
N GLU C 279 -24.59 -28.02 38.15
CA GLU C 279 -25.24 -26.71 38.01
C GLU C 279 -26.44 -26.78 37.08
N LEU C 280 -27.21 -25.69 37.09
CA LEU C 280 -28.26 -25.51 36.10
C LEU C 280 -27.66 -25.59 34.68
N LEU C 281 -28.42 -26.15 33.77
CA LEU C 281 -28.02 -26.23 32.40
C LEU C 281 -28.64 -25.06 31.66
N TRP C 282 -27.89 -24.53 30.71
CA TRP C 282 -28.43 -23.59 29.74
C TRP C 282 -29.42 -24.31 28.82
N LYS C 283 -30.57 -23.70 28.57
CA LYS C 283 -31.68 -24.34 27.83
C LYS C 283 -31.90 -23.64 26.50
N ASP C 284 -32.85 -24.16 25.74
CA ASP C 284 -33.19 -23.59 24.42
C ASP C 284 -33.55 -22.09 24.45
N TYR C 285 -34.30 -21.66 25.44
CA TYR C 285 -34.66 -20.26 25.53
C TYR C 285 -33.41 -19.39 25.77
N ASP C 286 -32.42 -19.93 26.49
CA ASP C 286 -31.19 -19.18 26.71
C ASP C 286 -30.43 -19.09 25.37
N VAL C 287 -30.43 -20.20 24.65
CA VAL C 287 -29.73 -20.27 23.39
C VAL C 287 -30.31 -19.29 22.38
N ARG C 288 -31.64 -19.20 22.34
CA ARG C 288 -32.32 -18.21 21.51
C ARG C 288 -31.95 -16.81 21.94
N ARG C 289 -31.99 -16.54 23.24
CA ARG C 289 -31.68 -15.18 23.72
C ARG C 289 -30.33 -14.71 23.19
N TYR C 290 -29.29 -15.54 23.38
CA TYR C 290 -27.93 -15.16 22.96
C TYR C 290 -27.84 -14.91 21.46
N ALA C 291 -28.59 -15.69 20.68
CA ALA C 291 -28.54 -15.61 19.22
C ALA C 291 -29.12 -14.29 18.73
N TYR C 292 -30.32 -13.96 19.19
CA TYR C 292 -31.00 -12.73 18.77
C TYR C 292 -30.31 -11.50 19.37
N TRP C 293 -29.89 -11.59 20.63
CA TRP C 293 -29.11 -10.48 21.20
C TRP C 293 -27.83 -10.16 20.40
N SER C 294 -27.12 -11.18 19.95
CA SER C 294 -25.90 -10.90 19.21
C SER C 294 -26.22 -10.29 17.85
N VAL C 295 -27.12 -10.93 17.11
CA VAL C 295 -27.49 -10.48 15.77
C VAL C 295 -28.14 -9.09 15.75
N PHE C 296 -29.00 -8.81 16.71
CA PHE C 296 -29.68 -7.53 16.74
C PHE C 296 -28.79 -6.40 17.23
N ALA C 297 -27.75 -6.71 18.00
CA ALA C 297 -26.73 -5.70 18.39
C ALA C 297 -25.77 -5.38 17.24
N GLY C 298 -25.77 -6.21 16.20
CA GLY C 298 -25.03 -5.91 14.96
C GLY C 298 -24.16 -7.01 14.34
N SER C 299 -24.12 -8.21 14.93
CA SER C 299 -23.32 -9.28 14.37
C SER C 299 -23.91 -9.78 13.06
N PHE C 300 -23.05 -10.25 12.18
CA PHE C 300 -23.42 -10.63 10.81
C PHE C 300 -24.03 -12.00 10.66
N GLY C 301 -24.08 -12.74 11.77
CA GLY C 301 -24.57 -14.12 11.80
C GLY C 301 -24.41 -14.65 13.21
N HIS C 302 -24.50 -15.97 13.37
CA HIS C 302 -24.37 -16.55 14.72
C HIS C 302 -23.96 -18.01 14.66
N THR C 303 -23.15 -18.41 15.63
CA THR C 303 -22.74 -19.79 15.80
C THR C 303 -23.44 -20.32 17.06
N TYR C 304 -24.05 -21.49 16.89
CA TYR C 304 -24.71 -22.22 17.94
C TYR C 304 -23.76 -23.36 18.29
N GLY C 305 -23.92 -23.87 19.51
CA GLY C 305 -23.27 -25.11 19.92
C GLY C 305 -24.08 -25.82 20.99
N HIS C 306 -23.78 -27.12 21.18
CA HIS C 306 -24.48 -28.08 22.08
C HIS C 306 -23.40 -28.88 22.79
N ASN C 307 -23.49 -28.99 24.11
CA ASN C 307 -22.54 -29.74 24.94
C ASN C 307 -22.16 -31.15 24.43
N SER C 308 -23.16 -31.99 24.20
CA SER C 308 -23.00 -33.32 23.61
C SER C 308 -22.46 -33.37 22.14
N ILE C 309 -22.94 -32.46 21.29
CA ILE C 309 -22.56 -32.47 19.87
C ILE C 309 -21.11 -32.00 19.70
N MET C 310 -20.75 -30.89 20.32
CA MET C 310 -19.40 -30.31 20.18
C MET C 310 -18.29 -31.24 20.63
N GLN C 311 -18.56 -32.15 21.57
CA GLN C 311 -17.56 -33.15 21.90
C GLN C 311 -17.81 -34.54 21.35
N PHE C 312 -18.84 -34.68 20.50
CA PHE C 312 -19.24 -35.98 19.93
C PHE C 312 -19.23 -37.17 20.93
N ILE C 313 -19.98 -36.97 22.00
CA ILE C 313 -20.26 -37.94 23.04
C ILE C 313 -20.82 -39.21 22.47
N LYS C 314 -20.22 -40.35 22.82
CA LYS C 314 -20.71 -41.68 22.48
C LYS C 314 -20.80 -42.56 23.74
N PRO C 315 -21.74 -43.51 23.75
CA PRO C 315 -21.72 -44.46 24.85
C PRO C 315 -20.35 -45.19 24.97
N GLY C 316 -19.82 -45.27 26.19
CA GLY C 316 -18.50 -45.85 26.47
C GLY C 316 -17.44 -44.79 26.66
N VAL C 317 -17.73 -43.53 26.38
CA VAL C 317 -16.80 -42.41 26.57
C VAL C 317 -17.36 -41.34 27.53
N GLY C 318 -16.51 -40.83 28.41
CA GLY C 318 -16.93 -39.91 29.47
C GLY C 318 -17.11 -38.48 28.96
N GLY C 319 -18.30 -37.93 29.09
CA GLY C 319 -18.53 -36.54 28.76
C GLY C 319 -17.80 -35.58 29.67
N ALA C 320 -17.13 -34.59 29.09
CA ALA C 320 -16.79 -33.37 29.85
C ALA C 320 -18.09 -32.58 30.19
N TYR C 321 -18.01 -31.79 31.26
CA TYR C 321 -19.12 -30.88 31.63
C TYR C 321 -20.48 -31.59 31.84
N GLY C 322 -20.44 -32.81 32.34
CA GLY C 322 -21.68 -33.52 32.68
C GLY C 322 -22.46 -34.10 31.50
N ALA C 323 -21.91 -34.04 30.28
CA ALA C 323 -22.66 -34.44 29.09
C ALA C 323 -22.87 -35.93 29.12
N LYS C 324 -24.11 -36.36 28.92
CA LYS C 324 -24.51 -37.79 29.02
C LYS C 324 -25.11 -38.28 27.70
N LYS C 325 -25.99 -37.46 27.13
CA LYS C 325 -26.70 -37.79 25.91
C LYS C 325 -25.73 -37.92 24.69
N PRO C 326 -25.82 -39.00 23.91
CA PRO C 326 -24.99 -39.10 22.71
C PRO C 326 -25.29 -38.02 21.70
N TRP C 327 -24.25 -37.65 20.96
CA TRP C 327 -24.36 -36.61 19.96
C TRP C 327 -25.50 -36.81 19.01
N TYR C 328 -25.69 -38.06 18.59
CA TYR C 328 -26.74 -38.39 17.61
C TYR C 328 -28.14 -38.22 18.16
N ASP C 329 -28.33 -38.36 19.47
CA ASP C 329 -29.62 -38.00 20.11
C ASP C 329 -29.72 -36.47 20.35
N ALA C 330 -28.60 -35.80 20.59
CA ALA C 330 -28.63 -34.33 20.78
C ALA C 330 -29.15 -33.60 19.55
N LEU C 331 -29.09 -34.23 18.39
CA LEU C 331 -29.70 -33.70 17.18
C LEU C 331 -31.20 -33.38 17.26
N ASN C 332 -31.93 -34.00 18.20
CA ASN C 332 -33.35 -33.68 18.42
C ASN C 332 -33.62 -32.64 19.53
N ASP C 333 -32.58 -32.14 20.22
CA ASP C 333 -32.75 -31.07 21.20
C ASP C 333 -33.28 -29.75 20.56
N PRO C 334 -34.14 -29.04 21.30
CA PRO C 334 -34.93 -27.98 20.68
C PRO C 334 -34.10 -26.82 20.12
N GLY C 335 -33.12 -26.38 20.91
CA GLY C 335 -32.27 -25.26 20.53
C GLY C 335 -31.57 -25.40 19.20
N TYR C 336 -30.99 -26.57 18.97
CA TYR C 336 -30.35 -26.96 17.71
C TYR C 336 -31.30 -26.87 16.52
N ASN C 337 -32.56 -27.22 16.77
CA ASN C 337 -33.59 -27.19 15.75
C ASN C 337 -34.32 -25.84 15.54
N GLN C 338 -33.91 -24.79 16.26
CA GLN C 338 -34.55 -23.46 16.23
C GLN C 338 -33.70 -22.38 15.54
N MET C 339 -32.41 -22.66 15.34
CA MET C 339 -31.50 -21.66 14.80
C MET C 339 -31.89 -21.26 13.41
N LYS C 340 -32.47 -22.21 12.66
CA LYS C 340 -32.95 -21.94 11.33
C LYS C 340 -33.95 -20.79 11.23
N TYR C 341 -34.70 -20.54 12.31
CA TYR C 341 -35.69 -19.49 12.34
C TYR C 341 -35.10 -18.08 12.42
N LEU C 342 -33.90 -18.00 12.96
CA LEU C 342 -33.11 -16.76 12.90
C LEU C 342 -32.60 -16.52 11.47
N LYS C 343 -32.03 -17.56 10.88
CA LYS C 343 -31.55 -17.43 9.51
C LYS C 343 -32.67 -16.98 8.54
N ASN C 344 -33.81 -17.68 8.56
CA ASN C 344 -34.94 -17.33 7.69
C ASN C 344 -35.43 -15.89 7.96
N LEU C 345 -35.54 -15.49 9.23
CA LEU C 345 -35.88 -14.10 9.56
C LEU C 345 -35.01 -13.07 8.83
N MET C 346 -33.68 -13.19 8.96
CA MET C 346 -32.76 -12.11 8.57
C MET C 346 -32.63 -12.03 7.05
N LEU C 347 -32.66 -13.18 6.37
CA LEU C 347 -32.71 -13.23 4.90
C LEU C 347 -34.04 -12.76 4.25
N THR C 348 -35.08 -12.50 5.07
CA THR C 348 -36.36 -11.97 4.60
C THR C 348 -36.28 -10.47 4.25
N PHE C 349 -35.33 -9.74 4.84
CA PHE C 349 -35.27 -8.27 4.72
C PHE C 349 -33.98 -7.74 4.06
N PRO C 350 -34.04 -6.55 3.41
CA PRO C 350 -32.83 -5.87 2.92
C PRO C 350 -31.62 -6.06 3.86
N PHE C 351 -30.62 -6.75 3.35
CA PHE C 351 -29.57 -7.30 4.17
C PHE C 351 -28.54 -6.27 4.61
N PHE C 352 -27.93 -5.54 3.65
CA PHE C 352 -26.72 -4.72 3.90
C PHE C 352 -26.91 -3.34 4.57
N GLU C 353 -28.13 -2.82 4.45
CA GLU C 353 -28.46 -1.55 5.08
C GLU C 353 -28.86 -1.71 6.55
N ARG C 354 -28.97 -2.95 7.02
CA ARG C 354 -29.36 -3.20 8.40
C ARG C 354 -28.32 -2.60 9.34
N VAL C 355 -28.80 -1.92 10.39
CA VAL C 355 -27.95 -1.39 11.46
C VAL C 355 -28.63 -1.66 12.81
N PRO C 356 -27.84 -1.78 13.90
CA PRO C 356 -28.46 -1.78 15.24
C PRO C 356 -28.96 -0.38 15.55
N ASP C 357 -30.05 -0.26 16.33
CA ASP C 357 -30.66 1.07 16.68
C ASP C 357 -31.55 1.04 17.92
N GLN C 358 -30.94 1.23 19.08
CA GLN C 358 -31.72 1.25 20.32
C GLN C 358 -32.73 2.42 20.48
N SER C 359 -32.64 3.47 19.65
CA SER C 359 -33.58 4.60 19.71
C SER C 359 -34.92 4.22 19.08
N VAL C 360 -34.96 3.11 18.34
CA VAL C 360 -36.23 2.48 17.95
C VAL C 360 -37.10 2.13 19.17
N ILE C 361 -36.48 1.92 20.33
CA ILE C 361 -37.21 1.65 21.56
C ILE C 361 -37.37 2.97 22.33
N ALA C 362 -38.62 3.42 22.49
CA ALA C 362 -38.93 4.66 23.21
C ALA C 362 -39.16 4.29 24.64
N GLY C 363 -39.15 5.29 25.51
CA GLY C 363 -39.47 5.10 26.91
C GLY C 363 -38.39 4.42 27.74
N GLN C 364 -38.79 3.89 28.88
CA GLN C 364 -37.89 3.18 29.79
C GLN C 364 -37.81 1.74 29.28
N ASN C 365 -36.63 1.36 28.76
CA ASN C 365 -36.30 -0.04 28.43
C ASN C 365 -35.94 -0.75 29.71
N GLY C 366 -36.09 -2.07 29.75
CA GLY C 366 -35.74 -2.83 30.96
C GLY C 366 -34.27 -3.15 31.11
N GLU C 367 -33.91 -3.71 32.27
CA GLU C 367 -32.56 -4.24 32.58
C GLU C 367 -32.49 -5.78 32.39
N ARG C 368 -31.27 -6.27 32.19
CA ARG C 368 -30.98 -7.71 32.08
C ARG C 368 -31.89 -8.35 31.02
N TYR C 369 -32.67 -9.39 31.36
CA TYR C 369 -33.46 -10.10 30.36
C TYR C 369 -34.57 -9.24 29.79
N ASP C 370 -34.97 -8.20 30.52
CA ASP C 370 -36.03 -7.28 30.10
C ASP C 370 -35.59 -6.19 29.11
N ARG C 371 -34.29 -6.16 28.78
CA ARG C 371 -33.75 -5.26 27.78
C ARG C 371 -34.15 -5.67 26.36
N ALA C 372 -35.13 -4.96 25.84
CA ALA C 372 -35.49 -5.12 24.42
C ALA C 372 -34.37 -4.61 23.56
N ILE C 373 -34.29 -5.13 22.35
CA ILE C 373 -33.16 -4.84 21.49
C ILE C 373 -33.67 -4.77 20.07
N ALA C 374 -33.22 -3.75 19.33
CA ALA C 374 -33.76 -3.43 18.02
C ALA C 374 -32.73 -3.20 16.94
N THR C 375 -33.09 -3.59 15.73
CA THR C 375 -32.31 -3.41 14.52
C THR C 375 -33.27 -2.99 13.42
N ARG C 376 -32.77 -2.28 12.41
CA ARG C 376 -33.60 -1.74 11.31
C ARG C 376 -32.81 -1.51 10.03
N GLY C 377 -33.52 -1.56 8.90
CA GLY C 377 -33.05 -0.94 7.65
C GLY C 377 -33.66 0.47 7.48
N ASN C 378 -33.91 0.84 6.22
CA ASN C 378 -34.55 2.13 5.86
C ASN C 378 -36.07 2.03 5.96
N ASP C 379 -36.60 0.86 5.58
CA ASP C 379 -38.03 0.62 5.45
C ASP C 379 -38.55 -0.56 6.29
N TYR C 380 -37.77 -1.02 7.29
CA TYR C 380 -38.20 -2.11 8.19
C TYR C 380 -37.51 -1.99 9.52
N LEU C 381 -38.15 -2.52 10.55
CA LEU C 381 -37.50 -2.67 11.84
C LEU C 381 -37.98 -3.92 12.58
N MET C 382 -37.16 -4.34 13.55
CA MET C 382 -37.40 -5.55 14.32
C MET C 382 -37.04 -5.24 15.76
N VAL C 383 -37.89 -5.67 16.70
CA VAL C 383 -37.56 -5.54 18.12
C VAL C 383 -37.74 -6.92 18.77
N TYR C 384 -36.68 -7.44 19.39
CA TYR C 384 -36.70 -8.74 20.02
C TYR C 384 -36.99 -8.52 21.49
N ASN C 385 -38.02 -9.20 21.97
CA ASN C 385 -38.46 -9.04 23.33
C ASN C 385 -38.49 -10.44 23.92
N TYR C 386 -37.61 -10.64 24.91
CA TYR C 386 -37.39 -11.93 25.54
C TYR C 386 -38.41 -12.24 26.61
N THR C 387 -38.70 -11.26 27.48
CA THR C 387 -39.58 -11.47 28.62
C THR C 387 -41.06 -11.26 28.36
N GLY C 388 -41.41 -10.49 27.34
CA GLY C 388 -42.80 -10.02 27.16
C GLY C 388 -43.13 -8.74 27.88
N ARG C 389 -42.14 -8.08 28.54
CA ARG C 389 -42.38 -6.73 29.14
C ARG C 389 -42.91 -5.74 28.09
N PRO C 390 -43.96 -4.96 28.44
CA PRO C 390 -44.49 -3.98 27.47
C PRO C 390 -43.41 -3.03 27.02
N MET C 391 -43.42 -2.69 25.74
CA MET C 391 -42.40 -1.83 25.13
C MET C 391 -43.07 -0.77 24.22
N GLU C 392 -42.46 0.42 24.14
CA GLU C 392 -42.90 1.43 23.16
C GLU C 392 -41.94 1.46 21.97
N VAL C 393 -42.47 1.45 20.77
CA VAL C 393 -41.69 1.36 19.55
C VAL C 393 -41.95 2.57 18.63
N ASP C 394 -40.87 3.27 18.27
CA ASP C 394 -40.94 4.51 17.50
C ASP C 394 -40.95 4.19 16.03
N PHE C 395 -42.14 4.12 15.45
CA PHE C 395 -42.27 3.76 14.03
C PHE C 395 -41.70 4.82 13.10
N SER C 396 -41.49 6.04 13.60
CA SER C 396 -40.94 7.10 12.74
C SER C 396 -39.46 6.88 12.30
N LYS C 397 -38.73 5.97 12.96
CA LYS C 397 -37.30 5.75 12.62
C LYS C 397 -37.08 5.09 11.26
N ILE C 398 -38.15 4.56 10.68
CA ILE C 398 -38.14 4.07 9.32
C ILE C 398 -39.18 4.86 8.50
N SER C 399 -39.24 4.57 7.20
CA SER C 399 -40.07 5.31 6.27
C SER C 399 -41.49 4.74 6.21
N GLY C 400 -42.38 5.48 5.54
CA GLY C 400 -43.77 5.09 5.33
C GLY C 400 -44.67 5.95 6.21
N ALA C 401 -45.79 6.40 5.67
CA ALA C 401 -46.78 7.17 6.45
C ALA C 401 -47.55 6.22 7.34
N LYS C 402 -47.82 5.04 6.78
CA LYS C 402 -48.34 3.90 7.51
C LYS C 402 -47.34 2.71 7.58
N LYS C 403 -47.48 1.87 8.63
CA LYS C 403 -46.68 0.63 8.79
C LYS C 403 -47.56 -0.61 9.03
N ASN C 404 -47.13 -1.75 8.49
CA ASN C 404 -47.68 -3.05 8.87
C ASN C 404 -46.82 -3.66 9.99
N ALA C 405 -47.43 -4.53 10.80
CA ALA C 405 -46.82 -5.06 12.02
C ALA C 405 -47.25 -6.49 12.24
N TRP C 406 -46.27 -7.34 12.58
CA TRP C 406 -46.44 -8.75 12.86
C TRP C 406 -45.64 -9.18 14.10
N TRP C 407 -46.09 -10.27 14.70
CA TRP C 407 -45.33 -10.97 15.72
C TRP C 407 -44.75 -12.23 15.08
N TYR C 408 -43.48 -12.49 15.35
CA TYR C 408 -42.77 -13.69 14.93
C TYR C 408 -42.35 -14.40 16.21
N THR C 409 -42.70 -15.66 16.31
CA THR C 409 -42.36 -16.46 17.46
C THR C 409 -41.07 -17.23 17.11
N THR C 410 -40.01 -16.99 17.86
CA THR C 410 -38.70 -17.56 17.53
C THR C 410 -38.51 -19.06 17.76
N LYS C 411 -39.32 -19.68 18.62
CA LYS C 411 -39.20 -21.14 18.84
C LYS C 411 -39.79 -21.99 17.72
N ASP C 412 -40.71 -21.43 16.92
CA ASP C 412 -41.38 -22.16 15.83
C ASP C 412 -41.48 -21.43 14.49
N GLY C 413 -40.94 -20.22 14.37
CA GLY C 413 -41.04 -19.45 13.13
C GLY C 413 -42.46 -19.00 12.72
N LYS C 414 -43.40 -18.99 13.67
CA LYS C 414 -44.79 -18.64 13.37
C LYS C 414 -44.93 -17.12 13.25
N LEU C 415 -45.65 -16.70 12.24
CA LEU C 415 -45.96 -15.31 11.99
C LEU C 415 -47.43 -15.02 12.26
N GLU C 416 -47.71 -13.91 12.89
CA GLU C 416 -49.05 -13.51 13.26
C GLU C 416 -49.23 -12.02 12.93
N TYR C 417 -50.10 -11.69 11.97
CA TYR C 417 -50.31 -10.28 11.59
C TYR C 417 -51.05 -9.51 12.68
N ILE C 418 -50.58 -8.31 13.02
CA ILE C 418 -51.19 -7.51 14.07
C ILE C 418 -52.16 -6.45 13.52
N GLY C 419 -51.80 -5.77 12.42
CA GLY C 419 -52.59 -4.65 11.90
C GLY C 419 -51.77 -3.61 11.17
N GLU C 420 -52.46 -2.54 10.73
CA GLU C 420 -51.82 -1.36 10.10
C GLU C 420 -51.81 -0.20 11.11
N PHE C 421 -50.74 0.57 11.10
CA PHE C 421 -50.55 1.66 12.08
C PHE C 421 -50.05 2.90 11.35
N ASP C 422 -50.23 4.09 11.93
CA ASP C 422 -49.63 5.32 11.43
C ASP C 422 -48.33 5.63 12.21
N ASN C 423 -47.68 6.75 11.90
CA ASN C 423 -46.25 6.86 12.07
C ASN C 423 -45.69 7.28 13.45
N GLY C 424 -46.47 7.20 14.50
CA GLY C 424 -45.92 7.53 15.82
C GLY C 424 -45.22 6.42 16.62
N VAL C 425 -45.08 6.71 17.91
CA VAL C 425 -44.76 5.77 18.94
C VAL C 425 -46.05 4.94 19.25
N HIS C 426 -45.87 3.64 19.49
CA HIS C 426 -46.97 2.72 19.80
C HIS C 426 -46.53 1.65 20.82
N LYS C 427 -47.42 1.34 21.76
CA LYS C 427 -47.20 0.35 22.81
C LYS C 427 -47.54 -1.06 22.29
N PHE C 428 -46.77 -2.07 22.71
CA PHE C 428 -46.98 -3.45 22.33
C PHE C 428 -46.66 -4.40 23.48
N GLN C 429 -47.42 -5.50 23.51
CA GLN C 429 -47.31 -6.52 24.56
C GLN C 429 -47.91 -7.82 24.04
N HIS C 430 -47.08 -8.79 23.71
CA HIS C 430 -47.54 -10.07 23.19
C HIS C 430 -48.38 -10.83 24.23
N ASP C 431 -49.35 -11.60 23.75
CA ASP C 431 -50.25 -12.33 24.64
C ASP C 431 -49.61 -13.67 24.99
N SER C 432 -48.76 -13.64 26.01
CA SER C 432 -48.02 -14.82 26.44
C SER C 432 -47.52 -14.58 27.85
N GLY C 433 -47.00 -15.63 28.47
CA GLY C 433 -46.63 -15.58 29.86
C GLY C 433 -45.39 -14.72 30.02
N TYR C 434 -45.42 -13.84 31.03
CA TYR C 434 -44.30 -12.96 31.34
C TYR C 434 -43.11 -13.81 31.76
N SER C 435 -41.98 -13.59 31.07
CA SER C 435 -40.72 -14.20 31.45
C SER C 435 -40.82 -15.74 31.53
N SER C 436 -41.34 -16.32 30.45
CA SER C 436 -41.63 -17.75 30.36
C SER C 436 -40.85 -18.40 29.20
N GLY C 437 -39.83 -17.74 28.70
CA GLY C 437 -39.16 -18.21 27.48
C GLY C 437 -39.98 -18.19 26.23
N ASN C 438 -41.03 -17.37 26.16
CA ASN C 438 -41.81 -17.22 24.91
C ASN C 438 -41.42 -15.89 24.24
N ASP C 439 -40.20 -15.92 23.76
CA ASP C 439 -39.55 -14.79 23.12
C ASP C 439 -40.12 -14.61 21.74
N HIS C 440 -40.13 -13.34 21.31
CA HIS C 440 -40.85 -12.96 20.06
C HIS C 440 -40.16 -11.74 19.46
N VAL C 441 -40.27 -11.61 18.15
CA VAL C 441 -39.82 -10.40 17.46
C VAL C 441 -41.05 -9.64 16.96
N LEU C 442 -41.07 -8.35 17.24
CA LEU C 442 -41.97 -7.44 16.53
C LEU C 442 -41.36 -7.04 15.17
N ILE C 443 -41.98 -7.52 14.09
CA ILE C 443 -41.62 -7.12 12.75
C ILE C 443 -42.48 -5.94 12.28
N VAL C 444 -41.87 -4.78 12.03
CA VAL C 444 -42.57 -3.63 11.48
C VAL C 444 -42.04 -3.23 10.09
N VAL C 445 -42.92 -3.16 9.09
CA VAL C 445 -42.56 -2.75 7.73
C VAL C 445 -43.36 -1.51 7.25
N ASP C 446 -42.68 -0.63 6.51
CA ASP C 446 -43.27 0.44 5.69
C ASP C 446 -44.35 -0.20 4.81
N SER C 447 -45.56 0.38 4.84
CA SER C 447 -46.79 -0.25 4.30
C SER C 447 -46.81 -0.50 2.79
N SER C 448 -45.94 0.20 2.05
CA SER C 448 -45.76 -0.04 0.60
C SER C 448 -44.95 -1.28 0.18
N LYS C 449 -44.17 -1.88 1.09
CA LYS C 449 -43.25 -3.00 0.74
C LYS C 449 -43.91 -4.30 1.04
N ASP C 450 -43.56 -5.36 0.29
CA ASP C 450 -44.11 -6.71 0.55
C ASP C 450 -43.00 -7.76 0.80
N TYR C 451 -42.22 -7.54 1.85
CA TYR C 451 -41.18 -8.53 2.25
C TYR C 451 -41.84 -9.69 3.00
N VAL C 452 -42.79 -9.33 3.84
CA VAL C 452 -43.73 -10.24 4.48
C VAL C 452 -45.13 -9.84 4.01
N LYS C 453 -45.94 -10.82 3.63
CA LYS C 453 -47.33 -10.57 3.22
C LYS C 453 -48.30 -10.67 4.44
N LYS C 454 -49.37 -9.87 4.44
CA LYS C 454 -50.45 -9.99 5.47
C LYS C 454 -51.11 -11.40 5.48
N ASP C 455 -51.19 -12.04 4.32
CA ASP C 455 -51.68 -13.43 4.18
C ASP C 455 -50.80 -14.56 4.82
N CYS C 456 -49.52 -14.27 5.08
CA CYS C 456 -48.53 -15.27 5.61
C CYS C 456 -48.83 -15.76 7.04
N TYR C 457 -48.93 -17.08 7.21
CA TYR C 457 -49.03 -17.73 8.53
C TYR C 457 -47.63 -18.10 9.11
N GLN C 458 -46.59 -18.09 8.26
CA GLN C 458 -45.20 -18.28 8.71
C GLN C 458 -44.16 -17.70 7.72
N ILE C 459 -42.90 -17.55 8.18
CA ILE C 459 -41.78 -17.17 7.29
C ILE C 459 -41.20 -18.46 6.65
N ASP C 460 -40.65 -18.32 5.43
CA ASP C 460 -39.98 -19.42 4.72
C ASP C 460 -38.46 -19.35 4.94
P PO4 D . 32.85 15.58 7.18
O1 PO4 D . 31.93 15.53 5.95
O2 PO4 D . 32.30 16.53 8.22
O3 PO4 D . 34.23 16.04 6.74
O4 PO4 D . 32.95 14.25 7.87
P PO4 E . 34.36 21.63 4.63
O1 PO4 E . 33.93 22.47 3.42
O2 PO4 E . 34.26 22.49 5.88
O3 PO4 E . 35.77 21.12 4.50
O4 PO4 E . 33.48 20.40 4.75
N NH3 F . 25.91 -14.78 1.12
N NH3 G . 21.25 9.13 14.85
N NH3 H . 22.80 6.41 21.06
N NH3 I . 4.16 11.71 14.32
N NH3 J . 6.81 16.26 9.89
N NH3 K . 4.51 19.69 11.07
N NH3 L . 26.75 -8.80 17.53
N NH3 M . 24.24 -10.10 13.89
P PO4 N . 21.60 -9.94 -38.40
O1 PO4 N . 20.97 -9.09 -39.51
O2 PO4 N . 22.23 -11.17 -39.08
O3 PO4 N . 22.62 -9.03 -37.71
O4 PO4 N . 20.63 -10.53 -37.35
N NH3 O . 23.75 -7.85 -29.10
N NH3 P . 25.86 -5.26 -32.13
N NH3 Q . -2.70 18.08 -15.31
N NH3 R . -5.56 12.97 -25.86
N NH3 S . -3.05 9.34 -26.44
N NH3 T . 2.45 10.43 -32.18
N NH3 U . 9.86 4.25 -35.96
N NH3 V . 16.13 6.92 -36.40
N NH3 W . 2.05 11.15 -22.05
P PO4 X . -10.01 -17.80 32.34
O1 PO4 X . -11.42 -18.39 32.34
O2 PO4 X . -9.69 -17.13 31.01
O3 PO4 X . -9.07 -18.97 32.56
O4 PO4 X . -9.84 -16.86 33.51
P PO4 Y . -12.30 -16.01 37.95
O1 PO4 Y . -13.78 -15.68 38.15
O2 PO4 Y . -12.03 -16.21 36.46
O3 PO4 Y . -11.42 -14.87 38.49
O4 PO4 Y . -12.00 -17.29 38.68
N NH3 Z . -22.59 -28.28 18.85
N NH3 AA . -18.70 -22.56 19.28
N NH3 BA . -23.42 -13.93 16.66
N NH3 CA . -11.87 -39.17 13.24
#